data_7CRE
# 
_entry.id   7CRE 
# 
_audit_conform.dict_name       mmcif_pdbx.dic 
_audit_conform.dict_version    5.380 
_audit_conform.dict_location   http://mmcif.pdb.org/dictionaries/ascii/mmcif_pdbx.dic 
# 
loop_
_database_2.database_id 
_database_2.database_code 
_database_2.pdbx_database_accession 
_database_2.pdbx_DOI 
PDB   7CRE         pdb_00007cre 10.2210/pdb7cre/pdb 
WWPDB D_1300018123 ?            ?                   
# 
_pdbx_database_status.status_code                     REL 
_pdbx_database_status.status_code_sf                  REL 
_pdbx_database_status.status_code_mr                  ? 
_pdbx_database_status.entry_id                        7CRE 
_pdbx_database_status.recvd_initial_deposition_date   2020-08-13 
_pdbx_database_status.SG_entry                        N 
_pdbx_database_status.deposit_site                    PDBJ 
_pdbx_database_status.process_site                    PDBJ 
_pdbx_database_status.status_code_cs                  ? 
_pdbx_database_status.status_code_nmr_data            ? 
_pdbx_database_status.methods_development_category    ? 
_pdbx_database_status.pdb_format_compatible           Y 
# 
loop_
_audit_author.name 
_audit_author.pdbx_ordinal 
_audit_author.identifier_ORCID 
'Yao, J.' 1 ? 
'Sun, Q.' 2 ? 
# 
_citation.abstract                  ? 
_citation.abstract_id_CAS           ? 
_citation.book_id_ISBN              ? 
_citation.book_publisher            ? 
_citation.book_publisher_city       ? 
_citation.book_title                ? 
_citation.coordinate_linkage        ? 
_citation.country                   SZ 
_citation.database_id_Medline       ? 
_citation.details                   ? 
_citation.id                        primary 
_citation.journal_abbrev            'Cell.Mol.Life Sci.' 
_citation.journal_id_ASTM           ? 
_citation.journal_id_CSD            ? 
_citation.journal_id_ISSN           1420-9071 
_citation.journal_full              ? 
_citation.journal_issue             ? 
_citation.journal_volume            78 
_citation.language                  ? 
_citation.page_first                7617 
_citation.page_last                 7633 
_citation.title                     
'Nuclear import receptors and hnRNPK mediates nuclear import and stress granule localization of SIRLOIN.' 
_citation.year                      2021 
_citation.database_id_CSD           ? 
_citation.pdbx_database_id_DOI      10.1007/s00018-021-03992-7 
_citation.pdbx_database_id_PubMed   34689235 
_citation.unpublished_flag          ? 
# 
loop_
_citation_author.citation_id 
_citation_author.name 
_citation_author.ordinal 
_citation_author.identifier_ORCID 
primary 'Yao, J.'  1 ?                   
primary 'Tu, Y.'   2 ?                   
primary 'Shen, C.' 3 ?                   
primary 'Zhou, Q.' 4 ?                   
primary 'Xiao, H.' 5 ?                   
primary 'Jia, D.'  6 ?                   
primary 'Sun, Q.'  7 0000-0002-9474-8882 
# 
_cell.angle_alpha                  90.000 
_cell.angle_alpha_esd              ? 
_cell.angle_beta                   90.000 
_cell.angle_beta_esd               ? 
_cell.angle_gamma                  120.000 
_cell.angle_gamma_esd              ? 
_cell.entry_id                     7CRE 
_cell.details                      ? 
_cell.formula_units_Z              ? 
_cell.length_a                     61.611 
_cell.length_a_esd                 ? 
_cell.length_b                     61.611 
_cell.length_b_esd                 ? 
_cell.length_c                     144.544 
_cell.length_c_esd                 ? 
_cell.volume                       ? 
_cell.volume_esd                   ? 
_cell.Z_PDB                        12 
_cell.reciprocal_angle_alpha       ? 
_cell.reciprocal_angle_beta        ? 
_cell.reciprocal_angle_gamma       ? 
_cell.reciprocal_angle_alpha_esd   ? 
_cell.reciprocal_angle_beta_esd    ? 
_cell.reciprocal_angle_gamma_esd   ? 
_cell.reciprocal_length_a          ? 
_cell.reciprocal_length_b          ? 
_cell.reciprocal_length_c          ? 
_cell.reciprocal_length_a_esd      ? 
_cell.reciprocal_length_b_esd      ? 
_cell.reciprocal_length_c_esd      ? 
_cell.pdbx_unique_axis             ? 
# 
_symmetry.entry_id                         7CRE 
_symmetry.cell_setting                     ? 
_symmetry.Int_Tables_number                180 
_symmetry.space_group_name_Hall            ? 
_symmetry.space_group_name_H-M             'P 62 2 2' 
_symmetry.pdbx_full_space_group_name_H-M   ? 
# 
loop_
_entity.id 
_entity.type 
_entity.src_method 
_entity.pdbx_description 
_entity.formula_weight 
_entity.pdbx_number_of_molecules 
_entity.pdbx_ec 
_entity.pdbx_mutation 
_entity.pdbx_fragment 
_entity.details 
1 polymer     man 'Heterogeneous nuclear ribonucleoprotein K' 8205.230 1  ? ? 'KH3 domain' ?                 
2 polymer     syn 'ssDNA fragment'                            4755.082 1  ? ? ?            'SIRLOIN element' 
3 non-polymer syn 'SODIUM ION'                                22.990   1  ? ? ?            ?                 
4 water       nat water                                       18.015   11 ? ? ?            ?                 
# 
loop_
_entity_poly.entity_id 
_entity_poly.type 
_entity_poly.nstd_linkage 
_entity_poly.nstd_monomer 
_entity_poly.pdbx_seq_one_letter_code 
_entity_poly.pdbx_seq_one_letter_code_can 
_entity_poly.pdbx_strand_id 
_entity_poly.pdbx_target_identifier 
1 'polypeptide(L)'        no no DLGGPIITTQVTIPKDLAGSIIGKGGQRIKQIRHESGASIKIDEPLEGSEDRIITITGTQDQIQNAQYLLQNSVKQ 
DLGGPIITTQVTIPKDLAGSIIGKGGQRIKQIRHESGASIKIDEPLEGSEDRIITITGTQDQIQNAQYLLQNSVKQ A ? 
2 polydeoxyribonucleotide no no '(DC)(DT)(DC)(DA)(DG)(DC)(DC)(DT)(DC)(DC)(DC)(DG)(DA)(DC)(DT)(DC)'           CTCAGCCTCCCGACTC C ? 
# 
loop_
_entity_poly_seq.entity_id 
_entity_poly_seq.num 
_entity_poly_seq.mon_id 
_entity_poly_seq.hetero 
1 1  ASP n 
1 2  LEU n 
1 3  GLY n 
1 4  GLY n 
1 5  PRO n 
1 6  ILE n 
1 7  ILE n 
1 8  THR n 
1 9  THR n 
1 10 GLN n 
1 11 VAL n 
1 12 THR n 
1 13 ILE n 
1 14 PRO n 
1 15 LYS n 
1 16 ASP n 
1 17 LEU n 
1 18 ALA n 
1 19 GLY n 
1 20 SER n 
1 21 ILE n 
1 22 ILE n 
1 23 GLY n 
1 24 LYS n 
1 25 GLY n 
1 26 GLY n 
1 27 GLN n 
1 28 ARG n 
1 29 ILE n 
1 30 LYS n 
1 31 GLN n 
1 32 ILE n 
1 33 ARG n 
1 34 HIS n 
1 35 GLU n 
1 36 SER n 
1 37 GLY n 
1 38 ALA n 
1 39 SER n 
1 40 ILE n 
1 41 LYS n 
1 42 ILE n 
1 43 ASP n 
1 44 GLU n 
1 45 PRO n 
1 46 LEU n 
1 47 GLU n 
1 48 GLY n 
1 49 SER n 
1 50 GLU n 
1 51 ASP n 
1 52 ARG n 
1 53 ILE n 
1 54 ILE n 
1 55 THR n 
1 56 ILE n 
1 57 THR n 
1 58 GLY n 
1 59 THR n 
1 60 GLN n 
1 61 ASP n 
1 62 GLN n 
1 63 ILE n 
1 64 GLN n 
1 65 ASN n 
1 66 ALA n 
1 67 GLN n 
1 68 TYR n 
1 69 LEU n 
1 70 LEU n 
1 71 GLN n 
1 72 ASN n 
1 73 SER n 
1 74 VAL n 
1 75 LYS n 
1 76 GLN n 
2 1  DC  n 
2 2  DT  n 
2 3  DC  n 
2 4  DA  n 
2 5  DG  n 
2 6  DC  n 
2 7  DC  n 
2 8  DT  n 
2 9  DC  n 
2 10 DC  n 
2 11 DC  n 
2 12 DG  n 
2 13 DA  n 
2 14 DC  n 
2 15 DT  n 
2 16 DC  n 
# 
_entity_src_gen.entity_id                          1 
_entity_src_gen.pdbx_src_id                        1 
_entity_src_gen.pdbx_alt_source_flag               sample 
_entity_src_gen.pdbx_seq_type                      'Biological sequence' 
_entity_src_gen.pdbx_beg_seq_num                   1 
_entity_src_gen.pdbx_end_seq_num                   76 
_entity_src_gen.gene_src_common_name               Human 
_entity_src_gen.gene_src_genus                     ? 
_entity_src_gen.pdbx_gene_src_gene                 ? 
_entity_src_gen.gene_src_species                   ? 
_entity_src_gen.gene_src_strain                    ? 
_entity_src_gen.gene_src_tissue                    ? 
_entity_src_gen.gene_src_tissue_fraction           ? 
_entity_src_gen.gene_src_details                   ? 
_entity_src_gen.pdbx_gene_src_fragment             ? 
_entity_src_gen.pdbx_gene_src_scientific_name      'Homo sapiens' 
_entity_src_gen.pdbx_gene_src_ncbi_taxonomy_id     9606 
_entity_src_gen.pdbx_gene_src_variant              ? 
_entity_src_gen.pdbx_gene_src_cell_line            ? 
_entity_src_gen.pdbx_gene_src_atcc                 ? 
_entity_src_gen.pdbx_gene_src_organ                ? 
_entity_src_gen.pdbx_gene_src_organelle            ? 
_entity_src_gen.pdbx_gene_src_cell                 ? 
_entity_src_gen.pdbx_gene_src_cellular_location    ? 
_entity_src_gen.host_org_common_name               ? 
_entity_src_gen.pdbx_host_org_scientific_name      'Escherichia coli' 
_entity_src_gen.pdbx_host_org_ncbi_taxonomy_id     562 
_entity_src_gen.host_org_genus                     ? 
_entity_src_gen.pdbx_host_org_gene                 ? 
_entity_src_gen.pdbx_host_org_organ                ? 
_entity_src_gen.host_org_species                   ? 
_entity_src_gen.pdbx_host_org_tissue               ? 
_entity_src_gen.pdbx_host_org_tissue_fraction      ? 
_entity_src_gen.pdbx_host_org_strain               ? 
_entity_src_gen.pdbx_host_org_variant              ? 
_entity_src_gen.pdbx_host_org_cell_line            ? 
_entity_src_gen.pdbx_host_org_atcc                 ? 
_entity_src_gen.pdbx_host_org_culture_collection   ? 
_entity_src_gen.pdbx_host_org_cell                 ? 
_entity_src_gen.pdbx_host_org_organelle            ? 
_entity_src_gen.pdbx_host_org_cellular_location    ? 
_entity_src_gen.pdbx_host_org_vector_type          ? 
_entity_src_gen.pdbx_host_org_vector               ? 
_entity_src_gen.host_org_details                   ? 
_entity_src_gen.expression_system_id               ? 
_entity_src_gen.plasmid_name                       ? 
_entity_src_gen.plasmid_details                    ? 
_entity_src_gen.pdbx_description                   ? 
# 
_pdbx_entity_src_syn.entity_id              2 
_pdbx_entity_src_syn.pdbx_src_id            1 
_pdbx_entity_src_syn.pdbx_alt_source_flag   sample 
_pdbx_entity_src_syn.pdbx_beg_seq_num       1 
_pdbx_entity_src_syn.pdbx_end_seq_num       16 
_pdbx_entity_src_syn.organism_scientific    'synthetic construct' 
_pdbx_entity_src_syn.organism_common_name   ? 
_pdbx_entity_src_syn.ncbi_taxonomy_id       32630 
_pdbx_entity_src_syn.details                ? 
# 
loop_
_struct_ref.id 
_struct_ref.db_name 
_struct_ref.db_code 
_struct_ref.pdbx_db_accession 
_struct_ref.pdbx_db_isoform 
_struct_ref.entity_id 
_struct_ref.pdbx_seq_one_letter_code 
_struct_ref.pdbx_align_begin 
1 UNP B4DUQ1_HUMAN B4DUQ1 ? 1 DLGGPIITTQVTIPKDLAGSIIGKGGQRIKQIRHESGASIKIDEPLEGSEDRIITITGTQDQIQNAQYLLQNSVKQ 358 
2 PDB 7CRE         7CRE   ? 2 ?                                                                            1   
# 
loop_
_struct_ref_seq.align_id 
_struct_ref_seq.ref_id 
_struct_ref_seq.pdbx_PDB_id_code 
_struct_ref_seq.pdbx_strand_id 
_struct_ref_seq.seq_align_beg 
_struct_ref_seq.pdbx_seq_align_beg_ins_code 
_struct_ref_seq.seq_align_end 
_struct_ref_seq.pdbx_seq_align_end_ins_code 
_struct_ref_seq.pdbx_db_accession 
_struct_ref_seq.db_align_beg 
_struct_ref_seq.pdbx_db_align_beg_ins_code 
_struct_ref_seq.db_align_end 
_struct_ref_seq.pdbx_db_align_end_ins_code 
_struct_ref_seq.pdbx_auth_seq_align_beg 
_struct_ref_seq.pdbx_auth_seq_align_end 
1 1 7CRE A 1 ? 76 ? B4DUQ1 358 ? 433 ? 382 457 
2 2 7CRE C 1 ? 16 ? 7CRE   30  ? 45  ? 30  45  
# 
loop_
_chem_comp.id 
_chem_comp.type 
_chem_comp.mon_nstd_flag 
_chem_comp.name 
_chem_comp.pdbx_synonyms 
_chem_comp.formula 
_chem_comp.formula_weight 
ALA 'L-peptide linking' y ALANINE                              ? 'C3 H7 N O2'      89.093  
ARG 'L-peptide linking' y ARGININE                             ? 'C6 H15 N4 O2 1'  175.209 
ASN 'L-peptide linking' y ASPARAGINE                           ? 'C4 H8 N2 O3'     132.118 
ASP 'L-peptide linking' y 'ASPARTIC ACID'                      ? 'C4 H7 N O4'      133.103 
DA  'DNA linking'       y "2'-DEOXYADENOSINE-5'-MONOPHOSPHATE" ? 'C10 H14 N5 O6 P' 331.222 
DC  'DNA linking'       y "2'-DEOXYCYTIDINE-5'-MONOPHOSPHATE"  ? 'C9 H14 N3 O7 P'  307.197 
DG  'DNA linking'       y "2'-DEOXYGUANOSINE-5'-MONOPHOSPHATE" ? 'C10 H14 N5 O7 P' 347.221 
DT  'DNA linking'       y "THYMIDINE-5'-MONOPHOSPHATE"         ? 'C10 H15 N2 O8 P' 322.208 
GLN 'L-peptide linking' y GLUTAMINE                            ? 'C5 H10 N2 O3'    146.144 
GLU 'L-peptide linking' y 'GLUTAMIC ACID'                      ? 'C5 H9 N O4'      147.129 
GLY 'peptide linking'   y GLYCINE                              ? 'C2 H5 N O2'      75.067  
HIS 'L-peptide linking' y HISTIDINE                            ? 'C6 H10 N3 O2 1'  156.162 
HOH non-polymer         . WATER                                ? 'H2 O'            18.015  
ILE 'L-peptide linking' y ISOLEUCINE                           ? 'C6 H13 N O2'     131.173 
LEU 'L-peptide linking' y LEUCINE                              ? 'C6 H13 N O2'     131.173 
LYS 'L-peptide linking' y LYSINE                               ? 'C6 H15 N2 O2 1'  147.195 
NA  non-polymer         . 'SODIUM ION'                         ? 'Na 1'            22.990  
PRO 'L-peptide linking' y PROLINE                              ? 'C5 H9 N O2'      115.130 
SER 'L-peptide linking' y SERINE                               ? 'C3 H7 N O3'      105.093 
THR 'L-peptide linking' y THREONINE                            ? 'C4 H9 N O3'      119.119 
TYR 'L-peptide linking' y TYROSINE                             ? 'C9 H11 N O3'     181.189 
VAL 'L-peptide linking' y VALINE                               ? 'C5 H11 N O2'     117.146 
# 
_exptl.absorpt_coefficient_mu     ? 
_exptl.absorpt_correction_T_max   ? 
_exptl.absorpt_correction_T_min   ? 
_exptl.absorpt_correction_type    ? 
_exptl.absorpt_process_details    ? 
_exptl.entry_id                   7CRE 
_exptl.crystals_number            1 
_exptl.details                    ? 
_exptl.method                     'X-RAY DIFFRACTION' 
_exptl.method_details             ? 
# 
_exptl_crystal.colour                      ? 
_exptl_crystal.density_diffrn              ? 
_exptl_crystal.density_Matthews            3.06 
_exptl_crystal.density_method              ? 
_exptl_crystal.density_percent_sol         59.74 
_exptl_crystal.description                 ? 
_exptl_crystal.F_000                       ? 
_exptl_crystal.id                          1 
_exptl_crystal.preparation                 ? 
_exptl_crystal.size_max                    ? 
_exptl_crystal.size_mid                    ? 
_exptl_crystal.size_min                    ? 
_exptl_crystal.size_rad                    ? 
_exptl_crystal.colour_lustre               ? 
_exptl_crystal.colour_modifier             ? 
_exptl_crystal.colour_primary              ? 
_exptl_crystal.density_meas                ? 
_exptl_crystal.density_meas_esd            ? 
_exptl_crystal.density_meas_gt             ? 
_exptl_crystal.density_meas_lt             ? 
_exptl_crystal.density_meas_temp           ? 
_exptl_crystal.density_meas_temp_esd       ? 
_exptl_crystal.density_meas_temp_gt        ? 
_exptl_crystal.density_meas_temp_lt        ? 
_exptl_crystal.pdbx_crystal_image_url      ? 
_exptl_crystal.pdbx_crystal_image_format   ? 
_exptl_crystal.pdbx_mosaicity              ? 
_exptl_crystal.pdbx_mosaicity_esd          ? 
# 
_exptl_crystal_grow.apparatus       ? 
_exptl_crystal_grow.atmosphere      ? 
_exptl_crystal_grow.crystal_id      1 
_exptl_crystal_grow.details         ? 
_exptl_crystal_grow.method          'VAPOR DIFFUSION, HANGING DROP' 
_exptl_crystal_grow.method_ref      ? 
_exptl_crystal_grow.pH              5.5 
_exptl_crystal_grow.pressure        ? 
_exptl_crystal_grow.pressure_esd    ? 
_exptl_crystal_grow.seeding         ? 
_exptl_crystal_grow.seeding_ref     ? 
_exptl_crystal_grow.temp            293 
_exptl_crystal_grow.temp_details    ? 
_exptl_crystal_grow.temp_esd        ? 
_exptl_crystal_grow.time            ? 
_exptl_crystal_grow.pdbx_details    '25 % w/v Polyethylene glycol 3350, 100 mM BIS-TRIS pH 5.5, 200 mM Ammonium acetate' 
_exptl_crystal_grow.pdbx_pH_range   ? 
# 
_diffrn.ambient_environment              ? 
_diffrn.ambient_temp                     100 
_diffrn.ambient_temp_details             ? 
_diffrn.ambient_temp_esd                 ? 
_diffrn.crystal_id                       1 
_diffrn.crystal_support                  ? 
_diffrn.crystal_treatment                ? 
_diffrn.details                          ? 
_diffrn.id                               1 
_diffrn.ambient_pressure                 ? 
_diffrn.ambient_pressure_esd             ? 
_diffrn.ambient_pressure_gt              ? 
_diffrn.ambient_pressure_lt              ? 
_diffrn.ambient_temp_gt                  ? 
_diffrn.ambient_temp_lt                  ? 
_diffrn.pdbx_serial_crystal_experiment   N 
# 
_diffrn_detector.details                      ? 
_diffrn_detector.detector                     CCD 
_diffrn_detector.diffrn_id                    1 
_diffrn_detector.type                         'MARMOSAIC 325 mm CCD' 
_diffrn_detector.area_resol_mean              ? 
_diffrn_detector.dtime                        ? 
_diffrn_detector.pdbx_frames_total            ? 
_diffrn_detector.pdbx_collection_time_total   ? 
_diffrn_detector.pdbx_collection_date         2019-05-06 
_diffrn_detector.pdbx_frequency               ? 
# 
_diffrn_radiation.collimation                      ? 
_diffrn_radiation.diffrn_id                        1 
_diffrn_radiation.filter_edge                      ? 
_diffrn_radiation.inhomogeneity                    ? 
_diffrn_radiation.monochromator                    ? 
_diffrn_radiation.polarisn_norm                    ? 
_diffrn_radiation.polarisn_ratio                   ? 
_diffrn_radiation.probe                            ? 
_diffrn_radiation.type                             ? 
_diffrn_radiation.xray_symbol                      ? 
_diffrn_radiation.wavelength_id                    1 
_diffrn_radiation.pdbx_monochromatic_or_laue_m_l   M 
_diffrn_radiation.pdbx_wavelength_list             ? 
_diffrn_radiation.pdbx_wavelength                  ? 
_diffrn_radiation.pdbx_diffrn_protocol             'SINGLE WAVELENGTH' 
_diffrn_radiation.pdbx_analyzer                    ? 
_diffrn_radiation.pdbx_scattering_type             x-ray 
# 
_diffrn_radiation_wavelength.id           1 
_diffrn_radiation_wavelength.wavelength   0.9792 
_diffrn_radiation_wavelength.wt           1.0 
# 
_diffrn_source.current                     ? 
_diffrn_source.details                     ? 
_diffrn_source.diffrn_id                   1 
_diffrn_source.power                       ? 
_diffrn_source.size                        ? 
_diffrn_source.source                      SYNCHROTRON 
_diffrn_source.target                      ? 
_diffrn_source.type                        'SSRF BEAMLINE BL17U1' 
_diffrn_source.voltage                     ? 
_diffrn_source.take-off_angle              ? 
_diffrn_source.pdbx_wavelength_list        0.9792 
_diffrn_source.pdbx_wavelength             ? 
_diffrn_source.pdbx_synchrotron_beamline   BL17U1 
_diffrn_source.pdbx_synchrotron_site       SSRF 
# 
_reflns.B_iso_Wilson_estimate            ? 
_reflns.entry_id                         7CRE 
_reflns.data_reduction_details           ? 
_reflns.data_reduction_method            ? 
_reflns.d_resolution_high                3.000 
_reflns.d_resolution_low                 50.000 
_reflns.details                          ? 
_reflns.limit_h_max                      ? 
_reflns.limit_h_min                      ? 
_reflns.limit_k_max                      ? 
_reflns.limit_k_min                      ? 
_reflns.limit_l_max                      ? 
_reflns.limit_l_min                      ? 
_reflns.number_all                       ? 
_reflns.number_obs                       3670 
_reflns.observed_criterion               ? 
_reflns.observed_criterion_F_max         ? 
_reflns.observed_criterion_F_min         ? 
_reflns.observed_criterion_I_max         ? 
_reflns.observed_criterion_I_min         ? 
_reflns.observed_criterion_sigma_F       ? 
_reflns.observed_criterion_sigma_I       ? 
_reflns.percent_possible_obs             98.800 
_reflns.R_free_details                   ? 
_reflns.Rmerge_F_all                     ? 
_reflns.Rmerge_F_obs                     ? 
_reflns.Friedel_coverage                 ? 
_reflns.number_gt                        ? 
_reflns.threshold_expression             ? 
_reflns.pdbx_redundancy                  11.500 
_reflns.pdbx_Rmerge_I_obs                0.151 
_reflns.pdbx_Rmerge_I_all                ? 
_reflns.pdbx_Rsym_value                  ? 
_reflns.pdbx_netI_over_av_sigmaI         ? 
_reflns.pdbx_netI_over_sigmaI            13.700 
_reflns.pdbx_res_netI_over_av_sigmaI_2   ? 
_reflns.pdbx_res_netI_over_sigmaI_2      ? 
_reflns.pdbx_chi_squared                 1.003 
_reflns.pdbx_scaling_rejects             ? 
_reflns.pdbx_d_res_high_opt              ? 
_reflns.pdbx_d_res_low_opt               ? 
_reflns.pdbx_d_res_opt_method            ? 
_reflns.phase_calculation_details        ? 
_reflns.pdbx_Rrim_I_all                  0.159 
_reflns.pdbx_Rpim_I_all                  0.049 
_reflns.pdbx_d_opt                       ? 
_reflns.pdbx_number_measured_all         42330 
_reflns.pdbx_diffrn_id                   1 
_reflns.pdbx_ordinal                     1 
_reflns.pdbx_CC_half                     ? 
_reflns.pdbx_CC_star                     ? 
_reflns.pdbx_R_split                     ? 
# 
loop_
_reflns_shell.d_res_high 
_reflns_shell.d_res_low 
_reflns_shell.meanI_over_sigI_all 
_reflns_shell.meanI_over_sigI_obs 
_reflns_shell.number_measured_all 
_reflns_shell.number_measured_obs 
_reflns_shell.number_possible 
_reflns_shell.number_unique_all 
_reflns_shell.number_unique_obs 
_reflns_shell.percent_possible_all 
_reflns_shell.percent_possible_obs 
_reflns_shell.Rmerge_F_all 
_reflns_shell.Rmerge_F_obs 
_reflns_shell.Rmerge_I_all 
_reflns_shell.Rmerge_I_obs 
_reflns_shell.meanI_over_sigI_gt 
_reflns_shell.meanI_over_uI_all 
_reflns_shell.meanI_over_uI_gt 
_reflns_shell.number_measured_gt 
_reflns_shell.number_unique_gt 
_reflns_shell.percent_possible_gt 
_reflns_shell.Rmerge_F_gt 
_reflns_shell.Rmerge_I_gt 
_reflns_shell.pdbx_redundancy 
_reflns_shell.pdbx_Rsym_value 
_reflns_shell.pdbx_chi_squared 
_reflns_shell.pdbx_netI_over_sigmaI_all 
_reflns_shell.pdbx_netI_over_sigmaI_obs 
_reflns_shell.pdbx_Rrim_I_all 
_reflns_shell.pdbx_Rpim_I_all 
_reflns_shell.pdbx_rejects 
_reflns_shell.pdbx_ordinal 
_reflns_shell.pdbx_diffrn_id 
_reflns_shell.pdbx_CC_half 
_reflns_shell.pdbx_CC_star 
_reflns_shell.pdbx_R_split 
3.000 3.110  ? ? ? ? ? ? 356 100.000 ? ? ? ? ?     ? ? ? ? ? ? ? ? 11.100 ? 0.765 ? ? ?     0.889 ? 1  1 0.324 ? ? 
3.110 3.230  ? ? ? ? ? ? 355 100.000 ? ? ? ? ?     ? ? ? ? ? ? ? ? 11.900 ? 0.864 ? ? ?     0.308 ? 2  1 0.796 ? ? 
3.230 3.380  ? ? ? ? ? ? 348 100.000 ? ? ? ? 0.545 ? ? ? ? ? ? ? ? 12.100 ? 1.031 ? ? 0.566 0.149 ? 3  1 0.965 ? ? 
3.380 3.560  ? ? ? ? ? ? 357 99.400  ? ? ? ? 0.419 ? ? ? ? ? ? ? ? 12.100 ? 1.041 ? ? 0.436 0.116 ? 4  1 0.962 ? ? 
3.560 3.780  ? ? ? ? ? ? 351 98.900  ? ? ? ? 0.240 ? ? ? ? ? ? ? ? 11.700 ? 1.055 ? ? 0.250 0.067 ? 5  1 0.983 ? ? 
3.780 4.070  ? ? ? ? ? ? 364 99.200  ? ? ? ? 0.193 ? ? ? ? ? ? ? ? 12.000 ? 1.039 ? ? 0.201 0.055 ? 6  1 0.985 ? ? 
4.070 4.480  ? ? ? ? ? ? 366 99.500  ? ? ? ? 0.114 ? ? ? ? ? ? ? ? 11.800 ? 1.071 ? ? 0.119 0.032 ? 7  1 0.994 ? ? 
4.480 5.130  ? ? ? ? ? ? 375 99.200  ? ? ? ? 0.087 ? ? ? ? ? ? ? ? 11.400 ? 1.023 ? ? 0.091 0.027 ? 8  1 0.994 ? ? 
5.130 6.460  ? ? ? ? ? ? 374 98.400  ? ? ? ? 0.093 ? ? ? ? ? ? ? ? 11.600 ? 1.058 ? ? 0.097 0.027 ? 9  1 0.993 ? ? 
6.460 50.000 ? ? ? ? ? ? 424 94.900  ? ? ? ? 0.163 ? ? ? ? ? ? ? ? 9.900  ? 1.066 ? ? 0.172 0.054 ? 10 1 0.979 ? ? 
# 
_refine.aniso_B[1][1]                            -9.4100 
_refine.aniso_B[1][2]                            -4.7100 
_refine.aniso_B[1][3]                            -0.0000 
_refine.aniso_B[2][2]                            -9.4100 
_refine.aniso_B[2][3]                            0.0000 
_refine.aniso_B[3][3]                            30.5400 
_refine.B_iso_max                                457.390 
_refine.B_iso_mean                               142.4910 
_refine.B_iso_min                                76.140 
_refine.correlation_coeff_Fo_to_Fc               0.9500 
_refine.correlation_coeff_Fo_to_Fc_free          0.9510 
_refine.details                                  
'HYDROGENS HAVE BEEN ADDED IN THE RIDING POSITIONS U VALUES      : REFINED INDIVIDUALLY' 
_refine.diff_density_max                         ? 
_refine.diff_density_max_esd                     ? 
_refine.diff_density_min                         ? 
_refine.diff_density_min_esd                     ? 
_refine.diff_density_rms                         ? 
_refine.diff_density_rms_esd                     ? 
_refine.entry_id                                 7CRE 
_refine.pdbx_refine_id                           'X-RAY DIFFRACTION' 
_refine.ls_abs_structure_details                 ? 
_refine.ls_abs_structure_Flack                   ? 
_refine.ls_abs_structure_Flack_esd               ? 
_refine.ls_abs_structure_Rogers                  ? 
_refine.ls_abs_structure_Rogers_esd              ? 
_refine.ls_d_res_high                            3.0000 
_refine.ls_d_res_low                             20.0000 
_refine.ls_extinction_coef                       ? 
_refine.ls_extinction_coef_esd                   ? 
_refine.ls_extinction_expression                 ? 
_refine.ls_extinction_method                     ? 
_refine.ls_goodness_of_fit_all                   ? 
_refine.ls_goodness_of_fit_all_esd               ? 
_refine.ls_goodness_of_fit_obs                   ? 
_refine.ls_goodness_of_fit_obs_esd               ? 
_refine.ls_hydrogen_treatment                    ? 
_refine.ls_matrix_type                           ? 
_refine.ls_number_constraints                    ? 
_refine.ls_number_parameters                     ? 
_refine.ls_number_reflns_all                     ? 
_refine.ls_number_reflns_obs                     3239 
_refine.ls_number_reflns_R_free                  365 
_refine.ls_number_reflns_R_work                  ? 
_refine.ls_number_restraints                     ? 
_refine.ls_percent_reflns_obs                    98.6000 
_refine.ls_percent_reflns_R_free                 10.1000 
_refine.ls_R_factor_all                          ? 
_refine.ls_R_factor_obs                          0.2600 
_refine.ls_R_factor_R_free                       0.2792 
_refine.ls_R_factor_R_free_error                 ? 
_refine.ls_R_factor_R_free_error_details         ? 
_refine.ls_R_factor_R_work                       0.2579 
_refine.ls_R_Fsqd_factor_obs                     ? 
_refine.ls_R_I_factor_obs                        ? 
_refine.ls_redundancy_reflns_all                 ? 
_refine.ls_redundancy_reflns_obs                 ? 
_refine.ls_restrained_S_all                      ? 
_refine.ls_restrained_S_obs                      ? 
_refine.ls_shift_over_esd_max                    ? 
_refine.ls_shift_over_esd_mean                   ? 
_refine.ls_structure_factor_coef                 ? 
_refine.ls_weighting_details                     ? 
_refine.ls_weighting_scheme                      ? 
_refine.ls_wR_factor_all                         ? 
_refine.ls_wR_factor_obs                         ? 
_refine.ls_wR_factor_R_free                      0.2938 
_refine.ls_wR_factor_R_work                      0.2824 
_refine.occupancy_max                            ? 
_refine.occupancy_min                            ? 
_refine.solvent_model_details                    MASK 
_refine.solvent_model_param_bsol                 ? 
_refine.solvent_model_param_ksol                 ? 
_refine.pdbx_R_complete                          ? 
_refine.ls_R_factor_gt                           ? 
_refine.ls_goodness_of_fit_gt                    ? 
_refine.ls_goodness_of_fit_ref                   ? 
_refine.ls_shift_over_su_max                     ? 
_refine.ls_shift_over_su_max_lt                  ? 
_refine.ls_shift_over_su_mean                    ? 
_refine.ls_shift_over_su_mean_lt                 ? 
_refine.pdbx_ls_sigma_I                          ? 
_refine.pdbx_ls_sigma_F                          0.000 
_refine.pdbx_ls_sigma_Fsqd                       ? 
_refine.pdbx_data_cutoff_high_absF               ? 
_refine.pdbx_data_cutoff_high_rms_absF           ? 
_refine.pdbx_data_cutoff_low_absF                ? 
_refine.pdbx_isotropic_thermal_model             ? 
_refine.pdbx_ls_cross_valid_method               THROUGHOUT 
_refine.pdbx_method_to_determine_struct          'MOLECULAR REPLACEMENT' 
_refine.pdbx_starting_model                      1ZZI 
_refine.pdbx_stereochemistry_target_values       'MAXIMUM LIKELIHOOD' 
_refine.pdbx_R_Free_selection_details            RANDOM 
_refine.pdbx_stereochem_target_val_spec_case     ? 
_refine.pdbx_overall_ESU_R                       ? 
_refine.pdbx_overall_ESU_R_Free                  0.4100 
_refine.pdbx_solvent_vdw_probe_radii             1.2000 
_refine.pdbx_solvent_ion_probe_radii             0.8000 
_refine.pdbx_solvent_shrinkage_radii             0.8000 
_refine.pdbx_real_space_R                        ? 
_refine.pdbx_density_correlation                 ? 
_refine.pdbx_pd_number_of_powder_patterns        ? 
_refine.pdbx_pd_number_of_points                 ? 
_refine.pdbx_pd_meas_number_of_points            ? 
_refine.pdbx_pd_proc_ls_prof_R_factor            ? 
_refine.pdbx_pd_proc_ls_prof_wR_factor           ? 
_refine.pdbx_pd_Marquardt_correlation_coeff      ? 
_refine.pdbx_pd_Fsqrd_R_factor                   ? 
_refine.pdbx_pd_ls_matrix_band_width             ? 
_refine.pdbx_overall_phase_error                 ? 
_refine.pdbx_overall_SU_R_free_Cruickshank_DPI   ? 
_refine.pdbx_overall_SU_R_free_Blow_DPI          ? 
_refine.pdbx_overall_SU_R_Blow_DPI               ? 
_refine.pdbx_TLS_residual_ADP_flag               ? 
_refine.pdbx_diffrn_id                           1 
_refine.overall_SU_B                             95.1110 
_refine.overall_SU_ML                            0.6240 
_refine.overall_SU_R_Cruickshank_DPI             ? 
_refine.overall_SU_R_free                        0.4102 
_refine.overall_FOM_free_R_set                   ? 
_refine.overall_FOM_work_R_set                   0.5831 
_refine.pdbx_average_fsc_overall                 ? 
_refine.pdbx_average_fsc_work                    ? 
_refine.pdbx_average_fsc_free                    ? 
# 
_refine_hist.pdbx_refine_id                   'X-RAY DIFFRACTION' 
_refine_hist.cycle_id                         final 
_refine_hist.details                          ? 
_refine_hist.d_res_high                       3.0000 
_refine_hist.d_res_low                        20.0000 
_refine_hist.number_atoms_solvent             11 
_refine_hist.number_atoms_total               717 
_refine_hist.number_reflns_all                ? 
_refine_hist.number_reflns_obs                ? 
_refine_hist.number_reflns_R_free             ? 
_refine_hist.number_reflns_R_work             ? 
_refine_hist.R_factor_all                     ? 
_refine_hist.R_factor_obs                     ? 
_refine_hist.R_factor_R_free                  ? 
_refine_hist.R_factor_R_work                  ? 
_refine_hist.pdbx_number_residues_total       80 
_refine_hist.pdbx_B_iso_mean_ligand           107.89 
_refine_hist.pdbx_B_iso_mean_solvent          175.78 
_refine_hist.pdbx_number_atoms_protein        546 
_refine_hist.pdbx_number_atoms_nucleic_acid   159 
_refine_hist.pdbx_number_atoms_ligand         1 
_refine_hist.pdbx_number_atoms_lipid          ? 
_refine_hist.pdbx_number_atoms_carb           ? 
_refine_hist.pdbx_pseudo_atom_details         ? 
# 
loop_
_refine_ls_restr.pdbx_refine_id 
_refine_ls_restr.criterion 
_refine_ls_restr.dev_ideal 
_refine_ls_restr.dev_ideal_target 
_refine_ls_restr.number 
_refine_ls_restr.rejects 
_refine_ls_restr.type 
_refine_ls_restr.weight 
_refine_ls_restr.pdbx_restraint_function 
'X-RAY DIFFRACTION' ? 0.004  0.012  726  ? r_bond_refined_d       ? ? 
'X-RAY DIFFRACTION' ? 0.027  0.018  627  ? r_bond_other_d         ? ? 
'X-RAY DIFFRACTION' ? 1.156  1.528  1009 ? r_angle_refined_deg    ? ? 
'X-RAY DIFFRACTION' ? 1.992  1.789  1471 ? r_angle_other_deg      ? ? 
'X-RAY DIFFRACTION' ? 7.553  5.000  71   ? r_dihedral_angle_1_deg ? ? 
'X-RAY DIFFRACTION' ? 36.540 24.615 26   ? r_dihedral_angle_2_deg ? ? 
'X-RAY DIFFRACTION' ? 18.431 15.000 108  ? r_dihedral_angle_3_deg ? ? 
'X-RAY DIFFRACTION' ? 9.805  15.000 3    ? r_dihedral_angle_4_deg ? ? 
'X-RAY DIFFRACTION' ? 0.044  0.200  107  ? r_chiral_restr         ? ? 
'X-RAY DIFFRACTION' ? 0.003  0.020  695  ? r_gen_planes_refined   ? ? 
'X-RAY DIFFRACTION' ? 0.002  0.020  129  ? r_gen_planes_other     ? ? 
'X-RAY DIFFRACTION' ? 17.827 3.000  724  ? r_rigid_bond_restr     ? ? 
# 
_refine_ls_shell.pdbx_refine_id                   'X-RAY DIFFRACTION' 
_refine_ls_shell.d_res_high                       3.0000 
_refine_ls_shell.d_res_low                        3.1580 
_refine_ls_shell.number_reflns_all                503 
_refine_ls_shell.number_reflns_obs                ? 
_refine_ls_shell.number_reflns_R_free             57 
_refine_ls_shell.number_reflns_R_work             446 
_refine_ls_shell.percent_reflns_obs               100.0000 
_refine_ls_shell.percent_reflns_R_free            ? 
_refine_ls_shell.R_factor_all                     ? 
_refine_ls_shell.R_factor_obs                     ? 
_refine_ls_shell.R_factor_R_free                  0.3980 
_refine_ls_shell.R_factor_R_free_error            0.0000 
_refine_ls_shell.R_factor_R_work                  0.4100 
_refine_ls_shell.redundancy_reflns_all            ? 
_refine_ls_shell.redundancy_reflns_obs            ? 
_refine_ls_shell.wR_factor_all                    ? 
_refine_ls_shell.wR_factor_obs                    ? 
_refine_ls_shell.wR_factor_R_free                 ? 
_refine_ls_shell.wR_factor_R_work                 ? 
_refine_ls_shell.pdbx_R_complete                  ? 
_refine_ls_shell.pdbx_total_number_of_bins_used   10 
_refine_ls_shell.pdbx_phase_error                 ? 
_refine_ls_shell.pdbx_fsc_work                    ? 
_refine_ls_shell.pdbx_fsc_free                    ? 
# 
_struct.entry_id                     7CRE 
_struct.title                        'hnRNPK KH3 domain in complex with a ssDNA fragment from the SIRLOIN element' 
_struct.pdbx_model_details           ? 
_struct.pdbx_formula_weight          ? 
_struct.pdbx_formula_weight_method   ? 
_struct.pdbx_model_type_details      ? 
_struct.pdbx_CASP_flag               N 
# 
_struct_keywords.entry_id        7CRE 
_struct_keywords.text            'SRILOIN, hnRNPK, KH3, complex, DNA BINDING PROTEIN, DNA BINDING PROTEIN-DNA complex' 
_struct_keywords.pdbx_keywords   'DNA BINDING PROTEIN/DNA' 
# 
loop_
_struct_asym.id 
_struct_asym.pdbx_blank_PDB_chainid_flag 
_struct_asym.pdbx_modified 
_struct_asym.entity_id 
_struct_asym.details 
A N N 1 ? 
B N N 2 ? 
C N N 3 ? 
D N N 4 ? 
E N N 4 ? 
# 
loop_
_struct_conf.conf_type_id 
_struct_conf.id 
_struct_conf.pdbx_PDB_helix_id 
_struct_conf.beg_label_comp_id 
_struct_conf.beg_label_asym_id 
_struct_conf.beg_label_seq_id 
_struct_conf.pdbx_beg_PDB_ins_code 
_struct_conf.end_label_comp_id 
_struct_conf.end_label_asym_id 
_struct_conf.end_label_seq_id 
_struct_conf.pdbx_end_PDB_ins_code 
_struct_conf.beg_auth_comp_id 
_struct_conf.beg_auth_asym_id 
_struct_conf.beg_auth_seq_id 
_struct_conf.end_auth_comp_id 
_struct_conf.end_auth_asym_id 
_struct_conf.end_auth_seq_id 
_struct_conf.pdbx_PDB_helix_class 
_struct_conf.details 
_struct_conf.pdbx_PDB_helix_length 
HELX_P HELX_P1 AA1 LEU A 17 ? GLY A 23 ? LEU A 398 GLY A 404 1 ? 7  
HELX_P HELX_P2 AA2 GLY A 26 ? GLY A 37 ? GLY A 407 GLY A 418 1 ? 12 
HELX_P HELX_P3 AA3 THR A 59 ? LEU A 70 ? THR A 440 LEU A 451 1 ? 12 
# 
_struct_conf_type.id          HELX_P 
_struct_conf_type.criteria    ? 
_struct_conf_type.reference   ? 
# 
loop_
_struct_conn.id 
_struct_conn.conn_type_id 
_struct_conn.pdbx_leaving_atom_flag 
_struct_conn.pdbx_PDB_id 
_struct_conn.ptnr1_label_asym_id 
_struct_conn.ptnr1_label_comp_id 
_struct_conn.ptnr1_label_seq_id 
_struct_conn.ptnr1_label_atom_id 
_struct_conn.pdbx_ptnr1_label_alt_id 
_struct_conn.pdbx_ptnr1_PDB_ins_code 
_struct_conn.pdbx_ptnr1_standard_comp_id 
_struct_conn.ptnr1_symmetry 
_struct_conn.ptnr2_label_asym_id 
_struct_conn.ptnr2_label_comp_id 
_struct_conn.ptnr2_label_seq_id 
_struct_conn.ptnr2_label_atom_id 
_struct_conn.pdbx_ptnr2_label_alt_id 
_struct_conn.pdbx_ptnr2_PDB_ins_code 
_struct_conn.ptnr1_auth_asym_id 
_struct_conn.ptnr1_auth_comp_id 
_struct_conn.ptnr1_auth_seq_id 
_struct_conn.ptnr2_auth_asym_id 
_struct_conn.ptnr2_auth_comp_id 
_struct_conn.ptnr2_auth_seq_id 
_struct_conn.ptnr2_symmetry 
_struct_conn.pdbx_ptnr3_label_atom_id 
_struct_conn.pdbx_ptnr3_label_seq_id 
_struct_conn.pdbx_ptnr3_label_comp_id 
_struct_conn.pdbx_ptnr3_label_asym_id 
_struct_conn.pdbx_ptnr3_label_alt_id 
_struct_conn.pdbx_ptnr3_PDB_ins_code 
_struct_conn.details 
_struct_conn.pdbx_dist_value 
_struct_conn.pdbx_value_order 
_struct_conn.pdbx_role 
hydrog1  hydrog ? ? B DT 2 N3 ? ? ? 1_555 B DC 6 N3 ? ? C DT 31 C DC 35 11_455 ? ? ? ? ? ? TYPE_18_PAIR ? ? ? 
hydrog2  hydrog ? ? B DT 2 O4 ? ? ? 1_555 B DC 6 N4 ? ? C DT 31 C DC 35 11_455 ? ? ? ? ? ? TYPE_18_PAIR ? ? ? 
hydrog3  hydrog ? ? B DC 3 N3 ? ? ? 1_555 B DG 5 N1 ? ? C DC 32 C DG 34 11_455 ? ? ? ? ? ? WATSON-CRICK ? ? ? 
hydrog4  hydrog ? ? B DC 3 N4 ? ? ? 1_555 B DG 5 O6 ? ? C DC 32 C DG 34 11_455 ? ? ? ? ? ? WATSON-CRICK ? ? ? 
hydrog5  hydrog ? ? B DC 3 O2 ? ? ? 1_555 B DG 5 N2 ? ? C DC 32 C DG 34 11_455 ? ? ? ? ? ? WATSON-CRICK ? ? ? 
hydrog6  hydrog ? ? B DA 4 N1 ? ? ? 1_555 B DA 4 N6 ? ? C DA 33 C DA 33 11_455 ? ? ? ? ? ? TYPE_1_PAIR  ? ? ? 
hydrog7  hydrog ? ? B DA 4 N6 ? ? ? 1_555 B DA 4 N1 ? ? C DA 33 C DA 33 11_455 ? ? ? ? ? ? TYPE_1_PAIR  ? ? ? 
hydrog8  hydrog ? ? B DG 5 N1 ? ? ? 1_555 B DC 3 N3 ? ? C DG 34 C DC 32 11_455 ? ? ? ? ? ? WATSON-CRICK ? ? ? 
hydrog9  hydrog ? ? B DG 5 N2 ? ? ? 1_555 B DC 3 O2 ? ? C DG 34 C DC 32 11_455 ? ? ? ? ? ? WATSON-CRICK ? ? ? 
hydrog10 hydrog ? ? B DG 5 O6 ? ? ? 1_555 B DC 3 N4 ? ? C DG 34 C DC 32 11_455 ? ? ? ? ? ? WATSON-CRICK ? ? ? 
hydrog11 hydrog ? ? B DC 6 N3 ? ? ? 1_555 B DT 2 N3 ? ? C DC 35 C DT 31 11_455 ? ? ? ? ? ? TYPE_18_PAIR ? ? ? 
hydrog12 hydrog ? ? B DC 6 N4 ? ? ? 1_555 B DT 2 O4 ? ? C DC 35 C DT 31 11_455 ? ? ? ? ? ? TYPE_18_PAIR ? ? ? 
# 
_struct_conn_type.id          hydrog 
_struct_conn_type.criteria    ? 
_struct_conn_type.reference   ? 
# 
_struct_sheet.id               AA1 
_struct_sheet.type             ? 
_struct_sheet.number_strands   2 
_struct_sheet.details          ? 
# 
_struct_sheet_order.sheet_id     AA1 
_struct_sheet_order.range_id_1   1 
_struct_sheet_order.range_id_2   2 
_struct_sheet_order.offset       ? 
_struct_sheet_order.sense        anti-parallel 
# 
loop_
_struct_sheet_range.sheet_id 
_struct_sheet_range.id 
_struct_sheet_range.beg_label_comp_id 
_struct_sheet_range.beg_label_asym_id 
_struct_sheet_range.beg_label_seq_id 
_struct_sheet_range.pdbx_beg_PDB_ins_code 
_struct_sheet_range.end_label_comp_id 
_struct_sheet_range.end_label_asym_id 
_struct_sheet_range.end_label_seq_id 
_struct_sheet_range.pdbx_end_PDB_ins_code 
_struct_sheet_range.beg_auth_comp_id 
_struct_sheet_range.beg_auth_asym_id 
_struct_sheet_range.beg_auth_seq_id 
_struct_sheet_range.end_auth_comp_id 
_struct_sheet_range.end_auth_asym_id 
_struct_sheet_range.end_auth_seq_id 
AA1 1 VAL A 11 ? PRO A 14 ? VAL A 392 PRO A 395 
AA1 2 ASP A 51 ? ILE A 54 ? ASP A 432 ILE A 435 
# 
_pdbx_struct_sheet_hbond.sheet_id                AA1 
_pdbx_struct_sheet_hbond.range_id_1              1 
_pdbx_struct_sheet_hbond.range_id_2              2 
_pdbx_struct_sheet_hbond.range_1_label_atom_id   N 
_pdbx_struct_sheet_hbond.range_1_label_comp_id   VAL 
_pdbx_struct_sheet_hbond.range_1_label_asym_id   A 
_pdbx_struct_sheet_hbond.range_1_label_seq_id    11 
_pdbx_struct_sheet_hbond.range_1_PDB_ins_code    ? 
_pdbx_struct_sheet_hbond.range_1_auth_atom_id    N 
_pdbx_struct_sheet_hbond.range_1_auth_comp_id    VAL 
_pdbx_struct_sheet_hbond.range_1_auth_asym_id    A 
_pdbx_struct_sheet_hbond.range_1_auth_seq_id     392 
_pdbx_struct_sheet_hbond.range_2_label_atom_id   O 
_pdbx_struct_sheet_hbond.range_2_label_comp_id   ILE 
_pdbx_struct_sheet_hbond.range_2_label_asym_id   A 
_pdbx_struct_sheet_hbond.range_2_label_seq_id    54 
_pdbx_struct_sheet_hbond.range_2_PDB_ins_code    ? 
_pdbx_struct_sheet_hbond.range_2_auth_atom_id    O 
_pdbx_struct_sheet_hbond.range_2_auth_comp_id    ILE 
_pdbx_struct_sheet_hbond.range_2_auth_asym_id    A 
_pdbx_struct_sheet_hbond.range_2_auth_seq_id     435 
# 
_atom_sites.entry_id                    7CRE 
_atom_sites.Cartn_transf_matrix[1][1]   ? 
_atom_sites.Cartn_transf_matrix[1][2]   ? 
_atom_sites.Cartn_transf_matrix[1][3]   ? 
_atom_sites.Cartn_transf_matrix[2][1]   ? 
_atom_sites.Cartn_transf_matrix[2][2]   ? 
_atom_sites.Cartn_transf_matrix[2][3]   ? 
_atom_sites.Cartn_transf_matrix[3][1]   ? 
_atom_sites.Cartn_transf_matrix[3][2]   ? 
_atom_sites.Cartn_transf_matrix[3][3]   ? 
_atom_sites.Cartn_transf_vector[1]      ? 
_atom_sites.Cartn_transf_vector[2]      ? 
_atom_sites.Cartn_transf_vector[3]      ? 
_atom_sites.fract_transf_matrix[1][1]   -0.00095101 
_atom_sites.fract_transf_matrix[1][2]   -0.00617664 
_atom_sites.fract_transf_matrix[1][3]   -0.01766934 
_atom_sites.fract_transf_matrix[2][1]   -0.01452402 
_atom_sites.fract_transf_matrix[2][2]   0.00479152 
_atom_sites.fract_transf_matrix[2][3]   -0.01083313 
_atom_sites.fract_transf_matrix[3][1]   0.00344705 
_atom_sites.fract_transf_matrix[3][2]   0.00560186 
_atom_sites.fract_transf_matrix[3][3]   -0.00214376 
_atom_sites.fract_transf_vector[1]      -0.122590 
_atom_sites.fract_transf_vector[2]      0.251324 
_atom_sites.fract_transf_vector[3]      0.096740 
_atom_sites.solution_primary            ? 
_atom_sites.solution_secondary          ? 
_atom_sites.solution_hydrogens          ? 
_atom_sites.special_details             ? 
# 
loop_
_atom_type.symbol 
C  
N  
NA 
O  
P  
# 
loop_
_atom_site.group_PDB 
_atom_site.id 
_atom_site.type_symbol 
_atom_site.label_atom_id 
_atom_site.label_alt_id 
_atom_site.label_comp_id 
_atom_site.label_asym_id 
_atom_site.label_entity_id 
_atom_site.label_seq_id 
_atom_site.pdbx_PDB_ins_code 
_atom_site.Cartn_x 
_atom_site.Cartn_y 
_atom_site.Cartn_z 
_atom_site.occupancy 
_atom_site.B_iso_or_equiv 
_atom_site.pdbx_formal_charge 
_atom_site.auth_seq_id 
_atom_site.auth_comp_id 
_atom_site.auth_asym_id 
_atom_site.auth_atom_id 
_atom_site.pdbx_PDB_model_num 
ATOM   1   N  N     . GLY A 1 4  ? -1.471  -3.072  -19.244 1.00 146.49 ? 385 GLY A N     1 
ATOM   2   C  CA    . GLY A 1 4  ? -0.638  -3.826  -20.215 1.00 147.01 ? 385 GLY A CA    1 
ATOM   3   C  C     . GLY A 1 4  ? 0.817   -3.903  -19.764 1.00 148.61 ? 385 GLY A C     1 
ATOM   4   O  O     . GLY A 1 4  ? 1.266   -4.980  -19.376 1.00 151.29 ? 385 GLY A O     1 
ATOM   5   N  N     . PRO A 1 5  ? 1.580   -2.783  -19.785 1.00 165.53 ? 386 PRO A N     1 
ATOM   6   C  CA    . PRO A 1 5  ? 2.986   -2.796  -19.386 1.00 141.55 ? 386 PRO A CA    1 
ATOM   7   C  C     . PRO A 1 5  ? 3.141   -2.714  -17.858 1.00 148.20 ? 386 PRO A C     1 
ATOM   8   O  O     . PRO A 1 5  ? 2.347   -2.050  -17.223 1.00 146.55 ? 386 PRO A O     1 
ATOM   9   C  CB    . PRO A 1 5  ? 3.554   -1.546  -20.073 1.00 138.98 ? 386 PRO A CB    1 
ATOM   10  C  CG    . PRO A 1 5  ? 2.381   -0.576  -20.082 1.00 150.43 ? 386 PRO A CG    1 
ATOM   11  C  CD    . PRO A 1 5  ? 1.132   -1.439  -20.189 1.00 149.35 ? 386 PRO A CD    1 
ATOM   12  N  N     . ILE A 1 6  ? 4.160   -3.391  -17.320 1.00 128.09 ? 387 ILE A N     1 
ATOM   13  C  CA    . ILE A 1 6  ? 4.390   -3.596  -15.859 1.00 138.15 ? 387 ILE A CA    1 
ATOM   14  C  C     . ILE A 1 6  ? 5.281   -2.468  -15.326 1.00 133.65 ? 387 ILE A C     1 
ATOM   15  O  O     . ILE A 1 6  ? 6.476   -2.444  -15.684 1.00 154.70 ? 387 ILE A O     1 
ATOM   16  C  CB    . ILE A 1 6  ? 5.009   -4.984  -15.633 1.00 154.69 ? 387 ILE A CB    1 
ATOM   17  C  CG1   . ILE A 1 6  ? 4.137   -6.080  -16.259 1.00 171.09 ? 387 ILE A CG1   1 
ATOM   18  C  CG2   . ILE A 1 6  ? 5.254   -5.228  -14.151 1.00 149.61 ? 387 ILE A CG2   1 
ATOM   19  C  CD1   . ILE A 1 6  ? 4.862   -6.951  -17.261 1.00 192.64 ? 387 ILE A CD1   1 
ATOM   20  N  N     . ILE A 1 7  ? 4.716   -1.580  -14.500 1.00 126.71 ? 388 ILE A N     1 
ATOM   21  C  CA    . ILE A 1 7  ? 5.358   -0.301  -14.061 1.00 117.37 ? 388 ILE A CA    1 
ATOM   22  C  C     . ILE A 1 7  ? 5.342   -0.233  -12.525 1.00 112.51 ? 388 ILE A C     1 
ATOM   23  O  O     . ILE A 1 7  ? 5.316   -1.309  -11.902 1.00 113.49 ? 388 ILE A O     1 
ATOM   24  C  CB    . ILE A 1 7  ? 4.660   0.894   -14.742 1.00 114.64 ? 388 ILE A CB    1 
ATOM   25  C  CG1   . ILE A 1 7  ? 3.197   1.027   -14.318 1.00 133.05 ? 388 ILE A CG1   1 
ATOM   26  C  CG2   . ILE A 1 7  ? 4.790   0.785   -16.254 1.00 122.43 ? 388 ILE A CG2   1 
ATOM   27  C  CD1   . ILE A 1 7  ? 2.525   2.286   -14.831 1.00 139.54 ? 388 ILE A CD1   1 
ATOM   28  N  N     . THR A 1 8  ? 5.365   0.970   -11.941 1.00 113.85 ? 389 THR A N     1 
ATOM   29  C  CA    . THR A 1 8  ? 5.603   1.218   -10.492 1.00 116.28 ? 389 THR A CA    1 
ATOM   30  C  C     . THR A 1 8  ? 5.036   2.582   -10.086 1.00 109.11 ? 389 THR A C     1 
ATOM   31  O  O     . THR A 1 8  ? 4.941   3.473   -10.950 1.00 125.32 ? 389 THR A O     1 
ATOM   32  C  CB    . THR A 1 8  ? 7.104   1.155   -10.177 1.00 113.60 ? 389 THR A CB    1 
ATOM   33  O  OG1   . THR A 1 8  ? 7.476   -0.221  -10.105 1.00 130.64 ? 389 THR A OG1   1 
ATOM   34  C  CG2   . THR A 1 8  ? 7.494   1.842   -8.887  1.00 119.43 ? 389 THR A CG2   1 
ATOM   35  N  N     . THR A 1 9  ? 4.689   2.727   -8.808  1.00 97.97  ? 390 THR A N     1 
ATOM   36  C  CA    . THR A 1 9  ? 4.337   4.017   -8.155  1.00 110.86 ? 390 THR A CA    1 
ATOM   37  C  C     . THR A 1 9  ? 4.759   3.959   -6.684  1.00 100.56 ? 390 THR A C     1 
ATOM   38  O  O     . THR A 1 9  ? 4.953   2.852   -6.168  1.00 107.21 ? 390 THR A O     1 
ATOM   39  C  CB    . THR A 1 9  ? 2.843   4.326   -8.279  1.00 112.16 ? 390 THR A CB    1 
ATOM   40  O  OG1   . THR A 1 9  ? 2.400   3.881   -9.562  1.00 122.07 ? 390 THR A OG1   1 
ATOM   41  C  CG2   . THR A 1 9  ? 2.526   5.798   -8.108  1.00 112.74 ? 390 THR A CG2   1 
ATOM   42  N  N     . GLN A 1 10 ? 4.926   5.118   -6.057  1.00 106.48 ? 391 GLN A N     1 
ATOM   43  C  CA    . GLN A 1 10 ? 5.230   5.255   -4.615  1.00 106.25 ? 391 GLN A CA    1 
ATOM   44  C  C     . GLN A 1 10 ? 4.325   6.337   -4.030  1.00 117.81 ? 391 GLN A C     1 
ATOM   45  O  O     . GLN A 1 10 ? 4.420   7.493   -4.498  1.00 131.76 ? 391 GLN A O     1 
ATOM   46  C  CB    . GLN A 1 10 ? 6.697   5.623   -4.404  1.00 104.43 ? 391 GLN A CB    1 
ATOM   47  C  CG    . GLN A 1 10 ? 7.663   4.544   -4.859  1.00 108.35 ? 391 GLN A CG    1 
ATOM   48  C  CD    . GLN A 1 10 ? 9.018   4.700   -4.218  1.00 112.45 ? 391 GLN A CD    1 
ATOM   49  O  OE1   . GLN A 1 10 ? 9.437   5.800   -3.887  1.00 120.02 ? 391 GLN A OE1   1 
ATOM   50  N  NE2   . GLN A 1 10 ? 9.724   3.599   -4.053  1.00 115.28 ? 391 GLN A NE2   1 
ATOM   51  N  N     . VAL A 1 11 ? 3.459   5.966   -3.085  1.00 107.17 ? 392 VAL A N     1 
ATOM   52  C  CA    . VAL A 1 11 ? 2.641   6.924   -2.285  1.00 114.47 ? 392 VAL A CA    1 
ATOM   53  C  C     . VAL A 1 11 ? 3.276   7.064   -0.898  1.00 120.12 ? 392 VAL A C     1 
ATOM   54  O  O     . VAL A 1 11 ? 4.197   6.287   -0.589  1.00 129.18 ? 392 VAL A O     1 
ATOM   55  C  CB    . VAL A 1 11 ? 1.172   6.482   -2.188  1.00 101.28 ? 392 VAL A CB    1 
ATOM   56  C  CG1   . VAL A 1 11 ? 0.622   6.047   -3.541  1.00 120.25 ? 392 VAL A CG1   1 
ATOM   57  C  CG2   . VAL A 1 11 ? 0.964   5.388   -1.152  1.00 112.10 ? 392 VAL A CG2   1 
ATOM   58  N  N     . THR A 1 12 ? 2.796   8.027   -0.107  1.00 120.35 ? 393 THR A N     1 
ATOM   59  C  CA    . THR A 1 12 ? 3.260   8.322   1.273   1.00 132.35 ? 393 THR A CA    1 
ATOM   60  C  C     . THR A 1 12 ? 2.045   8.567   2.171   1.00 125.75 ? 393 THR A C     1 
ATOM   61  O  O     . THR A 1 12 ? 1.219   9.432   1.816   1.00 156.89 ? 393 THR A O     1 
ATOM   62  C  CB    . THR A 1 12 ? 4.201   9.533   1.332   1.00 136.30 ? 393 THR A CB    1 
ATOM   63  O  OG1   . THR A 1 12 ? 3.969   10.360  0.188   1.00 163.10 ? 393 THR A OG1   1 
ATOM   64  C  CG2   . THR A 1 12 ? 5.661   9.137   1.392   1.00 145.97 ? 393 THR A CG2   1 
ATOM   65  N  N     . ILE A 1 13 ? 1.954   7.827   3.279   1.00 136.19 ? 394 ILE A N     1 
ATOM   66  C  CA    . ILE A 1 13 ? 0.954   8.033   4.368   1.00 141.38 ? 394 ILE A CA    1 
ATOM   67  C  C     . ILE A 1 13 ? 1.714   8.177   5.683   1.00 157.71 ? 394 ILE A C     1 
ATOM   68  O  O     . ILE A 1 13 ? 2.826   7.668   5.811   1.00 138.01 ? 394 ILE A O     1 
ATOM   69  C  CB    . ILE A 1 13 ? -0.107  6.906   4.423   1.00 144.54 ? 394 ILE A CB    1 
ATOM   70  C  CG1   . ILE A 1 13 ? 0.426   5.551   3.953   1.00 136.55 ? 394 ILE A CG1   1 
ATOM   71  C  CG2   . ILE A 1 13 ? -1.347  7.303   3.635   1.00 134.71 ? 394 ILE A CG2   1 
ATOM   72  C  CD1   . ILE A 1 13 ? 1.367   4.877   4.924   1.00 148.52 ? 394 ILE A CD1   1 
ATOM   73  N  N     . PRO A 1 14 ? 1.161   8.905   6.681   1.00 165.33 ? 395 PRO A N     1 
ATOM   74  C  CA    . PRO A 1 14 ? 1.773   9.000   8.006   1.00 161.69 ? 395 PRO A CA    1 
ATOM   75  C  C     . PRO A 1 14 ? 2.055   7.632   8.648   1.00 170.57 ? 395 PRO A C     1 
ATOM   76  O  O     . PRO A 1 14 ? 1.297   6.703   8.409   1.00 172.47 ? 395 PRO A O     1 
ATOM   77  C  CB    . PRO A 1 14 ? 0.734   9.769   8.833   1.00 155.72 ? 395 PRO A CB    1 
ATOM   78  C  CG    . PRO A 1 14 ? -0.015  10.591  7.806   1.00 145.58 ? 395 PRO A CG    1 
ATOM   79  C  CD    . PRO A 1 14 ? -0.057  9.722   6.568   1.00 157.76 ? 395 PRO A CD    1 
ATOM   80  N  N     . LYS A 1 15 ? 3.122   7.557   9.452   1.00 188.75 ? 396 LYS A N     1 
ATOM   81  C  CA    . LYS A 1 15 ? 3.642   6.308   10.074  1.00 171.04 ? 396 LYS A CA    1 
ATOM   82  C  C     . LYS A 1 15 ? 2.611   5.739   11.053  1.00 188.10 ? 396 LYS A C     1 
ATOM   83  O  O     . LYS A 1 15 ? 2.692   4.535   11.357  1.00 205.97 ? 396 LYS A O     1 
ATOM   84  C  CB    . LYS A 1 15 ? 4.975   6.569   10.784  1.00 181.19 ? 396 LYS A CB    1 
ATOM   85  C  CG    . LYS A 1 15 ? 4.862   7.125   12.194  1.00 170.01 ? 396 LYS A CG    1 
ATOM   86  C  CD    . LYS A 1 15 ? 6.051   7.940   12.644  1.00 162.19 ? 396 LYS A CD    1 
ATOM   87  C  CE    . LYS A 1 15 ? 5.872   8.470   14.047  1.00 151.73 ? 396 LYS A CE    1 
ATOM   88  N  NZ    . LYS A 1 15 ? 6.919   9.438   14.409  1.00 166.24 ? 396 LYS A NZ    1 
ATOM   89  N  N     . ASP A 1 16 ? 1.696   6.585   11.540  1.00 182.00 ? 397 ASP A N     1 
ATOM   90  C  CA    . ASP A 1 16 ? 0.641   6.212   12.520  1.00 186.79 ? 397 ASP A CA    1 
ATOM   91  C  C     . ASP A 1 16 ? -0.694  5.993   11.791  1.00 170.86 ? 397 ASP A C     1 
ATOM   92  O  O     . ASP A 1 16 ? -1.749  6.087   12.457  1.00 214.09 ? 397 ASP A O     1 
ATOM   93  C  CB    . ASP A 1 16 ? 0.552   7.268   13.621  1.00 207.72 ? 397 ASP A CB    1 
ATOM   94  C  CG    . ASP A 1 16 ? 1.890   7.549   14.288  1.00 232.26 ? 397 ASP A CG    1 
ATOM   95  O  OD1   . ASP A 1 16 ? 2.704   6.602   14.399  1.00 208.21 ? 397 ASP A OD1   1 
ATOM   96  O  OD2   . ASP A 1 16 ? 2.119   8.714   14.684  1.00 227.29 ? 397 ASP A OD2   1 
ATOM   97  N  N     . LEU A 1 17 ? -0.648  5.732   10.481  1.00 172.15 ? 398 LEU A N     1 
ATOM   98  C  CA    . LEU A 1 17 ? -1.739  5.082   9.707   1.00 168.25 ? 398 LEU A CA    1 
ATOM   99  C  C     . LEU A 1 17 ? -1.263  3.709   9.224   1.00 176.30 ? 398 LEU A C     1 
ATOM   100 O  O     . LEU A 1 17 ? -2.018  3.059   8.472   1.00 170.13 ? 398 LEU A O     1 
ATOM   101 C  CB    . LEU A 1 17 ? -2.135  5.972   8.524   1.00 163.77 ? 398 LEU A CB    1 
ATOM   102 C  CG    . LEU A 1 17 ? -2.979  7.197   8.862   1.00 172.44 ? 398 LEU A CG    1 
ATOM   103 C  CD1   . LEU A 1 17 ? -3.355  7.947   7.592   1.00 185.36 ? 398 LEU A CD1   1 
ATOM   104 C  CD2   . LEU A 1 17 ? -4.228  6.813   9.652   1.00 186.02 ? 398 LEU A CD2   1 
ATOM   105 N  N     . ALA A 1 18 ? -0.066  3.284   9.641   1.00 169.82 ? 399 ALA A N     1 
ATOM   106 C  CA    . ALA A 1 18 ? 0.551   1.991   9.264   1.00 166.98 ? 399 ALA A CA    1 
ATOM   107 C  C     . ALA A 1 18 ? -0.357  0.849   9.726   1.00 160.91 ? 399 ALA A C     1 
ATOM   108 O  O     . ALA A 1 18 ? -0.729  0.013   8.879   1.00 159.28 ? 399 ALA A O     1 
ATOM   109 C  CB    . ALA A 1 18 ? 1.928   1.874   9.866   1.00 179.96 ? 399 ALA A CB    1 
ATOM   110 N  N     . GLY A 1 19 ? -0.709  0.840   11.019  1.00 172.18 ? 400 GLY A N     1 
ATOM   111 C  CA    . GLY A 1 19 ? -1.532  -0.202  11.665  1.00 176.94 ? 400 GLY A CA    1 
ATOM   112 C  C     . GLY A 1 19 ? -2.914  -0.321  11.041  1.00 169.62 ? 400 GLY A C     1 
ATOM   113 O  O     . GLY A 1 19 ? -3.378  -1.458  10.857  1.00 224.81 ? 400 GLY A O     1 
ATOM   114 N  N     . SER A 1 20 ? -3.539  0.817   10.716  1.00 171.28 ? 401 SER A N     1 
ATOM   115 C  CA    . SER A 1 20 ? -4.926  0.915   10.190  1.00 171.27 ? 401 SER A CA    1 
ATOM   116 C  C     . SER A 1 20 ? -5.098  0.054   8.931   1.00 160.13 ? 401 SER A C     1 
ATOM   117 O  O     . SER A 1 20 ? -6.143  -0.617  8.820   1.00 204.33 ? 401 SER A O     1 
ATOM   118 C  CB    . SER A 1 20 ? -5.312  2.351   9.935   1.00 148.29 ? 401 SER A CB    1 
ATOM   119 O  OG    . SER A 1 20 ? -4.468  2.944   8.959   1.00 153.40 ? 401 SER A OG    1 
ATOM   120 N  N     . ILE A 1 21 ? -4.101  0.061   8.040   1.00 172.79 ? 402 ILE A N     1 
ATOM   121 C  CA    . ILE A 1 21 ? -4.194  -0.501  6.658   1.00 165.22 ? 402 ILE A CA    1 
ATOM   122 C  C     . ILE A 1 21 ? -3.400  -1.812  6.532   1.00 165.71 ? 402 ILE A C     1 
ATOM   123 O  O     . ILE A 1 21 ? -3.639  -2.530  5.540   1.00 178.65 ? 402 ILE A O     1 
ATOM   124 C  CB    . ILE A 1 21 ? -3.739  0.542   5.618   1.00 179.99 ? 402 ILE A CB    1 
ATOM   125 C  CG1   . ILE A 1 21 ? -2.292  0.998   5.837   1.00 170.20 ? 402 ILE A CG1   1 
ATOM   126 C  CG2   . ILE A 1 21 ? -4.688  1.730   5.592   1.00 185.93 ? 402 ILE A CG2   1 
ATOM   127 C  CD1   . ILE A 1 21 ? -1.596  1.456   4.577   1.00 191.82 ? 402 ILE A CD1   1 
ATOM   128 N  N     . ILE A 1 22 ? -2.499  -2.114  7.475   1.00 156.85 ? 403 ILE A N     1 
ATOM   129 C  CA    . ILE A 1 22 ? -1.653  -3.349  7.458   1.00 158.58 ? 403 ILE A CA    1 
ATOM   130 C  C     . ILE A 1 22 ? -2.528  -4.560  7.811   1.00 128.55 ? 403 ILE A C     1 
ATOM   131 O  O     . ILE A 1 22 ? -2.590  -5.491  6.989   1.00 126.99 ? 403 ILE A O     1 
ATOM   132 C  CB    . ILE A 1 22 ? -0.427  -3.222  8.389   1.00 166.82 ? 403 ILE A CB    1 
ATOM   133 C  CG1   . ILE A 1 22 ? 0.751   -2.556  7.675   1.00 173.53 ? 403 ILE A CG1   1 
ATOM   134 C  CG2   . ILE A 1 22 ? -0.016  -4.573  8.947   1.00 173.05 ? 403 ILE A CG2   1 
ATOM   135 C  CD1   . ILE A 1 22 ? 1.972   -2.343  8.544   1.00 187.53 ? 403 ILE A CD1   1 
ATOM   136 N  N     . GLY A 1 23 ? -3.147  -4.547  8.996   1.00 141.01 ? 404 GLY A N     1 
ATOM   137 C  CA    . GLY A 1 23 ? -4.099  -5.578  9.458   1.00 148.75 ? 404 GLY A CA    1 
ATOM   138 C  C     . GLY A 1 23 ? -3.534  -6.475  10.544  1.00 163.31 ? 404 GLY A C     1 
ATOM   139 O  O     . GLY A 1 23 ? -2.311  -6.437  10.776  1.00 161.62 ? 404 GLY A O     1 
ATOM   140 N  N     . LYS A 1 24 ? -4.410  -7.256  11.190  1.00 162.48 ? 405 LYS A N     1 
ATOM   141 C  CA    . LYS A 1 24 ? -4.080  -8.168  12.320  1.00 158.57 ? 405 LYS A CA    1 
ATOM   142 C  C     . LYS A 1 24 ? -3.254  -9.334  11.772  1.00 162.58 ? 405 LYS A C     1 
ATOM   143 O  O     . LYS A 1 24 ? -3.753  -10.034 10.864  1.00 175.40 ? 405 LYS A O     1 
ATOM   144 C  CB    . LYS A 1 24 ? -5.362  -8.655  13.000  1.00 171.27 ? 405 LYS A CB    1 
ATOM   145 C  CG    . LYS A 1 24 ? -5.197  -9.144  14.434  1.00 205.66 ? 405 LYS A CG    1 
ATOM   146 C  CD    . LYS A 1 24 ? -5.279  -8.038  15.466  1.00 192.96 ? 405 LYS A CD    1 
ATOM   147 C  CE    . LYS A 1 24 ? -5.535  -8.555  16.862  1.00 191.35 ? 405 LYS A CE    1 
ATOM   148 N  NZ    . LYS A 1 24 ? -5.818  -7.446  17.803  1.00 196.32 ? 405 LYS A NZ    1 
ATOM   149 N  N     . GLY A 1 25 ? -2.037  -9.526  12.290  1.00 147.49 ? 406 GLY A N     1 
ATOM   150 C  CA    . GLY A 1 25 ? -1.026  -10.397 11.665  1.00 163.05 ? 406 GLY A CA    1 
ATOM   151 C  C     . GLY A 1 25 ? -0.901  -10.085 10.182  1.00 165.19 ? 406 GLY A C     1 
ATOM   152 O  O     . GLY A 1 25 ? -0.686  -11.032 9.393   1.00 198.79 ? 406 GLY A O     1 
ATOM   153 N  N     . GLY A 1 26 ? -1.063  -8.805  9.825   1.00 161.35 ? 407 GLY A N     1 
ATOM   154 C  CA    . GLY A 1 26 ? -1.016  -8.268  8.451   1.00 160.21 ? 407 GLY A CA    1 
ATOM   155 C  C     . GLY A 1 26 ? -1.976  -8.970  7.510   1.00 150.11 ? 407 GLY A C     1 
ATOM   156 O  O     . GLY A 1 26 ? -1.591  -9.198  6.350   1.00 129.96 ? 407 GLY A O     1 
ATOM   157 N  N     . GLN A 1 27 ? -3.187  -9.287  7.977   1.00 154.21 ? 408 GLN A N     1 
ATOM   158 C  CA    . GLN A 1 27 ? -4.218  -10.005 7.179   1.00 157.59 ? 408 GLN A CA    1 
ATOM   159 C  C     . GLN A 1 27 ? -4.914  -9.011  6.234   1.00 168.55 ? 408 GLN A C     1 
ATOM   160 O  O     . GLN A 1 27 ? -5.270  -9.426  5.114   1.00 171.02 ? 408 GLN A O     1 
ATOM   161 C  CB    . GLN A 1 27 ? -5.199  -10.742 8.092   1.00 159.63 ? 408 GLN A CB    1 
ATOM   162 C  CG    . GLN A 1 27 ? -6.104  -9.828  8.912   1.00 189.73 ? 408 GLN A CG    1 
ATOM   163 C  CD    . GLN A 1 27 ? -6.777  -10.545 10.058  1.00 170.95 ? 408 GLN A CD    1 
ATOM   164 O  OE1   . GLN A 1 27 ? -6.225  -11.459 10.668  1.00 187.43 ? 408 GLN A OE1   1 
ATOM   165 N  NE2   . GLN A 1 27 ? -7.990  -10.128 10.373  1.00 191.78 ? 408 GLN A NE2   1 
ATOM   166 N  N     . ARG A 1 28 ? -5.098  -7.758  6.668   1.00 150.36 ? 409 ARG A N     1 
ATOM   167 C  CA    . ARG A 1 28 ? -5.787  -6.682  5.900   1.00 151.81 ? 409 ARG A CA    1 
ATOM   168 C  C     . ARG A 1 28 ? -5.052  -6.436  4.577   1.00 145.23 ? 409 ARG A C     1 
ATOM   169 O  O     . ARG A 1 28 ? -5.727  -6.421  3.528   1.00 158.98 ? 409 ARG A O     1 
ATOM   170 C  CB    . ARG A 1 28 ? -5.873  -5.391  6.724   1.00 151.12 ? 409 ARG A CB    1 
ATOM   171 C  CG    . ARG A 1 28 ? -6.491  -4.200  6.003   1.00 157.90 ? 409 ARG A CG    1 
ATOM   172 C  CD    . ARG A 1 28 ? -7.971  -4.380  5.718   1.00 175.26 ? 409 ARG A CD    1 
ATOM   173 N  NE    . ARG A 1 28 ? -8.398  -3.610  4.559   1.00 177.53 ? 409 ARG A NE    1 
ATOM   174 C  CZ    . ARG A 1 28 ? -9.631  -3.605  4.058   1.00 192.80 ? 409 ARG A CZ    1 
ATOM   175 N  NH1   . ARG A 1 28 ? -10.588 -4.330  4.618   1.00 185.40 ? 409 ARG A NH1   1 
ATOM   176 N  NH2   . ARG A 1 28 ? -9.900  -2.863  2.994   1.00 185.80 ? 409 ARG A NH2   1 
ATOM   177 N  N     . ILE A 1 29 ? -3.729  -6.236  4.632   1.00 127.74 ? 410 ILE A N     1 
ATOM   178 C  CA    . ILE A 1 29 ? -2.875  -5.933  3.443   1.00 145.53 ? 410 ILE A CA    1 
ATOM   179 C  C     . ILE A 1 29 ? -2.902  -7.126  2.479   1.00 148.78 ? 410 ILE A C     1 
ATOM   180 O  O     . ILE A 1 29 ? -3.072  -6.900  1.279   1.00 142.48 ? 410 ILE A O     1 
ATOM   181 C  CB    . ILE A 1 29 ? -1.441  -5.538  3.860   1.00 139.29 ? 410 ILE A CB    1 
ATOM   182 C  CG1   . ILE A 1 29 ? -0.640  -4.967  2.683   1.00 132.82 ? 410 ILE A CG1   1 
ATOM   183 C  CG2   . ILE A 1 29 ? -0.700  -6.689  4.519   1.00 136.30 ? 410 ILE A CG2   1 
ATOM   184 C  CD1   . ILE A 1 29 ? -1.023  -3.563  2.277   1.00 150.75 ? 410 ILE A CD1   1 
ATOM   185 N  N     . LYS A 1 30 ? -2.760  -8.352  2.991   1.00 133.09 ? 411 LYS A N     1 
ATOM   186 C  CA    . LYS A 1 30 ? -2.743  -9.607  2.187   1.00 141.36 ? 411 LYS A CA    1 
ATOM   187 C  C     . LYS A 1 30 ? -3.992  -9.650  1.299   1.00 156.07 ? 411 LYS A C     1 
ATOM   188 O  O     . LYS A 1 30 ? -3.873  -10.068 0.130   1.00 145.57 ? 411 LYS A O     1 
ATOM   189 C  CB    . LYS A 1 30 ? -2.677  -10.839 3.097   1.00 144.58 ? 411 LYS A CB    1 
ATOM   190 C  CG    . LYS A 1 30 ? -1.353  -11.031 3.824   1.00 143.03 ? 411 LYS A CG    1 
ATOM   191 C  CD    . LYS A 1 30 ? -1.442  -11.965 5.009   1.00 152.62 ? 411 LYS A CD    1 
ATOM   192 C  CE    . LYS A 1 30 ? -0.184  -11.998 5.851   1.00 147.40 ? 411 LYS A CE    1 
ATOM   193 N  NZ    . LYS A 1 30 ? -0.434  -12.631 7.172   1.00 151.28 ? 411 LYS A NZ    1 
ATOM   194 N  N     . GLN A 1 31 ? -5.133  -9.221  1.848   1.00 155.04 ? 412 GLN A N     1 
ATOM   195 C  CA    . GLN A 1 31 ? -6.440  -9.109  1.143   1.00 135.62 ? 412 GLN A CA    1 
ATOM   196 C  C     . GLN A 1 31 ? -6.252  -8.233  -0.107  1.00 131.52 ? 412 GLN A C     1 
ATOM   197 O  O     . GLN A 1 31 ? -6.551  -8.696  -1.214  1.00 134.39 ? 412 GLN A O     1 
ATOM   198 C  CB    . GLN A 1 31 ? -7.508  -8.537  2.086   1.00 138.17 ? 412 GLN A CB    1 
ATOM   199 C  CG    . GLN A 1 31 ? -8.879  -9.160  1.894   1.00 162.50 ? 412 GLN A CG    1 
ATOM   200 C  CD    . GLN A 1 31 ? -8.979  -10.535 2.535   1.00 168.41 ? 412 GLN A CD    1 
ATOM   201 O  OE1   . GLN A 1 31 ? -7.973  -11.187 2.860   1.00 156.20 ? 412 GLN A OE1   1 
ATOM   202 N  NE2   . GLN A 1 31 ? -10.209 -10.999 2.735   1.00 181.86 ? 412 GLN A NE2   1 
ATOM   203 N  N     . ILE A 1 32 ? -5.741  -7.020  0.076   1.00 146.43 ? 413 ILE A N     1 
ATOM   204 C  CA    . ILE A 1 32 ? -5.600  -5.995  -0.999  1.00 139.05 ? 413 ILE A CA    1 
ATOM   205 C  C     . ILE A 1 32 ? -4.689  -6.545  -2.104  1.00 141.12 ? 413 ILE A C     1 
ATOM   206 O  O     . ILE A 1 32 ? -5.052  -6.406  -3.294  1.00 144.17 ? 413 ILE A O     1 
ATOM   207 C  CB    . ILE A 1 32 ? -5.070  -4.659  -0.426  1.00 138.60 ? 413 ILE A CB    1 
ATOM   208 C  CG1   . ILE A 1 32 ? -5.986  -4.116  0.676   1.00 169.61 ? 413 ILE A CG1   1 
ATOM   209 C  CG2   . ILE A 1 32 ? -4.871  -3.639  -1.540  1.00 151.14 ? 413 ILE A CG2   1 
ATOM   210 C  CD1   . ILE A 1 32 ? -5.343  -3.067  1.556   1.00 165.37 ? 413 ILE A CD1   1 
ATOM   211 N  N     . ARG A 1 33 ? -3.548  -7.126  -1.722  1.00 127.55 ? 414 ARG A N     1 
ATOM   212 C  CA    . ARG A 1 33 ? -2.508  -7.661  -2.639  1.00 130.02 ? 414 ARG A CA    1 
ATOM   213 C  C     . ARG A 1 33 ? -3.127  -8.644  -3.637  1.00 135.75 ? 414 ARG A C     1 
ATOM   214 O  O     . ARG A 1 33 ? -2.997  -8.411  -4.849  1.00 186.15 ? 414 ARG A O     1 
ATOM   215 C  CB    . ARG A 1 33 ? -1.396  -8.343  -1.842  1.00 133.08 ? 414 ARG A CB    1 
ATOM   216 C  CG    . ARG A 1 33 ? -0.442  -7.367  -1.171  1.00 125.18 ? 414 ARG A CG    1 
ATOM   217 C  CD    . ARG A 1 33 ? 0.280   -7.984  0.008   1.00 129.40 ? 414 ARG A CD    1 
ATOM   218 N  NE    . ARG A 1 33 ? 1.197   -7.044  0.632   1.00 137.95 ? 414 ARG A NE    1 
ATOM   219 C  CZ    . ARG A 1 33 ? 1.824   -7.237  1.789   1.00 154.37 ? 414 ARG A CZ    1 
ATOM   220 N  NH1   . ARG A 1 33 ? 1.642   -8.351  2.484   1.00 146.18 ? 414 ARG A NH1   1 
ATOM   221 N  NH2   . ARG A 1 33 ? 2.637   -6.301  2.254   1.00 155.30 ? 414 ARG A NH2   1 
ATOM   222 N  N     . HIS A 1 34 ? -3.765  -9.705  -3.135  1.00 147.29 ? 415 HIS A N     1 
ATOM   223 C  CA    . HIS A 1 34 ? -4.304  -10.828 -3.947  1.00 162.46 ? 415 HIS A CA    1 
ATOM   224 C  C     . HIS A 1 34 ? -5.512  -10.362 -4.770  1.00 169.29 ? 415 HIS A C     1 
ATOM   225 O  O     . HIS A 1 34 ? -5.694  -10.890 -5.884  1.00 176.04 ? 415 HIS A O     1 
ATOM   226 C  CB    . HIS A 1 34 ? -4.654  -12.030 -3.063  1.00 171.55 ? 415 HIS A CB    1 
ATOM   227 C  CG    . HIS A 1 34 ? -4.955  -13.268 -3.840  1.00 193.57 ? 415 HIS A CG    1 
ATOM   228 N  ND1   . HIS A 1 34 ? -3.954  -14.066 -4.370  1.00 205.78 ? 415 HIS A ND1   1 
ATOM   229 C  CD2   . HIS A 1 34 ? -6.127  -13.837 -4.193  1.00 193.54 ? 415 HIS A CD2   1 
ATOM   230 C  CE1   . HIS A 1 34 ? -4.501  -15.077 -5.010  1.00 209.01 ? 415 HIS A CE1   1 
ATOM   231 N  NE2   . HIS A 1 34 ? -5.834  -14.960 -4.917  1.00 199.64 ? 415 HIS A NE2   1 
ATOM   232 N  N     . GLU A 1 35 ? -6.296  -9.417  -4.240  1.00 168.60 ? 416 GLU A N     1 
ATOM   233 C  CA    . GLU A 1 35 ? -7.495  -8.852  -4.914  1.00 175.85 ? 416 GLU A CA    1 
ATOM   234 C  C     . GLU A 1 35 ? -7.084  -8.264  -6.269  1.00 169.13 ? 416 GLU A C     1 
ATOM   235 O  O     . GLU A 1 35 ? -7.568  -8.756  -7.304  1.00 177.26 ? 416 GLU A O     1 
ATOM   236 C  CB    . GLU A 1 35 ? -8.146  -7.777  -4.043  1.00 187.03 ? 416 GLU A CB    1 
ATOM   237 C  CG    . GLU A 1 35 ? -9.428  -7.206  -4.625  1.00 202.58 ? 416 GLU A CG    1 
ATOM   238 C  CD    . GLU A 1 35 ? -10.540 -8.226  -4.840  1.00 216.90 ? 416 GLU A CD    1 
ATOM   239 O  OE1   . GLU A 1 35 ? -10.845 -8.985  -3.894  1.00 212.84 ? 416 GLU A OE1   1 
ATOM   240 O  OE2   . GLU A 1 35 ? -11.087 -8.266  -5.954  1.00 215.42 ? 416 GLU A OE2   1 
ATOM   241 N  N     . SER A 1 36 ? -6.215  -7.252  -6.244  1.00 170.51 ? 417 SER A N     1 
ATOM   242 C  CA    . SER A 1 36 ? -5.753  -6.495  -7.434  1.00 167.34 ? 417 SER A CA    1 
ATOM   243 C  C     . SER A 1 36 ? -4.725  -7.312  -8.221  1.00 171.11 ? 417 SER A C     1 
ATOM   244 O  O     . SER A 1 36 ? -4.882  -7.422  -9.456  1.00 162.80 ? 417 SER A O     1 
ATOM   245 C  CB    . SER A 1 36 ? -5.182  -5.164  -7.022  1.00 169.17 ? 417 SER A CB    1 
ATOM   246 O  OG    . SER A 1 36 ? -4.133  -5.333  -6.078  1.00 163.15 ? 417 SER A OG    1 
ATOM   247 N  N     . GLY A 1 37 ? -3.725  -7.857  -7.518  1.00 160.66 ? 418 GLY A N     1 
ATOM   248 C  CA    . GLY A 1 37 ? -2.524  -8.482  -8.103  1.00 162.19 ? 418 GLY A CA    1 
ATOM   249 C  C     . GLY A 1 37 ? -1.356  -7.510  -8.119  1.00 155.37 ? 418 GLY A C     1 
ATOM   250 O  O     . GLY A 1 37 ? -0.326  -7.829  -8.749  1.00 146.92 ? 418 GLY A O     1 
ATOM   251 N  N     . ALA A 1 38 ? -1.504  -6.361  -7.450  1.00 149.58 ? 419 ALA A N     1 
ATOM   252 C  CA    . ALA A 1 38 ? -0.452  -5.329  -7.279  1.00 151.97 ? 419 ALA A CA    1 
ATOM   253 C  C     . ALA A 1 38 ? 0.539   -5.796  -6.208  1.00 145.03 ? 419 ALA A C     1 
ATOM   254 O  O     . ALA A 1 38 ? 0.083   -6.312  -5.169  1.00 150.97 ? 419 ALA A O     1 
ATOM   255 C  CB    . ALA A 1 38 ? -1.075  -4.009  -6.903  1.00 161.06 ? 419 ALA A CB    1 
ATOM   256 N  N     . SER A 1 39 ? 1.838   -5.626  -6.462  1.00 143.94 ? 420 SER A N     1 
ATOM   257 C  CA    . SER A 1 39 ? 2.935   -5.930  -5.510  1.00 148.95 ? 420 SER A CA    1 
ATOM   258 C  C     . SER A 1 39 ? 3.092   -4.755  -4.541  1.00 134.05 ? 420 SER A C     1 
ATOM   259 O  O     . SER A 1 39 ? 3.890   -3.841  -4.830  1.00 144.53 ? 420 SER A O     1 
ATOM   260 C  CB    . SER A 1 39 ? 4.219   -6.234  -6.237  1.00 154.10 ? 420 SER A CB    1 
ATOM   261 O  OG    . SER A 1 39 ? 4.014   -7.237  -7.220  1.00 166.90 ? 420 SER A OG    1 
ATOM   262 N  N     . ILE A 1 40 ? 2.353   -4.795  -3.429  1.00 132.66 ? 421 ILE A N     1 
ATOM   263 C  CA    . ILE A 1 40 ? 2.223   -3.669  -2.460  1.00 117.36 ? 421 ILE A CA    1 
ATOM   264 C  C     . ILE A 1 40 ? 3.172   -3.930  -1.293  1.00 119.26 ? 421 ILE A C     1 
ATOM   265 O  O     . ILE A 1 40 ? 3.124   -5.042  -0.744  1.00 123.02 ? 421 ILE A O     1 
ATOM   266 C  CB    . ILE A 1 40 ? 0.763   -3.517  -1.996  1.00 127.63 ? 421 ILE A CB    1 
ATOM   267 C  CG1   . ILE A 1 40 ? -0.217  -3.759  -3.149  1.00 130.55 ? 421 ILE A CG1   1 
ATOM   268 C  CG2   . ILE A 1 40 ? 0.558   -2.161  -1.333  1.00 130.83 ? 421 ILE A CG2   1 
ATOM   269 C  CD1   . ILE A 1 40 ? -1.622  -3.246  -2.920  1.00 135.64 ? 421 ILE A CD1   1 
ATOM   270 N  N     . LYS A 1 41 ? 4.000   -2.943  -0.940  1.00 122.15 ? 422 LYS A N     1 
ATOM   271 C  CA    . LYS A 1 41 ? 5.034   -3.058  0.121   1.00 126.10 ? 422 LYS A CA    1 
ATOM   272 C  C     . LYS A 1 41 ? 5.094   -1.761  0.940   1.00 128.32 ? 422 LYS A C     1 
ATOM   273 O  O     . LYS A 1 41 ? 5.311   -0.699  0.339   1.00 127.33 ? 422 LYS A O     1 
ATOM   274 C  CB    . LYS A 1 41 ? 6.387   -3.387  -0.510  1.00 124.54 ? 422 LYS A CB    1 
ATOM   275 C  CG    . LYS A 1 41 ? 7.511   -3.607  0.488   1.00 137.08 ? 422 LYS A CG    1 
ATOM   276 C  CD    . LYS A 1 41 ? 8.602   -4.516  -0.031  1.00 143.88 ? 422 LYS A CD    1 
ATOM   277 C  CE    . LYS A 1 41 ? 9.657   -4.816  1.011   1.00 160.52 ? 422 LYS A CE    1 
ATOM   278 N  NZ    . LYS A 1 41 ? 10.619  -5.842  0.538   1.00 157.14 ? 422 LYS A NZ    1 
ATOM   279 N  N     . ILE A 1 42 ? 4.941   -1.867  2.262   1.00 131.50 ? 423 ILE A N     1 
ATOM   280 C  CA    . ILE A 1 42 ? 4.924   -0.724  3.227   1.00 128.23 ? 423 ILE A CA    1 
ATOM   281 C  C     . ILE A 1 42 ? 6.301   -0.664  3.900   1.00 137.78 ? 423 ILE A C     1 
ATOM   282 O  O     . ILE A 1 42 ? 6.799   -1.727  4.318   1.00 140.37 ? 423 ILE A O     1 
ATOM   283 C  CB    . ILE A 1 42 ? 3.801   -0.849  4.282   1.00 130.44 ? 423 ILE A CB    1 
ATOM   284 C  CG1   . ILE A 1 42 ? 2.659   -1.774  3.849   1.00 130.24 ? 423 ILE A CG1   1 
ATOM   285 C  CG2   . ILE A 1 42 ? 3.287   0.527   4.689   1.00 127.26 ? 423 ILE A CG2   1 
ATOM   286 C  CD1   . ILE A 1 42 ? 1.921   -1.342  2.604   1.00 135.25 ? 423 ILE A CD1   1 
ATOM   287 N  N     . ASP A 1 43 ? 6.871   0.536   4.015   1.00 135.16 ? 424 ASP A N     1 
ATOM   288 C  CA    . ASP A 1 43 ? 8.285   0.767   4.411   1.00 147.75 ? 424 ASP A CA    1 
ATOM   289 C  C     . ASP A 1 43 ? 8.352   1.269   5.856   1.00 146.12 ? 424 ASP A C     1 
ATOM   290 O  O     . ASP A 1 43 ? 7.327   1.770   6.361   1.00 150.47 ? 424 ASP A O     1 
ATOM   291 C  CB    . ASP A 1 43 ? 8.952   1.756   3.455   1.00 170.20 ? 424 ASP A CB    1 
ATOM   292 C  CG    . ASP A 1 43 ? 8.923   1.321   1.998   1.00 193.81 ? 424 ASP A CG    1 
ATOM   293 O  OD1   . ASP A 1 43 ? 8.299   0.276   1.705   1.00 193.02 ? 424 ASP A OD1   1 
ATOM   294 O  OD2   . ASP A 1 43 ? 9.529   2.028   1.164   1.00 210.94 ? 424 ASP A OD2   1 
ATOM   295 N  N     . GLU A 1 44 ? 9.525   1.128   6.484   1.00 141.31 ? 425 GLU A N     1 
ATOM   296 C  CA    . GLU A 1 44 ? 9.809   1.591   7.868   1.00 140.69 ? 425 GLU A CA    1 
ATOM   297 C  C     . GLU A 1 44 ? 10.249  3.048   7.825   1.00 146.91 ? 425 GLU A C     1 
ATOM   298 O  O     . GLU A 1 44 ? 10.942  3.448   6.894   1.00 159.01 ? 425 GLU A O     1 
ATOM   299 C  CB    . GLU A 1 44 ? 10.864  0.695   8.521   1.00 145.94 ? 425 GLU A CB    1 
ATOM   300 C  CG    . GLU A 1 44 ? 10.263  -0.564  9.159   1.00 147.32 ? 425 GLU A CG    1 
ATOM   301 C  CD    . GLU A 1 44 ? 9.689   -0.347  10.542  1.00 217.34 ? 425 GLU A CD    1 
ATOM   302 O  OE1   . GLU A 1 44 ? 10.413  0.150   11.420  1.00 345.56 ? 425 GLU A OE1   1 
ATOM   303 O  OE2   . GLU A 1 44 ? 8.513   -0.661  10.740  1.00 151.62 ? 425 GLU A OE2   1 
ATOM   304 N  N     . PRO A 1 45 ? 9.877   3.885   8.818   1.00 164.69 ? 426 PRO A N     1 
ATOM   305 C  CA    . PRO A 1 45 ? 10.139  5.323   8.752   1.00 157.15 ? 426 PRO A CA    1 
ATOM   306 C  C     . PRO A 1 45 ? 11.595  5.696   9.071   1.00 163.29 ? 426 PRO A C     1 
ATOM   307 O  O     . PRO A 1 45 ? 12.147  5.145   10.017  1.00 146.32 ? 426 PRO A O     1 
ATOM   308 C  CB    . PRO A 1 45 ? 9.171   5.899   9.797   1.00 166.23 ? 426 PRO A CB    1 
ATOM   309 C  CG    . PRO A 1 45 ? 9.015   4.796   10.823  1.00 175.75 ? 426 PRO A CG    1 
ATOM   310 C  CD    . PRO A 1 45 ? 9.195   3.499   10.060  1.00 168.68 ? 426 PRO A CD    1 
ATOM   311 N  N     . LEU A 1 46 ? 12.154  6.636   8.295   1.00 160.12 ? 427 LEU A N     1 
ATOM   312 C  CA    . LEU A 1 46 ? 13.577  7.081   8.352   1.00 155.61 ? 427 LEU A CA    1 
ATOM   313 C  C     . LEU A 1 46 ? 13.856  7.819   9.667   1.00 152.73 ? 427 LEU A C     1 
ATOM   314 O  O     . LEU A 1 46 ? 12.908  8.029   10.455  1.00 156.43 ? 427 LEU A O     1 
ATOM   315 C  CB    . LEU A 1 46 ? 13.862  8.001   7.162   1.00 137.85 ? 427 LEU A CB    1 
ATOM   316 C  CG    . LEU A 1 46 ? 13.632  7.401   5.776   1.00 152.13 ? 427 LEU A CG    1 
ATOM   317 C  CD1   . LEU A 1 46 ? 13.255  8.481   4.771   1.00 140.50 ? 427 LEU A CD1   1 
ATOM   318 C  CD2   . LEU A 1 46 ? 14.857  6.632   5.306   1.00 156.34 ? 427 LEU A CD2   1 
ATOM   319 N  N     . GLU A 1 47 ? 15.119  8.200   9.890   1.00 149.53 ? 428 GLU A N     1 
ATOM   320 C  CA    . GLU A 1 47 ? 15.529  9.129   10.981  1.00 161.26 ? 428 GLU A CA    1 
ATOM   321 C  C     . GLU A 1 47 ? 14.828  10.468  10.749  1.00 162.61 ? 428 GLU A C     1 
ATOM   322 O  O     . GLU A 1 47 ? 15.291  11.234  9.875   1.00 163.65 ? 428 GLU A O     1 
ATOM   323 C  CB    . GLU A 1 47 ? 17.050  9.309   11.036  1.00 182.97 ? 428 GLU A CB    1 
ATOM   324 C  CG    . GLU A 1 47 ? 17.757  8.252   11.864  1.00 192.97 ? 428 GLU A CG    1 
ATOM   325 C  CD    . GLU A 1 47 ? 19.207  8.559   12.203  1.00 190.78 ? 428 GLU A CD    1 
ATOM   326 O  OE1   . GLU A 1 47 ? 19.999  7.604   12.263  1.00 176.70 ? 428 GLU A OE1   1 
ATOM   327 O  OE2   . GLU A 1 47 ? 19.539  9.750   12.417  1.00 199.63 ? 428 GLU A OE2   1 
ATOM   328 N  N     . GLY A 1 48 ? 13.746  10.720  11.493  1.00 164.92 ? 429 GLY A N     1 
ATOM   329 C  CA    . GLY A 1 48 ? 12.876  11.898  11.320  1.00 171.46 ? 429 GLY A CA    1 
ATOM   330 C  C     . GLY A 1 48 ? 11.934  11.702  10.147  1.00 175.40 ? 429 GLY A C     1 
ATOM   331 O  O     . GLY A 1 48 ? 12.191  12.289  9.072   1.00 180.19 ? 429 GLY A O     1 
ATOM   332 N  N     . SER A 1 49 ? 10.890  10.894  10.347  1.00 172.95 ? 430 SER A N     1 
ATOM   333 C  CA    . SER A 1 49 ? 9.925   10.470  9.299   1.00 172.47 ? 430 SER A CA    1 
ATOM   334 C  C     . SER A 1 49 ? 8.527   10.319  9.903   1.00 175.29 ? 430 SER A C     1 
ATOM   335 O  O     . SER A 1 49 ? 8.303   9.329   10.622  1.00 186.20 ? 430 SER A O     1 
ATOM   336 C  CB    . SER A 1 49 ? 10.377  9.188   8.653   1.00 180.39 ? 430 SER A CB    1 
ATOM   337 O  OG    . SER A 1 49 ? 9.344   8.614   7.863   1.00 176.95 ? 430 SER A OG    1 
ATOM   338 N  N     . GLU A 1 50 ? 7.636   11.272  9.618   1.00 157.07 ? 431 GLU A N     1 
ATOM   339 C  CA    . GLU A 1 50 ? 6.201   11.221  9.998   1.00 156.17 ? 431 GLU A CA    1 
ATOM   340 C  C     . GLU A 1 50 ? 5.425   10.379  8.986   1.00 151.87 ? 431 GLU A C     1 
ATOM   341 O  O     . GLU A 1 50 ? 4.413   9.781   9.392   1.00 155.53 ? 431 GLU A O     1 
ATOM   342 C  CB    . GLU A 1 50 ? 5.598   12.623  10.074  1.00 162.58 ? 431 GLU A CB    1 
ATOM   343 C  CG    . GLU A 1 50 ? 6.128   13.449  11.226  1.00 176.16 ? 431 GLU A CG    1 
ATOM   344 C  CD    . GLU A 1 50 ? 5.077   14.355  11.848  1.00 186.85 ? 431 GLU A CD    1 
ATOM   345 O  OE1   . GLU A 1 50 ? 5.178   15.599  11.667  1.00 202.00 ? 431 GLU A OE1   1 
ATOM   346 O  OE2   . GLU A 1 50 ? 4.155   13.809  12.511  1.00 169.51 ? 431 GLU A OE2   1 
ATOM   347 N  N     . ASP A 1 51 ? 5.886   10.348  7.729   1.00 158.91 ? 432 ASP A N     1 
ATOM   348 C  CA    . ASP A 1 51 ? 5.274   9.569   6.621   1.00 167.94 ? 432 ASP A CA    1 
ATOM   349 C  C     . ASP A 1 51 ? 5.961   8.201   6.509   1.00 166.91 ? 432 ASP A C     1 
ATOM   350 O  O     . ASP A 1 51 ? 7.010   8.008   7.164   1.00 148.69 ? 432 ASP A O     1 
ATOM   351 C  CB    . ASP A 1 51 ? 5.371   10.325  5.292   1.00 171.07 ? 432 ASP A CB    1 
ATOM   352 C  CG    . ASP A 1 51 ? 4.414   11.497  5.173   1.00 172.46 ? 432 ASP A CG    1 
ATOM   353 O  OD1   . ASP A 1 51 ? 3.202   11.290  5.443   1.00 187.64 ? 432 ASP A OD1   1 
ATOM   354 O  OD2   . ASP A 1 51 ? 4.889   12.606  4.804   1.00 167.77 ? 432 ASP A OD2   1 
ATOM   355 N  N     . ARG A 1 52 ? 5.378   7.300   5.710   1.00 158.54 ? 433 ARG A N     1 
ATOM   356 C  CA    . ARG A 1 52 ? 5.961   5.987   5.320   1.00 145.27 ? 433 ARG A CA    1 
ATOM   357 C  C     . ARG A 1 52 ? 5.520   5.658   3.889   1.00 131.46 ? 433 ARG A C     1 
ATOM   358 O  O     . ARG A 1 52 ? 4.324   5.850   3.580   1.00 124.88 ? 433 ARG A O     1 
ATOM   359 C  CB    . ARG A 1 52 ? 5.550   4.898   6.313   1.00 150.33 ? 433 ARG A CB    1 
ATOM   360 C  CG    . ARG A 1 52 ? 6.504   4.745   7.486   1.00 152.49 ? 433 ARG A CG    1 
ATOM   361 C  CD    . ARG A 1 52 ? 5.931   3.951   8.648   1.00 164.33 ? 433 ARG A CD    1 
ATOM   362 N  NE    . ARG A 1 52 ? 6.042   2.507   8.492   1.00 163.62 ? 433 ARG A NE    1 
ATOM   363 C  CZ    . ARG A 1 52 ? 5.854   1.624   9.468   1.00 151.23 ? 433 ARG A CZ    1 
ATOM   364 N  NH1   . ARG A 1 52 ? 5.554   2.026   10.693  1.00 158.89 ? 433 ARG A NH1   1 
ATOM   365 N  NH2   . ARG A 1 52 ? 5.992   0.334   9.217   1.00 155.65 ? 433 ARG A NH2   1 
ATOM   366 N  N     . ILE A 1 53 ? 6.456   5.194   3.058   1.00 133.18 ? 434 ILE A N     1 
ATOM   367 C  CA    . ILE A 1 53 ? 6.262   4.954   1.596   1.00 133.91 ? 434 ILE A CA    1 
ATOM   368 C  C     . ILE A 1 53 ? 5.503   3.638   1.395   1.00 120.13 ? 434 ILE A C     1 
ATOM   369 O  O     . ILE A 1 53 ? 5.757   2.682   2.149   1.00 120.96 ? 434 ILE A O     1 
ATOM   370 C  CB    . ILE A 1 53 ? 7.617   4.943   0.858   1.00 138.74 ? 434 ILE A CB    1 
ATOM   371 C  CG1   . ILE A 1 53 ? 8.316   6.298   0.954   1.00 154.16 ? 434 ILE A CG1   1 
ATOM   372 C  CG2   . ILE A 1 53 ? 7.457   4.503   -0.589  1.00 142.87 ? 434 ILE A CG2   1 
ATOM   373 C  CD1   . ILE A 1 53 ? 9.795   6.241   0.644   1.00 173.82 ? 434 ILE A CD1   1 
ATOM   374 N  N     . ILE A 1 54 ? 4.609   3.604   0.406   1.00 109.51 ? 435 ILE A N     1 
ATOM   375 C  CA    . ILE A 1 54 ? 3.957   2.367   -0.107  1.00 109.85 ? 435 ILE A CA    1 
ATOM   376 C  C     . ILE A 1 54 ? 4.316   2.235   -1.586  1.00 108.67 ? 435 ILE A C     1 
ATOM   377 O  O     . ILE A 1 54 ? 4.137   3.219   -2.324  1.00 112.99 ? 435 ILE A O     1 
ATOM   378 C  CB    . ILE A 1 54 ? 2.437   2.401   0.120   1.00 118.85 ? 435 ILE A CB    1 
ATOM   379 C  CG1   . ILE A 1 54 ? 2.087   2.918   1.518   1.00 117.99 ? 435 ILE A CG1   1 
ATOM   380 C  CG2   . ILE A 1 54 ? 1.834   1.030   -0.176  1.00 133.74 ? 435 ILE A CG2   1 
ATOM   381 C  CD1   . ILE A 1 54 ? 0.614   2.841   1.861   1.00 124.44 ? 435 ILE A CD1   1 
ATOM   382 N  N     . THR A 1 55 ? 4.783   1.055   -1.991  1.00 109.93 ? 436 THR A N     1 
ATOM   383 C  CA    . THR A 1 55 ? 5.534   0.833   -3.252  1.00 112.30 ? 436 THR A CA    1 
ATOM   384 C  C     . THR A 1 55 ? 4.747   -0.114  -4.166  1.00 100.50 ? 436 THR A C     1 
ATOM   385 O  O     . THR A 1 55 ? 5.224   -1.222  -4.427  1.00 106.56 ? 436 THR A O     1 
ATOM   386 C  CB    . THR A 1 55 ? 6.947   0.339   -2.917  1.00 120.01 ? 436 THR A CB    1 
ATOM   387 O  OG1   . THR A 1 55 ? 7.372   1.025   -1.740  1.00 126.03 ? 436 THR A OG1   1 
ATOM   388 C  CG2   . THR A 1 55 ? 7.941   0.564   -4.035  1.00 122.30 ? 436 THR A CG2   1 
ATOM   389 N  N     . ILE A 1 56 ? 3.592   0.337   -4.654  1.00 97.85  ? 437 ILE A N     1 
ATOM   390 C  CA    . ILE A 1 56 ? 2.701   -0.414  -5.589  1.00 114.01 ? 437 ILE A CA    1 
ATOM   391 C  C     . ILE A 1 56 ? 3.505   -0.788  -6.838  1.00 108.51 ? 437 ILE A C     1 
ATOM   392 O  O     . ILE A 1 56 ? 4.329   0.039   -7.261  1.00 115.92 ? 437 ILE A O     1 
ATOM   393 C  CB    . ILE A 1 56 ? 1.447   0.403   -5.964  1.00 122.20 ? 437 ILE A CB    1 
ATOM   394 C  CG1   . ILE A 1 56 ? 0.908   1.241   -4.797  1.00 124.93 ? 437 ILE A CG1   1 
ATOM   395 C  CG2   . ILE A 1 56 ? 0.367   -0.505  -6.539  1.00 131.33 ? 437 ILE A CG2   1 
ATOM   396 C  CD1   . ILE A 1 56 ? 1.365   2.679   -4.797  1.00 131.61 ? 437 ILE A CD1   1 
ATOM   397 N  N     . THR A 1 57 ? 3.271   -1.973  -7.412  1.00 112.93 ? 438 THR A N     1 
ATOM   398 C  CA    . THR A 1 57 ? 4.034   -2.504  -8.576  1.00 111.19 ? 438 THR A CA    1 
ATOM   399 C  C     . THR A 1 57 ? 3.232   -3.587  -9.312  1.00 108.18 ? 438 THR A C     1 
ATOM   400 O  O     . THR A 1 57 ? 3.349   -4.774  -8.949  1.00 133.04 ? 438 THR A O     1 
ATOM   401 C  CB    . THR A 1 57 ? 5.402   -3.034  -8.134  1.00 103.62 ? 438 THR A CB    1 
ATOM   402 O  OG1   . THR A 1 57 ? 6.021   -2.055  -7.306  1.00 109.62 ? 438 THR A OG1   1 
ATOM   403 C  CG2   . THR A 1 57 ? 6.317   -3.360  -9.290  1.00 102.84 ? 438 THR A CG2   1 
ATOM   404 N  N     . GLY A 1 58 ? 2.473   -3.181  -10.330 1.00 119.13 ? 439 GLY A N     1 
ATOM   405 C  CA    . GLY A 1 58 ? 1.765   -4.063  -11.280 1.00 121.07 ? 439 GLY A CA    1 
ATOM   406 C  C     . GLY A 1 58 ? 1.633   -3.381  -12.631 1.00 129.76 ? 439 GLY A C     1 
ATOM   407 O  O     . GLY A 1 58 ? 2.424   -2.440  -12.902 1.00 138.00 ? 439 GLY A O     1 
ATOM   408 N  N     . THR A 1 59 ? 0.677   -3.817  -13.456 1.00 126.89 ? 440 THR A N     1 
ATOM   409 C  CA    . THR A 1 59 ? 0.332   -3.170  -14.752 1.00 127.70 ? 440 THR A CA    1 
ATOM   410 C  C     . THR A 1 59 ? -0.451  -1.886  -14.477 1.00 128.01 ? 440 THR A C     1 
ATOM   411 O  O     . THR A 1 59 ? -0.697  -1.597  -13.284 1.00 118.99 ? 440 THR A O     1 
ATOM   412 C  CB    . THR A 1 59 ? -0.474  -4.103  -15.661 1.00 134.47 ? 440 THR A CB    1 
ATOM   413 O  OG1   . THR A 1 59 ? -1.723  -4.369  -15.020 1.00 139.19 ? 440 THR A OG1   1 
ATOM   414 C  CG2   . THR A 1 59 ? 0.253   -5.395  -15.975 1.00 141.72 ? 440 THR A CG2   1 
ATOM   415 N  N     . GLN A 1 60 ? -0.821  -1.154  -15.535 1.00 133.84 ? 441 GLN A N     1 
ATOM   416 C  CA    . GLN A 1 60 ? -1.685  0.055   -15.470 1.00 150.13 ? 441 GLN A CA    1 
ATOM   417 C  C     . GLN A 1 60 ? -2.851  -0.202  -14.510 1.00 154.60 ? 441 GLN A C     1 
ATOM   418 O  O     . GLN A 1 60 ? -2.980  0.540   -13.518 1.00 153.62 ? 441 GLN A O     1 
ATOM   419 C  CB    . GLN A 1 60 ? -2.190  0.413   -16.871 1.00 167.91 ? 441 GLN A CB    1 
ATOM   420 C  CG    . GLN A 1 60 ? -3.473  1.236   -16.907 1.00 192.04 ? 441 GLN A CG    1 
ATOM   421 C  CD    . GLN A 1 60 ? -3.302  2.677   -16.476 1.00 184.30 ? 441 GLN A CD    1 
ATOM   422 O  OE1   . GLN A 1 60 ? -3.614  3.609   -17.219 1.00 338.02 ? 441 GLN A OE1   1 
ATOM   423 N  NE2   . GLN A 1 60 ? -2.819  2.877   -15.257 1.00 196.13 ? 441 GLN A NE2   1 
ATOM   424 N  N     . ASP A 1 61 ? -3.650  -1.234  -14.794 1.00 162.95 ? 442 ASP A N     1 
ATOM   425 C  CA    . ASP A 1 61 ? -4.928  -1.527  -14.090 1.00 159.19 ? 442 ASP A CA    1 
ATOM   426 C  C     . ASP A 1 61 ? -4.631  -2.048  -12.680 1.00 149.70 ? 442 ASP A C     1 
ATOM   427 O  O     . ASP A 1 61 ? -5.241  -1.530  -11.726 1.00 152.63 ? 442 ASP A O     1 
ATOM   428 C  CB    . ASP A 1 61 ? -5.782  -2.514  -14.888 1.00 176.89 ? 442 ASP A CB    1 
ATOM   429 C  CG    . ASP A 1 61 ? -6.257  -1.975  -16.229 1.00 184.08 ? 442 ASP A CG    1 
ATOM   430 O  OD1   . ASP A 1 61 ? -6.547  -0.762  -16.308 1.00 189.32 ? 442 ASP A OD1   1 
ATOM   431 O  OD2   . ASP A 1 61 ? -6.336  -2.769  -17.184 1.00 189.26 ? 442 ASP A OD2   1 
ATOM   432 N  N     . GLN A 1 62 ? -3.735  -3.031  -12.562 1.00 132.60 ? 443 GLN A N     1 
ATOM   433 C  CA    . GLN A 1 62 ? -3.374  -3.686  -11.275 1.00 134.58 ? 443 GLN A CA    1 
ATOM   434 C  C     . GLN A 1 62 ? -3.059  -2.622  -10.219 1.00 137.45 ? 443 GLN A C     1 
ATOM   435 O  O     . GLN A 1 62 ? -3.505  -2.791  -9.076  1.00 144.77 ? 443 GLN A O     1 
ATOM   436 C  CB    . GLN A 1 62 ? -2.184  -4.630  -11.459 1.00 136.20 ? 443 GLN A CB    1 
ATOM   437 C  CG    . GLN A 1 62 ? -2.563  -5.960  -12.096 1.00 138.50 ? 443 GLN A CG    1 
ATOM   438 C  CD    . GLN A 1 62 ? -1.413  -6.939  -12.102 1.00 133.63 ? 443 GLN A CD    1 
ATOM   439 O  OE1   . GLN A 1 62 ? -0.392  -6.724  -12.754 1.00 143.03 ? 443 GLN A OE1   1 
ATOM   440 N  NE2   . GLN A 1 62 ? -1.573  -8.034  -11.372 1.00 131.04 ? 443 GLN A NE2   1 
ATOM   441 N  N     . ILE A 1 63 ? -2.324  -1.570  -10.593 1.00 133.85 ? 444 ILE A N     1 
ATOM   442 C  CA    . ILE A 1 63 ? -1.888  -0.475  -9.677  1.00 132.02 ? 444 ILE A CA    1 
ATOM   443 C  C     . ILE A 1 63 ? -3.092  0.401   -9.314  1.00 125.97 ? 444 ILE A C     1 
ATOM   444 O  O     . ILE A 1 63 ? -3.201  0.776   -8.134  1.00 128.18 ? 444 ILE A O     1 
ATOM   445 C  CB    . ILE A 1 63 ? -0.753  0.352   -10.312 1.00 140.72 ? 444 ILE A CB    1 
ATOM   446 C  CG1   . ILE A 1 63 ? 0.530   -0.467  -10.456 1.00 141.43 ? 444 ILE A CG1   1 
ATOM   447 C  CG2   . ILE A 1 63 ? -0.512  1.643   -9.536  1.00 155.35 ? 444 ILE A CG2   1 
ATOM   448 C  CD1   . ILE A 1 63 ? 1.641   0.244   -11.216 1.00 150.50 ? 444 ILE A CD1   1 
ATOM   449 N  N     . GLN A 1 64 ? -3.941  0.723   -10.293 1.00 140.54 ? 445 GLN A N     1 
ATOM   450 C  CA    . GLN A 1 64 ? -5.015  1.752   -10.186 1.00 153.00 ? 445 GLN A CA    1 
ATOM   451 C  C     . GLN A 1 64 ? -5.908  1.490   -8.964  1.00 144.66 ? 445 GLN A C     1 
ATOM   452 O  O     . GLN A 1 64 ? -6.016  2.383   -8.116  1.00 152.93 ? 445 GLN A O     1 
ATOM   453 C  CB    . GLN A 1 64 ? -5.863  1.796   -11.461 1.00 148.07 ? 445 GLN A CB    1 
ATOM   454 C  CG    . GLN A 1 64 ? -5.359  2.808   -12.480 1.00 148.08 ? 445 GLN A CG    1 
ATOM   455 C  CD    . GLN A 1 64 ? -6.164  2.806   -13.755 1.00 143.61 ? 445 GLN A CD    1 
ATOM   456 O  OE1   . GLN A 1 64 ? -6.734  1.795   -14.165 1.00 152.00 ? 445 GLN A OE1   1 
ATOM   457 N  NE2   . GLN A 1 64 ? -6.209  3.958   -14.406 1.00 153.67 ? 445 GLN A NE2   1 
ATOM   458 N  N     . ASN A 1 65 ? -6.523  0.310   -8.889  1.00 133.03 ? 446 ASN A N     1 
ATOM   459 C  CA    . ASN A 1 65 ? -7.465  -0.072  -7.803  1.00 120.23 ? 446 ASN A CA    1 
ATOM   460 C  C     . ASN A 1 65 ? -6.782  0.117   -6.443  1.00 109.32 ? 446 ASN A C     1 
ATOM   461 O  O     . ASN A 1 65 ? -7.380  0.788   -5.575  1.00 101.50 ? 446 ASN A O     1 
ATOM   462 C  CB    . ASN A 1 65 ? -7.977  -1.504  -7.968  1.00 136.88 ? 446 ASN A CB    1 
ATOM   463 C  CG    . ASN A 1 65 ? -6.885  -2.492  -8.319  1.00 134.83 ? 446 ASN A CG    1 
ATOM   464 O  OD1   . ASN A 1 65 ? -5.746  -2.339  -7.879  1.00 127.36 ? 446 ASN A OD1   1 
ATOM   465 N  ND2   . ASN A 1 65 ? -7.221  -3.498  -9.114  1.00 144.00 ? 446 ASN A ND2   1 
ATOM   466 N  N     . ALA A 1 66 ? -5.584  -0.447  -6.281  1.00 102.86 ? 447 ALA A N     1 
ATOM   467 C  CA    . ALA A 1 66 ? -4.793  -0.430  -5.030  1.00 111.20 ? 447 ALA A CA    1 
ATOM   468 C  C     . ALA A 1 66 ? -4.769  0.987   -4.455  1.00 128.77 ? 447 ALA A C     1 
ATOM   469 O  O     . ALA A 1 66 ? -4.906  1.114   -3.220  1.00 134.57 ? 447 ALA A O     1 
ATOM   470 C  CB    . ALA A 1 66 ? -3.394  -0.935  -5.294  1.00 116.19 ? 447 ALA A CB    1 
ATOM   471 N  N     . GLN A 1 67 ? -4.603  1.995   -5.325  1.00 140.16 ? 448 GLN A N     1 
ATOM   472 C  CA    . GLN A 1 67 ? -4.598  3.446   -4.985  1.00 145.14 ? 448 GLN A CA    1 
ATOM   473 C  C     . GLN A 1 67 ? -5.749  3.751   -4.019  1.00 145.53 ? 448 GLN A C     1 
ATOM   474 O  O     . GLN A 1 67 ? -5.488  4.354   -2.962  1.00 136.30 ? 448 GLN A O     1 
ATOM   475 C  CB    . GLN A 1 67 ? -4.738  4.296   -6.250  1.00 145.91 ? 448 GLN A CB    1 
ATOM   476 C  CG    . GLN A 1 67 ? -4.229  5.723   -6.096  1.00 150.28 ? 448 GLN A CG    1 
ATOM   477 C  CD    . GLN A 1 67 ? -2.744  5.813   -6.326  1.00 151.64 ? 448 GLN A CD    1 
ATOM   478 O  OE1   . GLN A 1 67 ? -1.964  6.053   -5.404  1.00 162.19 ? 448 GLN A OE1   1 
ATOM   479 N  NE2   . GLN A 1 67 ? -2.350  5.610   -7.571  1.00 179.83 ? 448 GLN A NE2   1 
ATOM   480 N  N     . TYR A 1 68 ? -6.967  3.330   -4.376  1.00 145.59 ? 449 TYR A N     1 
ATOM   481 C  CA    . TYR A 1 68 ? -8.220  3.593   -3.628  1.00 155.85 ? 449 TYR A CA    1 
ATOM   482 C  C     . TYR A 1 68 ? -8.315  2.658   -2.419  1.00 159.63 ? 449 TYR A C     1 
ATOM   483 O  O     . TYR A 1 68 ? -8.580  3.168   -1.301  1.00 146.58 ? 449 TYR A O     1 
ATOM   484 C  CB    . TYR A 1 68 ? -9.428  3.426   -4.552  1.00 170.88 ? 449 TYR A CB    1 
ATOM   485 C  CG    . TYR A 1 68 ? -10.771 3.507   -3.873  1.00 202.14 ? 449 TYR A CG    1 
ATOM   486 C  CD1   . TYR A 1 68 ? -11.174 4.665   -3.225  1.00 212.97 ? 449 TYR A CD1   1 
ATOM   487 C  CD2   . TYR A 1 68 ? -11.647 2.435   -3.890  1.00 210.75 ? 449 TYR A CD2   1 
ATOM   488 C  CE1   . TYR A 1 68 ? -12.412 4.754   -2.611  1.00 194.98 ? 449 TYR A CE1   1 
ATOM   489 C  CE2   . TYR A 1 68 ? -12.887 2.507   -3.280  1.00 206.37 ? 449 TYR A CE2   1 
ATOM   490 C  CZ    . TYR A 1 68 ? -13.271 3.670   -2.633  1.00 189.57 ? 449 TYR A CZ    1 
ATOM   491 O  OH    . TYR A 1 68 ? -14.485 3.757   -2.024  1.00 216.89 ? 449 TYR A OH    1 
ATOM   492 N  N     . LEU A 1 69 ? -8.099  1.351   -2.634  1.00 163.85 ? 450 LEU A N     1 
ATOM   493 C  CA    . LEU A 1 69 ? -8.243  0.290   -1.597  1.00 145.10 ? 450 LEU A CA    1 
ATOM   494 C  C     . LEU A 1 69 ? -7.370  0.646   -0.390  1.00 148.65 ? 450 LEU A C     1 
ATOM   495 O  O     . LEU A 1 69 ? -7.763  0.309   0.733   1.00 170.38 ? 450 LEU A O     1 
ATOM   496 C  CB    . LEU A 1 69 ? -7.844  -1.075  -2.167  1.00 143.40 ? 450 LEU A CB    1 
ATOM   497 C  CG    . LEU A 1 69 ? -8.513  -1.497  -3.477  1.00 149.84 ? 450 LEU A CG    1 
ATOM   498 C  CD1   . LEU A 1 69 ? -8.444  -3.008  -3.646  1.00 157.85 ? 450 LEU A CD1   1 
ATOM   499 C  CD2   . LEU A 1 69 ? -9.962  -1.031  -3.555  1.00 144.10 ? 450 LEU A CD2   1 
ATOM   500 N  N     . LEU A 1 70 ? -6.234  1.304   -0.625  1.00 140.90 ? 451 LEU A N     1 
ATOM   501 C  CA    . LEU A 1 70 ? -5.287  1.774   0.425   1.00 159.52 ? 451 LEU A CA    1 
ATOM   502 C  C     . LEU A 1 70 ? -5.667  3.181   0.915   1.00 187.31 ? 451 LEU A C     1 
ATOM   503 O  O     . LEU A 1 70 ? -4.741  3.951   1.273   1.00 186.36 ? 451 LEU A O     1 
ATOM   504 C  CB    . LEU A 1 70 ? -3.870  1.766   -0.154  1.00 169.98 ? 451 LEU A CB    1 
ATOM   505 C  CG    . LEU A 1 70 ? -3.310  0.389   -0.501  1.00 194.76 ? 451 LEU A CG    1 
ATOM   506 C  CD1   . LEU A 1 70 ? -2.091  0.519   -1.403  1.00 192.83 ? 451 LEU A CD1   1 
ATOM   507 C  CD2   . LEU A 1 70 ? -2.956  -0.382  0.760   1.00 205.49 ? 451 LEU A CD2   1 
ATOM   508 N  N     . GLN A 1 71 ? -6.963  3.512   0.885   1.00 171.53 ? 452 GLN A N     1 
ATOM   509 C  CA    . GLN A 1 71 ? -7.558  4.684   1.582   1.00 158.46 ? 452 GLN A CA    1 
ATOM   510 C  C     . GLN A 1 71 ? -8.912  4.256   2.174   1.00 158.53 ? 452 GLN A C     1 
ATOM   511 O  O     . GLN A 1 71 ? -9.723  5.150   2.462   1.00 176.74 ? 452 GLN A O     1 
ATOM   512 C  CB    . GLN A 1 71 ? -7.663  5.863   0.603   1.00 173.83 ? 452 GLN A CB    1 
ATOM   513 C  CG    . GLN A 1 71 ? -7.545  7.256   1.245   1.00 165.48 ? 452 GLN A CG    1 
ATOM   514 C  CD    . GLN A 1 71 ? -6.149  7.823   1.374   1.00 204.71 ? 452 GLN A CD    1 
ATOM   515 O  OE1   . GLN A 1 71 ? -5.879  8.666   2.216   1.00 365.71 ? 452 GLN A OE1   1 
ATOM   516 N  NE2   . GLN A 1 71 ? -5.229  7.288   0.597   1.00 234.91 ? 452 GLN A NE2   1 
ATOM   517 N  N     . ASN A 1 72 ? -9.125  2.947   2.368   1.00 166.43 ? 453 ASN A N     1 
ATOM   518 C  CA    . ASN A 1 72 ? -10.437 2.331   2.728   1.00 171.04 ? 453 ASN A CA    1 
ATOM   519 C  C     . ASN A 1 72 ? -10.333 1.459   3.991   1.00 175.96 ? 453 ASN A C     1 
ATOM   520 O  O     . ASN A 1 72 ? -11.391 0.998   4.473   1.00 201.37 ? 453 ASN A O     1 
ATOM   521 C  CB    . ASN A 1 72 ? -11.004 1.502   1.573   1.00 178.63 ? 453 ASN A CB    1 
ATOM   522 C  CG    . ASN A 1 72 ? -11.684 2.345   0.513   1.00 169.23 ? 453 ASN A CG    1 
ATOM   523 O  OD1   . ASN A 1 72 ? -11.465 3.547   0.425   1.00 165.23 ? 453 ASN A OD1   1 
ATOM   524 N  ND2   . ASN A 1 72 ? -12.513 1.719   -0.292  1.00 162.27 ? 453 ASN A ND2   1 
ATOM   525 N  N     . SER A 1 73 ? -9.120  1.210   4.494   1.00 182.31 ? 454 SER A N     1 
ATOM   526 C  CA    . SER A 1 73 ? -8.875  0.690   5.864   1.00 185.67 ? 454 SER A CA    1 
ATOM   527 C  C     . SER A 1 73 ? -8.503  1.859   6.787   1.00 209.41 ? 454 SER A C     1 
ATOM   528 O  O     . SER A 1 73 ? -8.261  1.598   7.996   1.00 177.32 ? 454 SER A O     1 
ATOM   529 C  CB    . SER A 1 73 ? -7.827  -0.390  5.863   1.00 168.17 ? 454 SER A CB    1 
ATOM   530 O  OG    . SER A 1 73 ? -7.770  -1.050  7.125   1.00 145.13 ? 454 SER A OG    1 
ATOM   531 N  N     . VAL A 1 74 ? -8.486  3.080   6.231   1.00 202.01 ? 455 VAL A N     1 
ATOM   532 C  CA    . VAL A 1 74 ? -8.401  4.377   6.967   1.00 173.74 ? 455 VAL A CA    1 
ATOM   533 C  C     . VAL A 1 74 ? -9.813  4.740   7.447   1.00 189.51 ? 455 VAL A C     1 
ATOM   534 O  O     . VAL A 1 74 ? -9.929  5.625   8.322   1.00 200.94 ? 455 VAL A O     1 
ATOM   535 C  CB    . VAL A 1 74 ? -7.792  5.487   6.086   1.00 163.33 ? 455 VAL A CB    1 
ATOM   536 C  CG1   . VAL A 1 74 ? -7.557  6.783   6.857   1.00 166.93 ? 455 VAL A CG1   1 
ATOM   537 C  CG2   . VAL A 1 74 ? -6.507  5.036   5.408   1.00 157.81 ? 455 VAL A CG2   1 
ATOM   538 N  N     . LYS A 1 75 ? -10.842 4.084   6.888   1.00 193.06 ? 456 LYS A N     1 
ATOM   539 C  CA    . LYS A 1 75 ? -12.274 4.223   7.286   1.00 173.04 ? 456 LYS A CA    1 
ATOM   540 C  C     . LYS A 1 75 ? -12.396 4.102   8.809   1.00 174.45 ? 456 LYS A C     1 
ATOM   541 O  O     . LYS A 1 75 ? -13.457 3.821   9.358   1.00 168.99 ? 456 LYS A O     1 
ATOM   542 C  CB    . LYS A 1 75 ? -13.141 3.177   6.575   1.00 168.89 ? 456 LYS A CB    1 
ATOM   543 C  CG    . LYS A 1 75 ? -13.475 3.508   5.128   1.00 155.76 ? 456 LYS A CG    1 
ATOM   544 C  CD    . LYS A 1 75 ? -14.614 2.703   4.565   1.00 153.95 ? 456 LYS A CD    1 
ATOM   545 C  CE    . LYS A 1 75 ? -15.158 3.292   3.282   1.00 155.88 ? 456 LYS A CE    1 
ATOM   546 N  NZ    . LYS A 1 75 ? -16.275 2.477   2.753   1.00 156.61 ? 456 LYS A NZ    1 
ATOM   547 P  P     . DT  B 2 2  ? -24.513 -0.187  17.880  1.00 262.23 ? 31  DT  C P     1 
ATOM   548 O  OP1   . DT  B 2 2  ? -24.664 -1.286  16.887  1.00 240.62 ? 31  DT  C OP1   1 
ATOM   549 O  OP2   . DT  B 2 2  ? -25.633 0.756   18.121  1.00 242.58 ? 31  DT  C OP2   1 
ATOM   550 O  "O5'" . DT  B 2 2  ? -23.180 0.630   17.563  1.00 223.10 ? 31  DT  C "O5'" 1 
ATOM   551 C  "C5'" . DT  B 2 2  ? -21.905 -0.035  17.532  1.00 168.89 ? 31  DT  C "C5'" 1 
ATOM   552 C  "C4'" . DT  B 2 2  ? -21.331 -0.109  18.927  1.00 156.70 ? 31  DT  C "C4'" 1 
ATOM   553 O  "O4'" . DT  B 2 2  ? -21.056 -1.482  19.269  1.00 179.99 ? 31  DT  C "O4'" 1 
ATOM   554 C  "C3'" . DT  B 2 2  ? -20.010 0.623   19.115  1.00 167.13 ? 31  DT  C "C3'" 1 
ATOM   555 O  "O3'" . DT  B 2 2  ? -20.244 1.952   19.599  1.00 195.90 ? 31  DT  C "O3'" 1 
ATOM   556 C  "C2'" . DT  B 2 2  ? -19.247 -0.243  20.108  1.00 164.09 ? 31  DT  C "C2'" 1 
ATOM   557 C  "C1'" . DT  B 2 2  ? -20.063 -1.521  20.270  1.00 156.34 ? 31  DT  C "C1'" 1 
ATOM   558 N  N1    . DT  B 2 2  ? -19.320 -2.794  20.117  1.00 164.54 ? 31  DT  C N1    1 
ATOM   559 C  C2    . DT  B 2 2  ? -18.131 -2.970  20.793  1.00 145.43 ? 31  DT  C C2    1 
ATOM   560 O  O2    . DT  B 2 2  ? -17.633 -2.117  21.510  1.00 142.83 ? 31  DT  C O2    1 
ATOM   561 N  N3    . DT  B 2 2  ? -17.533 -4.189  20.584  1.00 128.38 ? 31  DT  C N3    1 
ATOM   562 C  C4    . DT  B 2 2  ? -18.001 -5.224  19.796  1.00 138.49 ? 31  DT  C C4    1 
ATOM   563 O  O4    . DT  B 2 2  ? -17.358 -6.266  19.709  1.00 142.80 ? 31  DT  C O4    1 
ATOM   564 C  C5    . DT  B 2 2  ? -19.257 -4.972  19.128  1.00 137.01 ? 31  DT  C C5    1 
ATOM   565 C  C7    . DT  B 2 2  ? -19.840 -6.038  18.255  1.00 144.05 ? 31  DT  C C7    1 
ATOM   566 C  C6    . DT  B 2 2  ? -19.848 -3.790  19.325  1.00 140.63 ? 31  DT  C C6    1 
ATOM   567 P  P     . DC  B 2 3  ? -19.707 3.246   18.777  1.00 195.28 ? 32  DC  C P     1 
ATOM   568 O  OP1   . DC  B 2 3  ? -20.548 4.415   19.150  1.00 193.13 ? 32  DC  C OP1   1 
ATOM   569 O  OP2   . DC  B 2 3  ? -19.564 2.874   17.346  1.00 197.49 ? 32  DC  C OP2   1 
ATOM   570 O  "O5'" . DC  B 2 3  ? -18.249 3.486   19.370  1.00 190.09 ? 32  DC  C "O5'" 1 
ATOM   571 C  "C5'" . DC  B 2 3  ? -17.888 3.084   20.707  1.00 204.30 ? 32  DC  C "C5'" 1 
ATOM   572 C  "C4'" . DC  B 2 3  ? -16.469 2.567   20.716  1.00 161.32 ? 32  DC  C "C4'" 1 
ATOM   573 O  "O4'" . DC  B 2 3  ? -16.455 1.160   20.349  1.00 153.83 ? 32  DC  C "O4'" 1 
ATOM   574 C  "C3'" . DC  B 2 3  ? -15.555 3.267   19.712  1.00 167.84 ? 32  DC  C "C3'" 1 
ATOM   575 O  "O3'" . DC  B 2 3  ? -14.236 3.422   20.251  1.00 181.53 ? 32  DC  C "O3'" 1 
ATOM   576 C  "C2'" . DC  B 2 3  ? -15.593 2.324   18.527  1.00 147.77 ? 32  DC  C "C2'" 1 
ATOM   577 C  "C1'" . DC  B 2 3  ? -15.610 0.977   19.226  1.00 133.71 ? 32  DC  C "C1'" 1 
ATOM   578 N  N1    . DC  B 2 3  ? -16.119 -0.172  18.451  1.00 123.91 ? 32  DC  C N1    1 
ATOM   579 C  C2    . DC  B 2 3  ? -15.686 -1.457  18.791  1.00 109.55 ? 32  DC  C C2    1 
ATOM   580 O  O2    . DC  B 2 3  ? -14.882 -1.593  19.725  1.00 117.05 ? 32  DC  C O2    1 
ATOM   581 N  N3    . DC  B 2 3  ? -16.135 -2.516  18.085  1.00 125.06 ? 32  DC  C N3    1 
ATOM   582 C  C4    . DC  B 2 3  ? -16.997 -2.329  17.085  1.00 129.66 ? 32  DC  C C4    1 
ATOM   583 N  N4    . DC  B 2 3  ? -17.419 -3.395  16.417  1.00 107.08 ? 32  DC  C N4    1 
ATOM   584 C  C5    . DC  B 2 3  ? -17.475 -1.043  16.733  1.00 113.29 ? 32  DC  C C5    1 
ATOM   585 C  C6    . DC  B 2 3  ? -17.000 0.004   17.422  1.00 130.34 ? 32  DC  C C6    1 
ATOM   586 P  P     . DA  B 2 4  ? -13.550 4.874   20.297  1.00 183.76 ? 33  DA  C P     1 
ATOM   587 O  OP1   . DA  B 2 4  ? -14.296 5.703   21.277  1.00 189.17 ? 33  DA  C OP1   1 
ATOM   588 O  OP2   . DA  B 2 4  ? -13.408 5.358   18.899  1.00 191.91 ? 33  DA  C OP2   1 
ATOM   589 O  "O5'" . DA  B 2 4  ? -12.112 4.569   20.911  1.00 189.90 ? 33  DA  C "O5'" 1 
ATOM   590 C  "C5'" . DA  B 2 4  ? -10.949 4.389   20.075  1.00 182.31 ? 33  DA  C "C5'" 1 
ATOM   591 C  "C4'" . DA  B 2 4  ? -10.179 3.164   20.511  1.00 167.19 ? 33  DA  C "C4'" 1 
ATOM   592 O  "O4'" . DA  B 2 4  ? -11.095 2.055   20.703  1.00 151.59 ? 33  DA  C "O4'" 1 
ATOM   593 C  "C3'" . DA  B 2 4  ? -9.123  2.676   19.513  1.00 147.61 ? 33  DA  C "C3'" 1 
ATOM   594 O  "O3'" . DA  B 2 4  ? -7.820  3.221   19.744  1.00 155.73 ? 33  DA  C "O3'" 1 
ATOM   595 C  "C2'" . DA  B 2 4  ? -9.197  1.162   19.632  1.00 144.79 ? 33  DA  C "C2'" 1 
ATOM   596 C  "C1'" . DA  B 2 4  ? -10.661 0.924   19.962  1.00 137.92 ? 33  DA  C "C1'" 1 
ATOM   597 N  N9    . DA  B 2 4  ? -11.536 0.786   18.802  1.00 120.87 ? 33  DA  C N9    1 
ATOM   598 C  C8    . DA  B 2 4  ? -12.400 1.712   18.274  1.00 137.29 ? 33  DA  C C8    1 
ATOM   599 N  N7    . DA  B 2 4  ? -13.064 1.283   17.231  1.00 132.35 ? 33  DA  C N7    1 
ATOM   600 C  C5    . DA  B 2 4  ? -12.615 -0.017  17.064  1.00 130.35 ? 33  DA  C C5    1 
ATOM   601 C  C6    . DA  B 2 4  ? -12.937 -1.016  16.130  1.00 122.69 ? 33  DA  C C6    1 
ATOM   602 N  N6    . DA  B 2 4  ? -13.829 -0.854  15.149  1.00 128.25 ? 33  DA  C N6    1 
ATOM   603 N  N1    . DA  B 2 4  ? -12.295 -2.198  16.231  1.00 137.31 ? 33  DA  C N1    1 
ATOM   604 C  C2    . DA  B 2 4  ? -11.392 -2.356  17.210  1.00 129.72 ? 33  DA  C C2    1 
ATOM   605 N  N3    . DA  B 2 4  ? -11.014 -1.498  18.151  1.00 128.62 ? 33  DA  C N3    1 
ATOM   606 C  C4    . DA  B 2 4  ? -11.665 -0.331  18.018  1.00 121.17 ? 33  DA  C C4    1 
ATOM   607 P  P     . DG  B 2 5  ? -6.987  2.916   21.085  1.00 177.00 ? 34  DG  C P     1 
ATOM   608 O  OP1   . DG  B 2 5  ? -7.942  2.753   22.210  1.00 185.63 ? 34  DG  C OP1   1 
ATOM   609 O  OP2   . DG  B 2 5  ? -5.879  3.923   21.174  1.00 196.63 ? 34  DG  C OP2   1 
ATOM   610 O  "O5'" . DG  B 2 5  ? -6.347  1.484   20.815  1.00 168.56 ? 34  DG  C "O5'" 1 
ATOM   611 C  "C5'" . DG  B 2 5  ? -5.127  1.344   20.074  1.00 161.40 ? 34  DG  C "C5'" 1 
ATOM   612 C  "C4'" . DG  B 2 5  ? -5.198  0.108   19.209  1.00 159.53 ? 34  DG  C "C4'" 1 
ATOM   613 O  "O4'" . DG  B 2 5  ? -6.533  -0.031  18.674  1.00 154.87 ? 34  DG  C "O4'" 1 
ATOM   614 C  "C3'" . DG  B 2 5  ? -4.268  0.137   18.000  1.00 162.65 ? 34  DG  C "C3'" 1 
ATOM   615 O  "O3'" . DG  B 2 5  ? -3.050  -0.546  18.313  1.00 172.51 ? 34  DG  C "O3'" 1 
ATOM   616 C  "C2'" . DG  B 2 5  ? -5.073  -0.537  16.899  1.00 146.56 ? 34  DG  C "C2'" 1 
ATOM   617 C  "C1'" . DG  B 2 5  ? -6.465  -0.766  17.470  1.00 130.01 ? 34  DG  C "C1'" 1 
ATOM   618 N  N9    . DG  B 2 5  ? -7.554  -0.316  16.612  1.00 118.48 ? 34  DG  C N9    1 
ATOM   619 C  C8    . DG  B 2 5  ? -8.006  0.969   16.439  1.00 124.65 ? 34  DG  C C8    1 
ATOM   620 N  N7    . DG  B 2 5  ? -9.018  1.049   15.619  1.00 117.16 ? 34  DG  C N7    1 
ATOM   621 C  C5    . DG  B 2 5  ? -9.235  -0.259  15.217  1.00 115.48 ? 34  DG  C C5    1 
ATOM   622 C  C6    . DG  B 2 5  ? -10.194 -0.792  14.323  1.00 118.68 ? 34  DG  C C6    1 
ATOM   623 O  O6    . DG  B 2 5  ? -11.075 -0.197  13.695  1.00 109.02 ? 34  DG  C O6    1 
ATOM   624 N  N1    . DG  B 2 5  ? -10.066 -2.174  14.200  1.00 128.00 ? 34  DG  C N1    1 
ATOM   625 C  C2    . DG  B 2 5  ? -9.134  -2.940  14.855  1.00 128.01 ? 34  DG  C C2    1 
ATOM   626 N  N2    . DG  B 2 5  ? -9.165  -4.259  14.607  1.00 133.63 ? 34  DG  C N2    1 
ATOM   627 N  N3    . DG  B 2 5  ? -8.230  -2.449  15.688  1.00 126.71 ? 34  DG  C N3    1 
ATOM   628 C  C4    . DG  B 2 5  ? -8.339  -1.113  15.820  1.00 113.39 ? 34  DG  C C4    1 
ATOM   629 P  P     . DC  B 2 6  ? -1.973  -0.849  17.163  1.00 189.77 ? 35  DC  C P     1 
ATOM   630 O  OP1   . DC  B 2 6  ? -0.623  -0.832  17.784  1.00 193.66 ? 35  DC  C OP1   1 
ATOM   631 O  OP2   . DC  B 2 6  ? -2.254  0.059   16.009  1.00 195.87 ? 35  DC  C OP2   1 
ATOM   632 O  "O5'" . DC  B 2 6  ? -2.309  -2.359  16.778  1.00 160.95 ? 35  DC  C "O5'" 1 
ATOM   633 C  "C5'" . DC  B 2 6  ? -1.933  -2.893  15.502  1.00 169.24 ? 35  DC  C "C5'" 1 
ATOM   634 C  "C4'" . DC  B 2 6  ? -2.840  -4.038  15.130  1.00 166.71 ? 35  DC  C "C4'" 1 
ATOM   635 O  "O4'" . DC  B 2 6  ? -4.218  -3.610  15.146  1.00 153.82 ? 35  DC  C "O4'" 1 
ATOM   636 C  "C3'" . DC  B 2 6  ? -2.566  -4.615  13.742  1.00 183.28 ? 35  DC  C "C3'" 1 
ATOM   637 O  "O3'" . DC  B 2 6  ? -2.346  -6.028  13.819  1.00 190.28 ? 35  DC  C "O3'" 1 
ATOM   638 C  "C2'" . DC  B 2 6  ? -3.773  -4.227  12.904  1.00 176.20 ? 35  DC  C "C2'" 1 
ATOM   639 C  "C1'" . DC  B 2 6  ? -4.838  -3.766  13.880  1.00 161.01 ? 35  DC  C "C1'" 1 
ATOM   640 N  N1    . DC  B 2 6  ? -5.449  -2.482  13.525  1.00 149.84 ? 35  DC  C N1    1 
ATOM   641 C  C2    . DC  B 2 6  ? -6.639  -2.467  12.787  1.00 150.20 ? 35  DC  C C2    1 
ATOM   642 O  O2    . DC  B 2 6  ? -7.146  -3.544  12.439  1.00 148.29 ? 35  DC  C O2    1 
ATOM   643 N  N3    . DC  B 2 6  ? -7.207  -1.278  12.475  1.00 143.41 ? 35  DC  C N3    1 
ATOM   644 C  C4    . DC  B 2 6  ? -6.631  -0.140  12.869  1.00 149.89 ? 35  DC  C C4    1 
ATOM   645 N  N4    . DC  B 2 6  ? -7.216  1.011   12.533  1.00 144.45 ? 35  DC  C N4    1 
ATOM   646 C  C5    . DC  B 2 6  ? -5.413  -0.128  13.608  1.00 151.53 ? 35  DC  C C5    1 
ATOM   647 C  C6    . DC  B 2 6  ? -4.862  -1.309  13.911  1.00 150.57 ? 35  DC  C C6    1 
ATOM   648 P  P     . DC  B 2 7  ? -0.915  -6.595  14.250  1.00 195.75 ? 36  DC  C P     1 
ATOM   649 O  OP1   . DC  B 2 7  ? -0.914  -8.057  13.953  1.00 189.47 ? 36  DC  C OP1   1 
ATOM   650 O  OP2   . DC  B 2 7  ? -0.663  -6.158  15.648  1.00 193.23 ? 36  DC  C OP2   1 
ATOM   651 O  "O5'" . DC  B 2 7  ? 0.102   -5.799  13.305  1.00 187.69 ? 36  DC  C "O5'" 1 
ATOM   652 C  "C5'" . DC  B 2 7  ? 0.788   -6.455  12.219  1.00 165.82 ? 36  DC  C "C5'" 1 
ATOM   653 C  "C4'" . DC  B 2 7  ? 1.952   -5.632  11.723  1.00 161.30 ? 36  DC  C "C4'" 1 
ATOM   654 O  "O4'" . DC  B 2 7  ? 1.667   -4.219  11.813  1.00 162.59 ? 36  DC  C "O4'" 1 
ATOM   655 C  "C3'" . DC  B 2 7  ? 3.265   -5.842  12.482  1.00 156.04 ? 36  DC  C "C3'" 1 
ATOM   656 O  "O3'" . DC  B 2 7  ? 4.190   -6.570  11.674  1.00 169.87 ? 36  DC  C "O3'" 1 
ATOM   657 C  "C2'" . DC  B 2 7  ? 3.777   -4.434  12.751  1.00 156.96 ? 36  DC  C "C2'" 1 
ATOM   658 C  "C1'" . DC  B 2 7  ? 2.908   -3.558  11.869  1.00 157.32 ? 36  DC  C "C1'" 1 
ATOM   659 N  N1    . DC  B 2 7  ? 2.689   -2.191  12.366  1.00 177.89 ? 36  DC  C N1    1 
ATOM   660 C  C2    . DC  B 2 7  ? 3.739   -1.268  12.271  1.00 186.14 ? 36  DC  C C2    1 
ATOM   661 O  O2    . DC  B 2 7  ? 4.816   -1.629  11.771  1.00 186.75 ? 36  DC  C O2    1 
ATOM   662 N  N3    . DC  B 2 7  ? 3.557   -0.007  12.726  1.00 172.74 ? 36  DC  C N3    1 
ATOM   663 C  C4    . DC  B 2 7  ? 2.385   0.345   13.259  1.00 167.89 ? 36  DC  C C4    1 
ATOM   664 N  N4    . DC  B 2 7  ? 2.252   1.602   13.692  1.00 147.23 ? 36  DC  C N4    1 
ATOM   665 C  C5    . DC  B 2 7  ? 1.300   -0.576  13.371  1.00 161.76 ? 36  DC  C C5    1 
ATOM   666 C  C6    . DC  B 2 7  ? 1.492   -1.819  12.913  1.00 150.65 ? 36  DC  C C6    1 
ATOM   667 P  P     . DT  B 2 8  ? 4.210   -8.172  11.710  1.00 184.67 ? 37  DT  C P     1 
ATOM   668 O  OP1   . DT  B 2 8  ? 3.950   -8.611  13.103  1.00 200.65 ? 37  DT  C OP1   1 
ATOM   669 O  OP2   . DT  B 2 8  ? 5.454   -8.618  11.029  1.00 190.47 ? 37  DT  C OP2   1 
ATOM   670 O  "O5'" . DT  B 2 8  ? 2.954   -8.584  10.814  1.00 162.88 ? 37  DT  C "O5'" 1 
ATOM   671 C  "C5'" . DT  B 2 8  ? 2.950   -9.814  10.050  1.00 178.89 ? 37  DT  C "C5'" 1 
ATOM   672 C  "C4'" . DT  B 2 8  ? 2.378   -9.587  8.670   1.00 176.63 ? 37  DT  C "C4'" 1 
ATOM   673 O  "O4'" . DT  B 2 8  ? 2.158   -8.172  8.469   1.00 194.16 ? 37  DT  C "O4'" 1 
ATOM   674 C  "C3'" . DT  B 2 8  ? 3.261   -10.032 7.509   1.00 174.09 ? 37  DT  C "C3'" 1 
ATOM   675 O  "O3'" . DT  B 2 8  ? 2.978   -11.390 7.158   1.00 182.51 ? 37  DT  C "O3'" 1 
ATOM   676 C  "C2'" . DT  B 2 8  ? 2.844   -9.096  6.388   1.00 183.37 ? 37  DT  C "C2'" 1 
ATOM   677 C  "C1'" . DT  B 2 8  ? 2.372   -7.828  7.102   1.00 181.22 ? 37  DT  C "C1'" 1 
ATOM   678 N  N1    . DT  B 2 8  ? 3.327   -6.697  7.059   1.00 147.42 ? 37  DT  C N1    1 
ATOM   679 C  C2    . DT  B 2 8  ? 3.310   -5.876  5.961   1.00 143.04 ? 37  DT  C C2    1 
ATOM   680 O  O2    . DT  B 2 8  ? 2.550   -6.042  5.025   1.00 146.98 ? 37  DT  C O2    1 
ATOM   681 N  N3    . DT  B 2 8  ? 4.224   -4.852  5.993   1.00 146.38 ? 37  DT  C N3    1 
ATOM   682 C  C4    . DT  B 2 8  ? 5.132   -4.577  6.998   1.00 159.40 ? 37  DT  C C4    1 
ATOM   683 O  O4    . DT  B 2 8  ? 5.907   -3.629  6.891   1.00 171.43 ? 37  DT  C O4    1 
ATOM   684 C  C5    . DT  B 2 8  ? 5.087   -5.476  8.126   1.00 147.36 ? 37  DT  C C5    1 
ATOM   685 C  C7    . DT  B 2 8  ? 6.033   -5.257  9.264   1.00 193.95 ? 37  DT  C C7    1 
ATOM   686 C  C6    . DT  B 2 8  ? 4.200   -6.479  8.100   1.00 159.42 ? 37  DT  C C6    1 
ATOM   687 P  P     . DC  B 2 9  ? 4.133   -12.380 6.641   1.00 157.64 ? 38  DC  C P     1 
ATOM   688 O  OP1   . DC  B 2 9  ? 3.736   -13.775 7.046   1.00 172.64 ? 38  DC  C OP1   1 
ATOM   689 O  OP2   . DC  B 2 9  ? 5.445   -11.808 7.008   1.00 245.77 ? 38  DC  C OP2   1 
ATOM   690 O  "O5'" . DC  B 2 9  ? 3.991   -12.325 5.062   1.00 168.85 ? 38  DC  C "O5'" 1 
ATOM   691 C  "C5'" . DC  B 2 9  ? 4.797   -13.157 4.202   1.00 176.98 ? 38  DC  C "C5'" 1 
ATOM   692 C  "C4'" . DC  B 2 9  ? 4.672   -12.699 2.769   1.00 171.38 ? 38  DC  C "C4'" 1 
ATOM   693 O  "O4'" . DC  B 2 9  ? 3.950   -11.442 2.719   1.00 176.33 ? 38  DC  C "O4'" 1 
ATOM   694 C  "C3'" . DC  B 2 9  ? 5.996   -12.422 2.058   1.00 166.29 ? 38  DC  C "C3'" 1 
ATOM   695 O  "O3'" . DC  B 2 9  ? 6.551   -13.568 1.418   1.00 161.93 ? 38  DC  C "O3'" 1 
ATOM   696 C  "C2'" . DC  B 2 9  ? 5.605   -11.385 1.025   1.00 177.21 ? 38  DC  C "C2'" 1 
ATOM   697 C  "C1'" . DC  B 2 9  ? 4.528   -10.579 1.742   1.00 174.13 ? 38  DC  C "C1'" 1 
ATOM   698 N  N1    . DC  B 2 9  ? 5.041   -9.385  2.432   1.00 185.92 ? 38  DC  C N1    1 
ATOM   699 C  C2    . DC  B 2 9  ? 5.136   -8.186  1.716   1.00 199.20 ? 38  DC  C C2    1 
ATOM   700 O  O2    . DC  B 2 9  ? 4.769   -8.164  0.531   1.00 199.48 ? 38  DC  C O2    1 
ATOM   701 N  N3    . DC  B 2 9  ? 5.621   -7.085  2.334   1.00 218.45 ? 38  DC  C N3    1 
ATOM   702 C  C4    . DC  B 2 9  ? 6.009   -7.153  3.609   1.00 194.02 ? 38  DC  C C4    1 
ATOM   703 N  N4    . DC  B 2 9  ? 6.485   -6.044  4.178   1.00 178.02 ? 38  DC  C N4    1 
ATOM   704 C  C5    . DC  B 2 9  ? 5.936   -8.365  4.357   1.00 177.13 ? 38  DC  C C5    1 
ATOM   705 C  C6    . DC  B 2 9  ? 5.455   -9.447  3.734   1.00 174.05 ? 38  DC  C C6    1 
HETATM 706 NA NA    . NA  C 3 .  ? -12.557 -0.180  -6.199  0.50 107.89 ? 500 NA  A NA    1 
HETATM 707 O  O     . HOH D 4 .  ? 12.403  8.256   13.750  1.00 103.69 ? 601 HOH A O     1 
HETATM 708 O  O     . HOH D 4 .  ? -5.852  9.503   -2.443  1.00 457.39 ? 602 HOH A O     1 
HETATM 709 O  O     . HOH D 4 .  ? 18.530  3.788   12.452  1.00 106.73 ? 603 HOH A O     1 
HETATM 710 O  O     . HOH D 4 .  ? -6.992  11.801  -0.495  1.00 76.14  ? 604 HOH A O     1 
HETATM 711 O  O     . HOH D 4 .  ? 11.516  -11.325 -4.816  1.00 120.41 ? 605 HOH A O     1 
HETATM 712 O  O     . HOH D 4 .  ? 16.232  -13.130 -0.101  1.00 262.07 ? 606 HOH A O     1 
HETATM 713 O  O     . HOH D 4 .  ? 0.057   -21.573 -0.228  1.00 132.34 ? 607 HOH A O     1 
HETATM 714 O  O     . HOH E 4 .  ? 4.765   -16.070 -1.788  1.00 120.48 ? 101 HOH C O     1 
HETATM 715 O  O     . HOH E 4 .  ? 9.554   -17.721 -0.474  1.00 122.05 ? 102 HOH C O     1 
HETATM 716 O  O     . HOH E 4 .  ? 2.903   -19.810 -1.522  1.00 135.19 ? 103 HOH C O     1 
HETATM 717 O  O     . HOH E 4 .  ? -1.108  -32.068 6.525   1.00 297.08 ? 104 HOH C O     1 
# 
loop_
_atom_site_anisotrop.id 
_atom_site_anisotrop.type_symbol 
_atom_site_anisotrop.pdbx_label_atom_id 
_atom_site_anisotrop.pdbx_label_alt_id 
_atom_site_anisotrop.pdbx_label_comp_id 
_atom_site_anisotrop.pdbx_label_asym_id 
_atom_site_anisotrop.pdbx_label_seq_id 
_atom_site_anisotrop.pdbx_PDB_ins_code 
_atom_site_anisotrop.U[1][1] 
_atom_site_anisotrop.U[2][2] 
_atom_site_anisotrop.U[3][3] 
_atom_site_anisotrop.U[1][2] 
_atom_site_anisotrop.U[1][3] 
_atom_site_anisotrop.U[2][3] 
_atom_site_anisotrop.pdbx_auth_seq_id 
_atom_site_anisotrop.pdbx_auth_comp_id 
_atom_site_anisotrop.pdbx_auth_asym_id 
_atom_site_anisotrop.pdbx_auth_atom_id 
1   N  N     . GLY A 4  ? 1.0026 2.5225 2.0406 -0.5473 0.5811  0.9931  385 GLY A N     
2   C  CA    . GLY A 4  ? 0.5908 2.7104 2.2844 -0.3749 0.5226  0.8404  385 GLY A CA    
3   C  C     . GLY A 4  ? 0.8988 2.3184 2.4291 -0.3830 0.0361  0.6756  385 GLY A C     
4   O  O     . GLY A 4  ? 1.3898 2.3199 2.0387 -0.3233 0.5142  0.8065  385 GLY A O     
5   N  N     . PRO A 5  ? 1.6552 2.2199 2.4139 -0.6730 -0.2172 0.5069  386 PRO A N     
6   C  CA    . PRO A 5  ? 1.6516 1.5912 2.1354 -0.8790 -0.1129 0.7736  386 PRO A CA    
7   C  C     . PRO A 5  ? 1.9244 1.5867 2.1196 -0.7844 -0.1732 0.7215  386 PRO A C     
8   O  O     . PRO A 5  ? 2.1437 1.6874 1.7368 -0.5543 -0.2107 0.7865  386 PRO A O     
9   C  CB    . PRO A 5  ? 1.2515 1.9869 2.0419 -1.1213 0.1365  0.7456  386 PRO A CB    
10  C  CG    . PRO A 5  ? 1.5562 1.8248 2.3347 -1.0864 0.0648  0.6621  386 PRO A CG    
11  C  CD    . PRO A 5  ? 1.2888 2.0168 2.3688 -0.9414 -0.0094 0.4652  386 PRO A CD    
12  N  N     . ILE A 6  ? 1.7028 1.1128 2.0510 -1.1091 0.0260  0.8661  387 ILE A N     
13  C  CA    . ILE A 6  ? 2.1005 0.9832 2.1651 -0.8371 0.2927  1.0494  387 ILE A CA    
14  C  C     . ILE A 6  ? 1.5636 1.5016 2.0127 -0.7191 0.3607  0.5604  387 ILE A C     
15  O  O     . ILE A 6  ? 1.4039 2.1384 2.3354 -0.6496 0.3172  0.7061  387 ILE A O     
16  C  CB    . ILE A 6  ? 2.6914 0.8478 2.3381 -0.6012 0.1976  1.0827  387 ILE A CB    
17  C  CG1   . ILE A 6  ? 3.0531 1.0345 2.4131 -0.2885 -0.0039 0.7317  387 ILE A CG1   
18  C  CG2   . ILE A 6  ? 2.6108 0.9415 2.1320 -0.6299 0.0648  0.5971  387 ILE A CG2   
19  C  CD1   . ILE A 6  ? 3.4369 1.8588 2.0236 0.0017  -0.0668 0.5323  387 ILE A CD1   
20  N  N     . ILE A 7  ? 1.6412 1.5306 1.6426 -0.6869 0.3795  0.6118  388 ILE A N     
21  C  CA    . ILE A 7  ? 1.4384 1.3878 1.6333 -0.7160 0.3990  0.6885  388 ILE A CA    
22  C  C     . ILE A 7  ? 1.4816 1.1475 1.6458 -0.7403 0.2404  0.7917  388 ILE A C     
23  O  O     . ILE A 7  ? 1.5041 1.2710 1.5368 -0.6364 0.1258  0.8752  388 ILE A O     
24  C  CB    . ILE A 7  ? 1.2453 1.3446 1.7657 -0.8463 0.4844  0.7608  388 ILE A CB    
25  C  CG1   . ILE A 7  ? 1.3062 1.8074 1.9416 -0.6409 0.5571  0.5804  388 ILE A CG1   
26  C  CG2   . ILE A 7  ? 1.4058 1.3872 1.8588 -0.9688 0.5354  0.7111  388 ILE A CG2   
27  C  CD1   . ILE A 7  ? 1.2474 1.8506 2.2037 -0.6778 0.6086  0.6518  388 ILE A CD1   
28  N  N     . THR A 8  ? 1.4552 1.1679 1.7026 -0.7426 0.2843  0.7880  389 THR A N     
29  C  CA    . THR A 8  ? 1.4792 1.3467 1.5921 -0.5057 0.3360  0.8082  389 THR A CA    
30  C  C     . THR A 8  ? 1.3620 1.4722 1.3114 -0.5254 0.5545  0.6768  389 THR A C     
31  O  O     . THR A 8  ? 1.7119 1.4969 1.5525 -0.5185 0.7184  0.7854  389 THR A O     
32  C  CB    . THR A 8  ? 1.4838 1.2014 1.6309 -0.5612 0.2842  0.7648  389 THR A CB    
33  O  OG1   . THR A 8  ? 1.8343 1.2209 1.9084 -0.7475 0.5344  1.0411  389 THR A OG1   
34  C  CG2   . THR A 8  ? 1.3702 1.4723 1.6950 -0.7634 0.4186  0.5913  389 THR A CG2   
35  N  N     . THR A 9  ? 1.2219 1.2759 1.2244 -0.6606 0.3830  0.7895  390 THR A N     
36  C  CA    . THR A 9  ? 1.3257 1.3886 1.4978 -0.5403 0.1965  0.6553  390 THR A CA    
37  C  C     . THR A 9  ? 1.3752 0.9759 1.4695 -0.7692 0.3094  0.6914  390 THR A C     
38  O  O     . THR A 9  ? 1.3034 1.1267 1.6434 -0.8096 0.3780  0.7332  390 THR A O     
39  C  CB    . THR A 9  ? 1.2246 1.6270 1.4098 -0.7039 0.2503  0.6120  390 THR A CB    
40  O  OG1   . THR A 9  ? 1.6253 1.8759 1.1366 -0.5356 0.2462  0.6797  390 THR A OG1   
41  C  CG2   . THR A 9  ? 1.2169 1.6353 1.4313 -0.7104 0.4093  0.6826  390 THR A CG2   
42  N  N     . GLN A 10 ? 1.6733 0.9365 1.4359 -0.5356 0.3536  0.5525  391 GLN A N     
43  C  CA    . GLN A 10 ? 1.7010 0.9117 1.4241 -0.3781 0.3725  0.5680  391 GLN A CA    
44  C  C     . GLN A 10 ? 1.6308 1.2829 1.5624 -0.3338 0.6072  0.5831  391 GLN A C     
45  O  O     . GLN A 10 ? 1.6762 1.2692 2.0608 -0.3525 0.6823  0.5527  391 GLN A O     
46  C  CB    . GLN A 10 ? 1.5845 0.8739 1.5093 -0.2387 0.2968  0.5412  391 GLN A CB    
47  C  CG    . GLN A 10 ? 1.6303 0.8283 1.6579 -0.2626 0.2717  0.4351  391 GLN A CG    
48  C  CD    . GLN A 10 ? 1.6972 0.7504 1.8247 -0.3591 0.2575  0.4864  391 GLN A CD    
49  O  OE1   . GLN A 10 ? 1.9440 0.8973 1.7190 -0.3862 0.2342  0.3370  391 GLN A OE1   
50  N  NE2   . GLN A 10 ? 1.8026 0.8152 1.7622 -0.3036 0.1763  0.6250  391 GLN A NE2   
51  N  N     . VAL A 11 ? 1.5648 0.8440 1.6632 -0.6301 0.3509  0.8172  392 VAL A N     
52  C  CA    . VAL A 11 ? 1.6555 0.9638 1.7298 -0.6451 0.4835  0.8669  392 VAL A CA    
53  C  C     . VAL A 11 ? 1.7315 1.0094 1.8229 -0.6141 0.4252  0.9932  392 VAL A C     
54  O  O     . VAL A 11 ? 1.9157 0.8603 2.1321 -0.5899 0.4520  1.0101  392 VAL A O     
55  C  CB    . VAL A 11 ? 1.5272 0.8494 1.4714 -0.3570 0.2506  0.9269  392 VAL A CB    
56  C  CG1   . VAL A 11 ? 1.9509 1.2129 1.4050 -0.1119 0.2912  0.6356  392 VAL A CG1   
57  C  CG2   . VAL A 11 ? 1.8792 1.0790 1.3012 -0.4543 0.2780  0.9539  392 VAL A CG2   
58  N  N     . THR A 12 ? 1.6465 1.2526 1.6736 -0.5382 0.6341  1.0253  393 THR A N     
59  C  CA    . THR A 12 ? 2.1652 1.3458 1.5173 -0.4385 0.6584  1.1441  393 THR A CA    
60  C  C     . THR A 12 ? 2.1510 0.9662 1.6606 -0.2635 0.6457  1.0822  393 THR A C     
61  O  O     . THR A 12 ? 3.0681 1.5561 1.3368 -0.1045 0.3666  1.3868  393 THR A O     
62  C  CB    . THR A 12 ? 1.9858 1.3732 1.8198 -0.5119 0.6629  0.8431  393 THR A CB    
63  O  OG1   . THR A 12 ? 2.3918 1.8394 1.9656 -0.1690 0.1909  0.8106  393 THR A OG1   
64  C  CG2   . THR A 12 ? 2.1923 1.5060 1.8478 -0.0794 0.3458  0.8714  393 THR A CG2   
65  N  N     . ILE A 13 ? 2.6364 1.1773 1.3608 -0.2553 0.4924  0.9864  394 ILE A N     
66  C  CA    . ILE A 13 ? 2.6048 1.1583 1.6085 -0.3864 0.5070  0.8333  394 ILE A CA    
67  C  C     . ILE A 13 ? 2.8096 1.3879 1.7949 -0.0655 0.3237  0.6510  394 ILE A C     
68  O  O     . ILE A 13 ? 2.2986 1.2447 1.7002 -0.5182 0.8041  1.0717  394 ILE A O     
69  C  CB    . ILE A 13 ? 2.8272 0.7334 1.9312 -0.3734 0.2501  0.7194  394 ILE A CB    
70  C  CG1   . ILE A 13 ? 2.6350 0.6207 1.9323 -0.5898 0.3301  0.8287  394 ILE A CG1   
71  C  CG2   . ILE A 13 ? 2.5702 0.4402 2.1081 -0.7733 0.3134  0.5079  394 ILE A CG2   
72  C  CD1   . ILE A 13 ? 2.3551 1.1978 2.0899 -0.7798 0.1734  0.6500  394 ILE A CD1   
73  N  N     . PRO A 14 ? 3.0979 1.4089 1.7747 0.0140  0.3683  0.5440  395 PRO A N     
74  C  CA    . PRO A 14 ? 2.9789 1.3329 1.8315 -0.0712 0.3564  0.4020  395 PRO A CA    
75  C  C     . PRO A 14 ? 3.1271 1.1887 2.1650 -0.3906 0.2359  0.3912  395 PRO A C     
76  O  O     . PRO A 14 ? 3.1985 1.0742 2.2802 -0.6863 0.8687  0.6458  395 PRO A O     
77  C  CB    . PRO A 14 ? 3.0634 1.0657 1.7875 -0.0505 0.4068  0.5083  395 PRO A CB    
78  C  CG    . PRO A 14 ? 3.1189 0.4938 1.9185 -0.1716 0.5405  0.4997  395 PRO A CG    
79  C  CD    . PRO A 14 ? 3.1580 1.0567 1.7794 -0.0082 0.5817  0.3252  395 PRO A CD    
80  N  N     . LYS A 15 ? 3.1941 1.6935 2.2840 -0.6968 0.1383  0.1537  396 LYS A N     
81  C  CA    . LYS A 15 ? 2.9851 1.3973 2.1163 -1.0631 0.1672  0.1316  396 LYS A CA    
82  C  C     . LYS A 15 ? 3.3765 1.5558 2.2146 -0.9771 0.5538  0.0494  396 LYS A C     
83  O  O     . LYS A 15 ? 3.7846 1.5846 2.4565 -0.3243 0.4464  -0.0587 396 LYS A O     
84  C  CB    . LYS A 15 ? 2.9228 1.7688 2.1928 -0.8438 0.0048  0.1241  396 LYS A CB    
85  C  CG    . LYS A 15 ? 2.3441 1.8619 2.2534 -0.8804 -0.1137 0.0259  396 LYS A CG    
86  C  CD    . LYS A 15 ? 2.3435 1.1479 2.6708 -1.0477 0.2297  0.1833  396 LYS A CD    
87  C  CE    . LYS A 15 ? 1.9366 0.9039 2.9245 -1.3078 0.1670  0.0689  396 LYS A CE    
88  N  NZ    . LYS A 15 ? 1.5474 0.9894 3.7795 -1.2296 0.3793  -0.2158 396 LYS A NZ    
89  N  N     . ASP A 16 ? 3.6050 1.1996 2.1103 -1.0615 0.4703  -0.2444 397 ASP A N     
90  C  CA    . ASP A 16 ? 3.2591 1.2888 2.5490 -1.1197 0.3999  -0.4098 397 ASP A CA    
91  C  C     . ASP A 16 ? 3.0184 0.9251 2.5484 -1.4109 0.5421  -0.0028 397 ASP A C     
92  O  O     . ASP A 16 ? 3.6893 1.1494 3.2956 -1.8210 0.6857  0.5368  397 ASP A O     
93  C  CB    . ASP A 16 ? 3.6094 1.5519 2.7309 -0.6646 0.1710  -0.5674 397 ASP A CB    
94  C  CG    . ASP A 16 ? 3.2871 2.0248 3.5129 -0.8802 0.2884  -0.1043 397 ASP A CG    
95  O  OD1   . ASP A 16 ? 2.3364 1.9329 3.6415 -1.4208 0.1597  0.0476  397 ASP A OD1   
96  O  OD2   . ASP A 16 ? 2.8746 1.9128 3.8486 -1.0797 0.0906  0.0702  397 ASP A OD2   
97  N  N     . LEU A 17 ? 3.0629 1.2217 2.2562 -0.8818 0.4460  0.2598  398 LEU A N     
98  C  CA    . LEU A 17 ? 3.3469 1.0671 1.9787 -0.7812 0.3707  0.1046  398 LEU A CA    
99  C  C     . LEU A 17 ? 3.3720 1.2080 2.1183 -0.5375 0.4464  0.3132  398 LEU A C     
100 O  O     . LEU A 17 ? 3.4185 1.4527 1.5928 -0.5731 0.3481  0.6976  398 LEU A O     
101 C  CB    . LEU A 17 ? 3.4042 0.2985 2.5198 -0.4202 0.3067  -0.0105 398 LEU A CB    
102 C  CG    . LEU A 17 ? 2.9795 0.9255 2.6469 -0.2731 0.5699  0.1120  398 LEU A CG    
103 C  CD1   . LEU A 17 ? 3.0228 1.5163 2.5034 -0.4362 0.3713  0.1969  398 LEU A CD1   
104 C  CD2   . LEU A 17 ? 3.5041 0.5123 3.0514 -1.0911 0.3384  0.5767  398 LEU A CD2   
105 N  N     . ALA A 18 ? 3.2146 0.9099 2.3279 -0.6985 0.4507  0.3487  399 ALA A N     
106 C  CA    . ALA A 18 ? 3.1472 0.7913 2.4060 -0.6939 0.5588  0.6199  399 ALA A CA    
107 C  C     . ALA A 18 ? 3.1401 0.8394 2.1341 -0.6846 0.7671  0.4679  399 ALA A C     
108 O  O     . ALA A 18 ? 2.7184 1.4556 1.8777 -0.6543 0.9555  0.2490  399 ALA A O     
109 C  CB    . ALA A 18 ? 3.1937 0.7922 2.8518 -0.7728 0.3053  0.5036  399 ALA A CB    
110 N  N     . GLY A 19 ? 2.9092 1.4690 2.1636 -0.7835 0.8314  0.5748  400 GLY A N     
111 C  CA    . GLY A 19 ? 2.9968 1.6297 2.0964 -0.7282 1.0735  0.6410  400 GLY A CA    
112 C  C     . GLY A 19 ? 3.1106 1.1859 2.1483 -0.7084 1.0247  0.7706  400 GLY A C     
113 O  O     . GLY A 19 ? 3.6265 1.8207 3.0945 -0.6860 1.4856  1.3634  400 GLY A O     
114 N  N     . SER A 20 ? 3.0280 1.6143 1.8651 -0.2168 0.8893  1.0006  401 SER A N     
115 C  CA    . SER A 20 ? 3.1042 1.4334 1.9696 -0.2355 0.7947  1.1905  401 SER A CA    
116 C  C     . SER A 20 ? 2.7493 1.4738 1.8610 -0.2929 0.7010  1.3238  401 SER A C     
117 O  O     . SER A 20 ? 3.4733 1.7633 2.5270 -0.1650 1.1581  1.5965  401 SER A O     
118 C  CB    . SER A 20 ? 2.6270 1.4404 1.5669 -0.3409 1.0954  0.9981  401 SER A CB    
119 O  OG    . SER A 20 ? 2.7149 0.9088 2.2049 -0.7236 0.6998  0.9621  401 SER A OG    
120 N  N     . ILE A 21 ? 2.7611 2.0049 1.7990 0.0750  0.7780  1.3256  402 ILE A N     
121 C  CA    . ILE A 21 ? 2.5096 1.8886 1.8792 -0.2284 0.8768  1.4670  402 ILE A CA    
122 C  C     . ILE A 21 ? 2.5089 1.6766 2.1106 -0.5066 0.9049  1.4761  402 ILE A C     
123 O  O     . ILE A 21 ? 2.4037 2.2754 2.1087 -0.8243 1.2108  1.2940  402 ILE A O     
124 C  CB    . ILE A 21 ? 2.5503 1.9039 2.3844 -0.2485 0.9412  1.6891  402 ILE A CB    
125 C  CG1   . ILE A 21 ? 2.5880 1.7052 2.1733 -0.2974 1.1772  1.5049  402 ILE A CG1   
126 C  CG2   . ILE A 21 ? 2.2372 1.8937 2.9333 -0.3341 0.9554  1.2519  402 ILE A CG2   
127 C  CD1   . ILE A 21 ? 3.5178 1.3693 2.4011 -0.0972 0.3503  1.7820  402 ILE A CD1   
128 N  N     . ILE A 22 ? 2.3984 1.3590 2.2020 -0.5430 0.7203  1.2510  403 ILE A N     
129 C  CA    . ILE A 22 ? 2.6002 1.1182 2.3070 -0.5381 0.6461  1.2451  403 ILE A CA    
130 C  C     . ILE A 22 ? 2.2710 1.0417 1.5715 -0.3541 0.6401  1.0641  403 ILE A C     
131 O  O     . ILE A 22 ? 2.0693 0.9159 1.8399 -0.4852 0.5135  0.9330  403 ILE A O     
132 C  CB    . ILE A 22 ? 2.9008 0.8642 2.5732 -0.5487 0.5525  1.2478  403 ILE A CB    
133 C  CG1   . ILE A 22 ? 2.8932 1.2893 2.4107 -0.8589 0.5928  1.2249  403 ILE A CG1   
134 C  CG2   . ILE A 22 ? 3.0416 1.2946 2.2385 0.1174  0.4284  1.3979  403 ILE A CG2   
135 C  CD1   . ILE A 22 ? 2.9753 1.4893 2.6608 -0.5256 0.2738  1.1874  403 ILE A CD1   
136 N  N     . GLY A 23 ? 2.4107 1.3428 1.6039 -0.4339 0.6734  1.1851  404 GLY A N     
137 C  CA    . GLY A 23 ? 1.9469 1.6625 2.0422 -0.7261 0.7376  0.8875  404 GLY A CA    
138 C  C     . GLY A 23 ? 2.0493 2.0083 2.1474 -0.5981 0.5965  0.9209  404 GLY A C     
139 O  O     . GLY A 23 ? 1.9444 2.1801 2.0164 -0.1962 0.6657  0.7736  404 GLY A O     
140 N  N     . LYS A 24 ? 2.4880 1.5107 2.1745 -0.7659 0.3030  1.0837  405 LYS A N     
141 C  CA    . LYS A 24 ? 2.5600 1.2142 2.2507 -0.8588 0.5059  1.1701  405 LYS A CA    
142 C  C     . LYS A 24 ? 2.1975 1.7506 2.2292 -0.6029 0.5387  1.2844  405 LYS A C     
143 O  O     . LYS A 24 ? 2.2000 2.1193 2.3449 -0.5533 0.3300  1.3050  405 LYS A O     
144 C  CB    . LYS A 24 ? 2.2607 2.2565 1.9900 -0.4275 0.6402  1.1927  405 LYS A CB    
145 C  CG    . LYS A 24 ? 2.9380 3.1856 1.6905 -0.0746 0.2710  0.6460  405 LYS A CG    
146 C  CD    . LYS A 24 ? 3.1059 3.2760 0.9495 -0.2872 0.7062  0.8473  405 LYS A CD    
147 C  CE    . LYS A 24 ? 3.1124 2.7921 1.3659 -0.1762 0.9099  1.2759  405 LYS A CE    
148 N  NZ    . LYS A 24 ? 3.2121 2.4902 1.7570 -0.2638 0.9171  1.2935  405 LYS A NZ    
149 N  N     . GLY A 25 ? 1.8481 1.6844 2.0713 -0.9164 0.7343  1.0066  406 GLY A N     
150 C  CA    . GLY A 25 ? 2.0061 2.0279 2.1609 -0.7699 0.7335  0.8209  406 GLY A CA    
151 C  C     . GLY A 25 ? 2.6007 1.3929 2.2829 -0.6062 0.5511  0.9364  406 GLY A C     
152 O  O     . GLY A 25 ? 3.0276 2.4133 2.1122 -0.1627 0.7278  0.6162  406 GLY A O     
153 N  N     . GLY A 26 ? 2.7986 1.3073 2.0245 -0.5102 0.4238  0.7311  407 GLY A N     
154 C  CA    . GLY A 26 ? 2.5989 1.5597 1.9284 -0.4676 0.4097  0.6476  407 GLY A CA    
155 C  C     . GLY A 26 ? 2.3487 1.3151 2.0396 -0.5347 0.5295  0.6812  407 GLY A C     
156 O  O     . GLY A 26 ? 2.5415 0.5429 1.8533 -0.4534 0.3868  0.8010  407 GLY A O     
157 N  N     . GLN A 27 ? 2.1663 1.6912 2.0018 -0.4410 0.4581  0.7712  408 GLN A N     
158 C  CA    . GLN A 27 ? 2.0117 2.2097 1.7661 -0.4528 0.6259  0.7548  408 GLN A CA    
159 C  C     . GLN A 27 ? 2.4945 1.9450 1.9644 -0.3967 0.5527  0.7285  408 GLN A C     
160 O  O     . GLN A 27 ? 2.7915 1.9952 1.7112 -0.4053 0.6274  0.8934  408 GLN A O     
161 C  CB    . GLN A 27 ? 2.5230 1.7052 1.8366 -0.5702 0.5332  1.0165  408 GLN A CB    
162 C  CG    . GLN A 27 ? 2.7942 2.0083 2.4064 -0.1758 0.4027  0.7201  408 GLN A CG    
163 C  CD    . GLN A 27 ? 2.4930 1.4758 2.5266 0.1652  0.6392  0.5319  408 GLN A CD    
164 O  OE1   . GLN A 27 ? 2.8537 1.2690 2.9986 0.3056  0.1396  0.2113  408 GLN A OE1   
165 N  NE2   . GLN A 27 ? 2.6454 1.8107 2.8305 0.2446  0.8854  0.0698  408 GLN A NE2   
166 N  N     . ARG A 28 ? 2.3062 1.5568 1.8500 -0.3376 0.5598  1.1789  409 ARG A N     
167 C  CA    . ARG A 28 ? 2.1308 1.7201 1.9172 -0.2260 0.6785  1.3481  409 ARG A CA    
168 C  C     . ARG A 28 ? 1.6947 1.8191 2.0040 -0.1708 0.7901  0.9811  409 ARG A C     
169 O  O     . ARG A 28 ? 1.9748 1.8818 2.1840 0.0986  0.5470  0.7680  409 ARG A O     
170 C  CB    . ARG A 28 ? 1.9172 1.9562 1.8685 -0.4530 0.5574  1.2276  409 ARG A CB    
171 C  CG    . ARG A 28 ? 1.9707 1.8911 2.1375 -0.7547 0.5784  1.4206  409 ARG A CG    
172 C  CD    . ARG A 28 ? 2.0934 2.5219 2.0435 -0.4169 0.2638  1.3118  409 ARG A CD    
173 N  NE    . ARG A 28 ? 2.0806 2.0486 2.6160 -0.4704 -0.1642 1.3866  409 ARG A NE    
174 C  CZ    . ARG A 28 ? 2.0229 2.6903 2.6121 -0.9529 -0.1833 0.9773  409 ARG A CZ    
175 N  NH1   . ARG A 28 ? 1.8138 3.1880 2.0424 -0.7134 0.0611  1.0752  409 ARG A NH1   
176 N  NH2   . ARG A 28 ? 1.8395 2.8981 2.3217 -1.0345 -0.5535 0.7815  409 ARG A NH2   
177 N  N     . ILE A 29 ? 1.6870 1.5627 1.6036 -0.2474 1.0305  1.0195  410 ILE A N     
178 C  CA    . ILE A 29 ? 2.1960 1.3482 1.9851 -0.5645 0.6551  1.2915  410 ILE A CA    
179 C  C     . ILE A 29 ? 2.0082 1.7626 1.8821 -0.7831 0.9413  1.0732  410 ILE A C     
180 O  O     . ILE A 29 ? 2.2320 1.1767 2.0049 -0.6614 0.4105  1.2465  410 ILE A O     
181 C  CB    . ILE A 29 ? 2.3554 1.1104 1.8266 -0.5953 0.3929  1.1924  410 ILE A CB    
182 C  CG1   . ILE A 29 ? 1.9624 1.2105 1.8735 -0.6934 0.6256  0.9514  410 ILE A CG1   
183 C  CG2   . ILE A 29 ? 2.1056 1.1510 1.9221 -0.6552 0.4718  1.1571  410 ILE A CG2   
184 C  CD1   . ILE A 29 ? 2.2833 1.2863 2.1580 -1.0095 0.4605  1.1050  410 ILE A CD1   
185 N  N     . LYS A 30 ? 1.9317 0.9926 2.1324 -0.6848 0.4572  0.9819  411 LYS A N     
186 C  CA    . LYS A 30 ? 1.8696 1.5394 1.9620 -0.6831 0.4685  0.8256  411 LYS A CA    
187 C  C     . LYS A 30 ? 1.6789 1.9995 2.2514 -0.9013 0.4687  0.6049  411 LYS A C     
188 O  O     . LYS A 30 ? 1.4268 1.9092 2.1948 -1.2855 0.6180  0.6323  411 LYS A O     
189 C  CB    . LYS A 30 ? 1.8730 1.4379 2.1824 -0.5852 0.4736  0.8928  411 LYS A CB    
190 C  CG    . LYS A 30 ? 2.1043 1.4221 1.9081 -0.4351 0.4515  0.9815  411 LYS A CG    
191 C  CD    . LYS A 30 ? 2.4339 1.6516 1.7130 -0.8056 0.4893  0.9363  411 LYS A CD    
192 C  CE    . LYS A 30 ? 2.5402 1.4044 1.6557 -0.9677 0.4141  0.9782  411 LYS A CE    
193 N  NZ    . LYS A 30 ? 3.2478 1.1953 1.3050 -0.4908 0.0491  0.7638  411 LYS A NZ    
194 N  N     . GLN A 31 ? 1.7218 1.8772 2.2916 -0.7379 0.3353  0.6189  412 GLN A N     
195 C  CA    . GLN A 31 ? 1.9524 1.2821 1.9183 -0.6736 0.3279  0.9265  412 GLN A CA    
196 C  C     . GLN A 31 ? 1.3306 1.4059 2.2603 -0.9952 0.4173  0.8626  412 GLN A C     
197 O  O     . GLN A 31 ? 1.2888 1.9195 1.8979 -0.8319 0.4941  1.2082  412 GLN A O     
198 C  CB    . GLN A 31 ? 1.9944 1.1034 2.1517 -0.8662 0.5195  0.9763  412 GLN A CB    
199 C  CG    . GLN A 31 ? 1.9711 1.8818 2.3211 -1.1459 1.0247  0.8684  412 GLN A CG    
200 C  CD    . GLN A 31 ? 2.4764 1.0532 2.8691 -0.4960 0.3089  0.8964  412 GLN A CD    
201 O  OE1   . GLN A 31 ? 2.0918 0.8062 3.0366 -0.7769 0.0603  0.3735  412 GLN A OE1   
202 N  NE2   . GLN A 31 ? 1.9787 2.2271 2.7038 -0.0039 0.5178  0.2331  412 GLN A NE2   
203 N  N     . ILE A 32 ? 1.7825 1.5788 2.2023 -0.9161 0.7658  1.0376  413 ILE A N     
204 C  CA    . ILE A 32 ? 2.2602 1.0640 1.9588 -0.5530 0.4662  1.1938  413 ILE A CA    
205 C  C     . ILE A 32 ? 2.2315 1.1665 1.9639 -0.5406 0.5094  0.8405  413 ILE A C     
206 O  O     . ILE A 32 ? 2.4752 1.3234 1.6791 -0.8460 1.0180  0.7743  413 ILE A O     
207 C  CB    . ILE A 32 ? 2.0877 1.1867 1.9918 -0.6814 0.4530  1.1881  413 ILE A CB    
208 C  CG1   . ILE A 32 ? 2.0968 1.8617 2.4858 -0.4220 0.4164  0.6275  413 ILE A CG1   
209 C  CG2   . ILE A 32 ? 1.7270 1.5564 2.4593 -1.2429 0.7195  0.6651  413 ILE A CG2   
210 C  CD1   . ILE A 32 ? 1.7772 1.8820 2.6242 -0.5667 0.5108  0.7152  413 ILE A CD1   
211 N  N     . ARG A 33 ? 2.2528 0.7619 1.8315 -0.5468 0.4574  0.8333  414 ARG A N     
212 C  CA    . ARG A 33 ? 2.0102 0.7531 2.1768 -0.7472 0.3550  0.6141  414 ARG A CA    
213 C  C     . ARG A 33 ? 2.2692 0.4883 2.4002 -0.8227 0.2517  0.5664  414 ARG A C     
214 O  O     . ARG A 33 ? 2.9998 0.7542 3.3187 -1.3170 0.0899  0.7071  414 ARG A O     
215 C  CB    . ARG A 33 ? 2.2703 0.6378 2.1480 -0.7283 0.3216  0.8089  414 ARG A CB    
216 C  CG    . ARG A 33 ? 2.0820 0.9726 1.7016 -0.7739 0.3509  0.9221  414 ARG A CG    
217 C  CD    . ARG A 33 ? 2.1476 0.7753 1.9934 -0.6443 0.2611  0.9820  414 ARG A CD    
218 N  NE    . ARG A 33 ? 1.8955 1.1646 2.1814 -0.8039 0.2373  0.8611  414 ARG A NE    
219 C  CZ    . ARG A 33 ? 1.9194 1.4317 2.5141 -0.6271 0.0181  0.7770  414 ARG A CZ    
220 N  NH1   . ARG A 33 ? 1.6702 1.0226 2.8613 -1.0431 0.0327  0.4373  414 ARG A NH1   
221 N  NH2   . ARG A 33 ? 2.0007 1.3031 2.5967 -0.4292 -0.0617 0.7234  414 ARG A NH2   
222 N  N     . HIS A 34 ? 1.8012 1.3009 2.4940 -1.1130 0.5570  0.8169  415 HIS A N     
223 C  CA    . HIS A 34 ? 1.9704 1.4078 2.7944 -1.1687 0.6723  0.8718  415 HIS A CA    
224 C  C     . HIS A 34 ? 1.8680 1.4239 3.1400 -0.9125 0.7097  1.0152  415 HIS A C     
225 O  O     . HIS A 34 ? 1.9313 1.3942 3.3631 -1.2786 0.4545  0.8859  415 HIS A O     
226 C  CB    . HIS A 34 ? 2.5637 1.4581 2.4962 -1.0191 0.6995  1.2126  415 HIS A CB    
227 C  CG    . HIS A 34 ? 2.2351 1.9617 3.1579 -1.2521 0.2741  0.6799  415 HIS A CG    
228 N  ND1   . HIS A 34 ? 2.8166 2.0094 2.9926 -1.0970 0.6004  0.7947  415 HIS A ND1   
229 C  CD2   . HIS A 34 ? 2.3331 1.6342 3.3861 -1.3266 1.2248  0.8456  415 HIS A CD2   
230 C  CE1   . HIS A 34 ? 2.3253 2.3233 3.2929 -0.8695 0.5142  0.3262  415 HIS A CE1   
231 N  NE2   . HIS A 34 ? 2.1033 2.1359 3.3462 -1.5086 1.0415  0.3275  415 HIS A NE2   
232 N  N     . GLU A 35 ? 1.3515 2.0293 3.0251 -0.7784 0.8458  1.0675  416 GLU A N     
233 C  CA    . GLU A 35 ? 1.2462 2.7307 2.7044 -0.7035 1.0537  0.9880  416 GLU A CA    
234 C  C     . GLU A 35 ? 1.2031 2.4741 2.7487 -1.2551 0.6985  0.9070  416 GLU A C     
235 O  O     . GLU A 35 ? 1.5577 2.7603 2.4171 -0.9960 0.6387  0.7384  416 GLU A O     
236 C  CB    . GLU A 35 ? 1.2021 3.1318 2.7720 -0.7836 1.3562  0.9020  416 GLU A CB    
237 C  CG    . GLU A 35 ? 1.7075 2.7694 3.2201 -0.7139 0.6453  0.6657  416 GLU A CG    
238 C  CD    . GLU A 35 ? 2.2987 2.1368 3.8057 -0.8693 0.4232  0.7490  416 GLU A CD    
239 O  OE1   . GLU A 35 ? 1.9202 1.9002 4.2662 -1.1615 0.5899  0.6597  416 GLU A OE1   
240 O  OE2   . GLU A 35 ? 2.6104 1.4684 4.1060 -1.8612 0.0188  0.7215  416 GLU A OE2   
241 N  N     . SER A 36 ? 1.7364 1.7773 2.9646 -1.1474 0.6734  0.8744  417 SER A N     
242 C  CA    . SER A 36 ? 1.9555 1.7545 2.6481 -0.6646 0.5717  0.7425  417 SER A CA    
243 C  C     . SER A 36 ? 1.9407 1.6152 2.9455 -0.5525 0.3893  0.5746  417 SER A C     
244 O  O     . SER A 36 ? 1.8520 1.6391 2.6944 -0.8329 0.6091  0.9380  417 SER A O     
245 C  CB    . SER A 36 ? 1.7414 1.8654 2.8204 -0.4184 0.3751  0.4253  417 SER A CB    
246 O  OG    . SER A 36 ? 1.3622 2.0193 2.8171 -0.4934 0.4257  0.2893  417 SER A OG    
247 N  N     . GLY A 37 ? 1.8856 1.1889 3.0298 -0.6182 0.4169  0.5965  418 GLY A N     
248 C  CA    . GLY A 37 ? 2.0539 1.1586 2.9497 -0.6054 0.5929  0.5887  418 GLY A CA    
249 C  C     . GLY A 37 ? 2.0101 1.1549 2.7382 -0.4943 0.5034  0.5715  418 GLY A C     
250 O  O     . GLY A 37 ? 2.6532 0.5451 2.3840 0.0321  0.6391  0.7923  418 GLY A O     
251 N  N     . ALA A 38 ? 2.4534 0.6805 2.5493 -0.2573 0.6230  1.0403  419 ALA A N     
252 C  CA    . ALA A 38 ? 2.3802 0.8662 2.5278 -0.0977 0.4604  0.6686  419 ALA A CA    
253 C  C     . ALA A 38 ? 2.4018 0.9923 2.1163 -0.3819 0.5635  1.0004  419 ALA A C     
254 O  O     . ALA A 38 ? 2.7140 0.5938 2.4283 -0.5353 0.6145  0.9270  419 ALA A O     
255 C  CB    . ALA A 38 ? 2.7089 0.6444 2.7662 -0.0358 0.3439  0.7066  419 ALA A CB    
256 N  N     . SER A 39 ? 2.1722 1.3628 1.9337 -0.2809 0.3911  0.8378  420 SER A N     
257 C  CA    . SER A 39 ? 2.3019 1.3118 2.0454 -0.0958 0.3016  0.5675  420 SER A CA    
258 C  C     . SER A 39 ? 2.1254 0.9403 2.0275 -0.3409 0.7194  0.7742  420 SER A C     
259 O  O     . SER A 39 ? 2.8553 0.4380 2.1980 -0.5675 0.5266  0.6038  420 SER A O     
260 C  CB    . SER A 39 ? 2.5785 1.4392 1.8371 0.2194  0.2725  0.6455  420 SER A CB    
261 O  OG    . SER A 39 ? 2.7966 1.4925 2.0523 0.1444  0.2449  0.5233  420 SER A OG    
262 N  N     . ILE A 40 ? 2.2140 1.1368 1.6896 -0.0390 0.5573  0.6296  421 ILE A N     
263 C  CA    . ILE A 40 ? 2.0140 1.0481 1.3971 -0.0604 0.4361  0.7342  421 ILE A CA    
264 C  C     . ILE A 40 ? 2.0929 1.1266 1.3118 -0.1845 0.4010  0.8714  421 ILE A C     
265 O  O     . ILE A 40 ? 1.9807 0.9959 1.6973 -0.3101 0.4630  0.7945  421 ILE A O     
266 C  CB    . ILE A 40 ? 2.1565 1.0238 1.6690 -0.1209 0.6631  0.6872  421 ILE A CB    
267 C  CG1   . ILE A 40 ? 2.3251 0.9382 1.6970 -0.0942 0.6630  0.6851  421 ILE A CG1   
268 C  CG2   . ILE A 40 ? 2.3206 1.0366 1.6134 -0.3302 0.6203  0.6386  421 ILE A CG2   
269 C  CD1   . ILE A 40 ? 2.3696 0.7725 2.0115 0.1040  0.3979  0.8709  421 ILE A CD1   
270 N  N     . LYS A 41 ? 2.2016 1.1007 1.3387 -0.2747 0.3185  1.1277  422 LYS A N     
271 C  CA    . LYS A 41 ? 2.0300 1.2562 1.5051 -0.1690 0.3532  1.0580  422 LYS A CA    
272 C  C     . LYS A 41 ? 2.1257 1.3345 1.4152 -0.2409 0.4237  1.0478  422 LYS A C     
273 O  O     . LYS A 41 ? 2.1414 1.1380 1.5585 -0.2785 0.3705  0.8886  422 LYS A O     
274 C  CB    . LYS A 41 ? 1.9450 1.2254 1.5614 -0.0984 0.3520  0.9593  422 LYS A CB    
275 C  CG    . LYS A 41 ? 2.0892 1.4753 1.6437 0.0357  0.2228  0.9506  422 LYS A CG    
276 C  CD    . LYS A 41 ? 2.4104 1.3700 1.6864 0.1310  0.2220  0.8250  422 LYS A CD    
277 C  CE    . LYS A 41 ? 2.7037 1.4389 1.9563 0.0526  0.0800  0.9855  422 LYS A CE    
278 N  NZ    . LYS A 41 ? 3.0097 0.8413 2.1195 -0.0049 -0.0581 1.2100  422 LYS A NZ    
279 N  N     . ILE A 42 ? 2.1207 1.4318 1.4436 -0.2776 0.3962  0.8114  423 ILE A N     
280 C  CA    . ILE A 42 ? 2.0080 1.1086 1.7553 -0.3278 0.5073  0.8705  423 ILE A CA    
281 C  C     . ILE A 42 ? 2.1328 1.1326 1.9695 -0.2656 0.3476  0.8520  423 ILE A C     
282 O  O     . ILE A 42 ? 1.9367 1.5059 1.8906 0.0626  0.2944  0.7687  423 ILE A O     
283 C  CB    . ILE A 42 ? 2.1252 1.3389 1.4919 -0.4003 0.5285  0.8995  423 ILE A CB    
284 C  CG1   . ILE A 42 ? 2.1318 1.6243 1.1924 -0.3459 0.4925  0.8463  423 ILE A CG1   
285 C  CG2   . ILE A 42 ? 2.0363 1.2146 1.5842 -0.6019 0.5845  1.0316  423 ILE A CG2   
286 C  CD1   . ILE A 42 ? 2.1555 1.5226 1.4605 -0.1681 0.2249  0.9098  423 ILE A CD1   
287 N  N     . ASP A 43 ? 2.4369 0.9640 1.7345 -0.1170 0.3881  1.2408  424 ASP A N     
288 C  CA    . ASP A 43 ? 2.4564 1.4439 1.7134 -0.0107 0.4310  1.0114  424 ASP A CA    
289 C  C     . ASP A 43 ? 2.4994 1.4300 1.6223 -0.0099 0.5521  1.0735  424 ASP A C     
290 O  O     . ASP A 43 ? 2.5973 1.6085 1.5112 0.1512  0.5198  0.9709  424 ASP A O     
291 C  CB    . ASP A 43 ? 2.6801 1.6908 2.0956 -0.1851 0.6214  1.0805  424 ASP A CB    
292 C  CG    . ASP A 43 ? 2.9637 2.0214 2.3787 -0.1686 0.4061  0.6929  424 ASP A CG    
293 O  OD1   . ASP A 43 ? 3.0075 1.9131 2.4130 -0.1189 0.3236  0.5261  424 ASP A OD1   
294 O  OD2   . ASP A 43 ? 3.3494 2.2458 2.4197 -0.1796 0.4266  0.9853  424 ASP A OD2   
295 N  N     . GLU A 44 ? 2.4223 1.5384 1.4083 -0.3293 0.6307  1.0592  425 GLU A N     
296 C  CA    . GLU A 44 ? 2.4770 1.4161 1.4524 -0.6670 0.5314  1.0731  425 GLU A CA    
297 C  C     . GLU A 44 ? 2.2947 1.5573 1.7298 -0.9856 0.5677  1.0907  425 GLU A C     
298 O  O     . GLU A 44 ? 2.1326 2.4474 1.4616 -0.6119 0.7533  0.7661  425 GLU A O     
299 C  CB    . GLU A 44 ? 2.4132 1.2659 1.8659 -0.7114 0.5367  1.1925  425 GLU A CB    
300 C  CG    . GLU A 44 ? 1.5136 2.0057 2.0782 -0.9823 0.9257  0.8262  425 GLU A CG    
301 C  CD    . GLU A 44 ? 3.0073 2.7195 2.5309 -1.2565 0.6030  2.0402  425 GLU A CD    
302 O  OE1   . GLU A 44 ? 1.8865 6.7975 4.4456 -2.3007 1.4761  1.8053  425 GLU A OE1   
303 O  OE2   . GLU A 44 ? 0.5832 2.5214 2.6563 -0.7822 0.5191  0.9982  425 GLU A OE2   
304 N  N     . PRO A 45 ? 2.5078 1.7548 1.9945 -0.8765 0.5954  0.8032  426 PRO A N     
305 C  CA    . PRO A 45 ? 2.3786 1.7915 1.8007 -0.7751 0.6280  0.4901  426 PRO A CA    
306 C  C     . PRO A 45 ? 2.4449 1.6352 2.1241 -1.0153 0.5730  0.4065  426 PRO A C     
307 O  O     . PRO A 45 ? 2.0470 1.3418 2.1707 -0.8740 0.8257  0.5068  426 PRO A O     
308 C  CB    . PRO A 45 ? 2.5176 1.7920 2.0064 -0.4652 0.4880  0.4198  426 PRO A CB    
309 C  CG    . PRO A 45 ? 2.7415 1.6081 2.3278 -0.6910 0.3980  0.4639  426 PRO A CG    
310 C  CD    . PRO A 45 ? 2.6225 1.8914 1.8949 -0.7265 0.5946  0.4439  426 PRO A CD    
311 N  N     . LEU A 46 ? 2.6736 1.3659 2.0441 -0.7974 0.3754  0.5673  427 LEU A N     
312 C  CA    . LEU A 46 ? 2.6366 1.2081 2.0676 -0.6787 0.4189  0.5035  427 LEU A CA    
313 C  C     . LEU A 46 ? 2.4845 0.9371 2.3814 -0.9349 0.1965  0.4948  427 LEU A C     
314 O  O     . LEU A 46 ? 2.8963 0.7599 2.2873 -0.5112 0.2942  0.2922  427 LEU A O     
315 C  CB    . LEU A 46 ? 2.0854 1.1207 2.0316 -1.0064 0.5567  0.2619  427 LEU A CB    
316 C  CG    . LEU A 46 ? 2.2199 1.2832 2.2768 -0.6171 0.3661  -0.1432 427 LEU A CG    
317 C  CD1   . LEU A 46 ? 2.0100 1.0349 2.2933 -0.6163 0.1048  -0.3621 427 LEU A CD1   
318 C  CD2   . LEU A 46 ? 2.1972 1.3563 2.3866 -0.6735 0.4669  -0.1227 427 LEU A CD2   
319 N  N     . GLU A 47 ? 2.4971 0.8409 2.3432 -1.0689 0.2622  0.6458  428 GLU A N     
320 C  CA    . GLU A 47 ? 2.8448 0.8729 2.4094 -0.2765 0.2189  0.2171  428 GLU A CA    
321 C  C     . GLU A 47 ? 3.0008 0.8579 2.3194 -0.1677 0.3100  0.1298  428 GLU A C     
322 O  O     . GLU A 47 ? 3.1151 0.8289 2.2737 -0.0604 0.3724  0.1792  428 GLU A O     
323 C  CB    . GLU A 47 ? 2.8659 1.5444 2.5416 -0.2973 0.0744  0.1346  428 GLU A CB    
324 C  CG    . GLU A 47 ? 2.9239 2.0129 2.3947 -0.3098 -0.0547 0.2788  428 GLU A CG    
325 C  CD    . GLU A 47 ? 2.8371 1.8900 2.5215 0.0855  -0.2193 0.1994  428 GLU A CD    
326 O  OE1   . GLU A 47 ? 3.1206 1.1617 2.4313 -0.0730 -0.3204 0.7524  428 GLU A OE1   
327 O  OE2   . GLU A 47 ? 3.0220 2.0610 2.5019 -0.1113 -0.3400 -0.0017 428 GLU A OE2   
328 N  N     . GLY A 48 ? 2.9114 1.3650 1.9897 -0.1889 0.1898  0.2779  429 GLY A N     
329 C  CA    . GLY A 48 ? 2.6735 1.8032 2.0378 -0.0059 0.0362  0.2815  429 GLY A CA    
330 C  C     . GLY A 48 ? 2.4811 1.8496 2.3337 -0.1842 -0.0021 0.2067  429 GLY A C     
331 O  O     . GLY A 48 ? 2.2960 2.3860 2.1641 -0.2079 0.1931  0.1460  429 GLY A O     
332 N  N     . SER A 49 ? 2.7866 1.5597 2.2249 -0.2516 0.1949  0.2927  430 SER A N     
333 C  CA    . SER A 49 ? 2.6334 1.9693 1.9501 -0.2044 0.4466  0.3347  430 SER A CA    
334 C  C     . SER A 49 ? 2.9103 1.8667 1.8830 -0.2494 0.8431  0.6075  430 SER A C     
335 O  O     . SER A 49 ? 3.2845 1.7774 2.0127 -0.0603 0.6246  0.6624  430 SER A O     
336 C  CB    . SER A 49 ? 2.8756 2.0889 1.8895 0.0635  0.3850  0.4521  430 SER A CB    
337 O  OG    . SER A 49 ? 2.6751 2.0703 1.9777 -0.3122 0.4889  0.8355  430 SER A OG    
338 N  N     . GLU A 50 ? 3.0152 1.2722 1.6803 -0.5229 1.0262  0.8889  431 GLU A N     
339 C  CA    . GLU A 50 ? 2.8424 1.0587 2.0326 -0.3153 0.5203  0.5364  431 GLU A CA    
340 C  C     . GLU A 50 ? 2.5431 1.3782 1.8490 -0.5148 0.5291  0.7130  431 GLU A C     
341 O  O     . GLU A 50 ? 2.7875 1.0317 2.0900 -0.6906 0.4718  0.8631  431 GLU A O     
342 C  CB    . GLU A 50 ? 2.6907 1.1767 2.3099 -0.1636 0.4865  0.3589  431 GLU A CB    
343 C  CG    . GLU A 50 ? 2.7245 1.4673 2.5015 -0.1240 0.4161  0.1615  431 GLU A CG    
344 C  CD    . GLU A 50 ? 2.1472 2.2669 2.6851 -0.2063 0.6352  0.2096  431 GLU A CD    
345 O  OE1   . GLU A 50 ? 2.6584 2.2407 2.7760 0.2203  0.4174  0.4442  431 GLU A OE1   
346 O  OE2   . GLU A 50 ? 2.2368 1.1904 3.0133 -0.5093 0.3088  0.4535  431 GLU A OE2   
347 N  N     . ASP A 51 ? 2.8181 1.4597 1.7597 -0.3746 0.5215  0.8299  432 ASP A N     
348 C  CA    . ASP A 51 ? 2.7995 1.3418 2.2395 -0.2124 0.3572  0.7405  432 ASP A CA    
349 C  C     . ASP A 51 ? 3.0637 0.9959 2.2819 -0.4182 0.2387  0.6071  432 ASP A C     
350 O  O     . ASP A 51 ? 3.1909 0.3046 2.1539 -0.4414 0.1994  0.6252  432 ASP A O     
351 C  CB    . ASP A 51 ? 2.4912 1.5530 2.4553 0.1047  0.4105  0.9807  432 ASP A CB    
352 C  CG    . ASP A 51 ? 2.5307 1.2670 2.7547 0.0029  0.6652  0.8957  432 ASP A CG    
353 O  OD1   . ASP A 51 ? 2.4246 1.9107 2.7940 0.4700  0.9431  0.5443  432 ASP A OD1   
354 O  OD2   . ASP A 51 ? 2.7778 1.5865 2.0101 0.0235  0.8690  1.4285  432 ASP A OD2   
355 N  N     . ARG A 52 ? 2.8477 0.8744 2.3015 -0.3673 0.2919  0.5992  433 ARG A N     
356 C  CA    . ARG A 52 ? 2.6699 0.7489 2.1006 -0.5906 0.3032  0.6114  433 ARG A CA    
357 C  C     . ARG A 52 ? 2.1389 0.6960 2.1599 -0.6737 0.2762  0.5801  433 ARG A C     
358 O  O     . ARG A 52 ? 2.0500 0.6200 2.0747 -0.8047 0.1454  0.6768  433 ARG A O     
359 C  CB    . ARG A 52 ? 2.7776 0.9804 1.9538 -0.4183 0.3860  0.7208  433 ARG A CB    
360 C  CG    . ARG A 52 ? 2.7848 0.8915 2.1174 -0.2843 0.2855  0.7260  433 ARG A CG    
361 C  CD    . ARG A 52 ? 3.0239 1.2499 1.9698 -0.0017 0.3042  0.8813  433 ARG A CD    
362 N  NE    . ARG A 52 ? 3.0766 1.2629 1.8772 -0.1346 0.5160  0.9360  433 ARG A NE    
363 C  CZ    . ARG A 52 ? 2.8289 1.0451 1.8719 -0.2644 0.7803  0.7634  433 ARG A CZ    
364 N  NH1   . ARG A 52 ? 2.8619 1.3636 1.8114 -0.0813 0.5915  0.7117  433 ARG A NH1   
365 N  NH2   . ARG A 52 ? 2.9296 1.1253 1.8588 -0.3035 0.6418  0.5170  433 ARG A NH2   
366 N  N     . ILE A 53 ? 2.2587 0.8560 1.9454 -0.6397 0.3021  0.6126  434 ILE A N     
367 C  CA    . ILE A 53 ? 2.1171 1.0768 1.8939 -0.6261 0.2710  0.7186  434 ILE A CA    
368 C  C     . ILE A 53 ? 1.9105 1.0340 1.6197 -0.5132 0.2151  0.8279  434 ILE A C     
369 O  O     . ILE A 53 ? 1.8755 0.9168 1.8033 -0.6564 0.5568  0.8576  434 ILE A O     
370 C  CB    . ILE A 53 ? 2.2138 1.1611 1.8963 -0.6749 0.3876  0.6768  434 ILE A CB    
371 C  CG1   . ILE A 53 ? 2.2267 1.3930 2.2373 -0.8154 0.2118  0.4455  434 ILE A CG1   
372 C  CG2   . ILE A 53 ? 2.2052 1.1865 2.0367 -0.5803 0.2196  0.5007  434 ILE A CG2   
373 C  CD1   . ILE A 53 ? 2.1695 1.9554 2.4795 -0.4883 0.0783  0.1248  434 ILE A CD1   
374 N  N     . ILE A 54 ? 1.8287 0.8745 1.4578 -0.5980 0.3054  0.6385  435 ILE A N     
375 C  CA    . ILE A 54 ? 1.8499 0.7600 1.5638 -0.6729 0.4149  0.7110  435 ILE A CA    
376 C  C     . ILE A 54 ? 1.6980 0.7683 1.6627 -0.5294 0.5987  0.6268  435 ILE A C     
377 O  O     . ILE A 54 ? 1.7279 0.9567 1.6084 -0.4630 0.3564  0.6423  435 ILE A O     
378 C  CB    . ILE A 54 ? 1.9625 0.9242 1.6287 -0.3990 0.4545  0.5905  435 ILE A CB    
379 C  CG1   . ILE A 54 ? 2.1869 0.6816 1.6145 -0.3971 0.3616  0.5799  435 ILE A CG1   
380 C  CG2   . ILE A 54 ? 2.1796 1.1588 1.7428 -0.4923 0.3315  0.2647  435 ILE A CG2   
381 C  CD1   . ILE A 54 ? 2.2432 0.9170 1.5677 -0.4353 0.5986  0.6622  435 ILE A CD1   
382 N  N     . THR A 55 ? 1.4742 0.8924 1.8101 -0.3119 0.6424  0.6442  436 THR A N     
383 C  CA    . THR A 55 ? 1.6339 0.8497 1.7831 -0.2711 0.5189  0.5464  436 THR A CA    
384 C  C     . THR A 55 ? 1.3650 0.6264 1.8268 -0.3358 0.4192  0.8495  436 THR A C     
385 O  O     . THR A 55 ? 1.4863 0.5916 1.9706 -0.2941 0.3294  0.8544  436 THR A O     
386 C  CB    . THR A 55 ? 1.9315 0.8004 1.8277 -0.1488 0.2833  0.5204  436 THR A CB    
387 O  OG1   . THR A 55 ? 2.3502 0.7603 1.6780 -0.2140 0.0854  0.6536  436 THR A OG1   
388 C  CG2   . THR A 55 ? 2.1702 0.7615 1.7150 0.0038  0.4463  0.4274  436 THR A CG2   
389 N  N     . ILE A 56 ? 1.1506 0.8292 1.7381 -0.4272 0.5326  0.7933  437 ILE A N     
390 C  CA    . ILE A 56 ? 1.3177 1.2149 1.7990 -0.4915 0.5730  0.6021  437 ILE A CA    
391 C  C     . ILE A 56 ? 1.4615 0.9980 1.6633 -0.4588 0.5857  0.7309  437 ILE A C     
392 O  O     . ILE A 56 ? 1.4304 1.2754 1.6986 -0.5810 0.4913  0.7996  437 ILE A O     
393 C  CB    . ILE A 56 ? 1.6982 1.0073 1.9375 -0.4007 0.6523  0.7290  437 ILE A CB    
394 C  CG1   . ILE A 56 ? 1.8600 1.0424 1.8444 -0.6929 0.8004  0.7776  437 ILE A CG1   
395 C  CG2   . ILE A 56 ? 1.9617 1.1013 1.9269 -0.5244 0.7113  0.4543  437 ILE A CG2   
396 C  CD1   . ILE A 56 ? 1.9641 1.0783 1.9580 -0.8575 0.5608  0.7403  437 ILE A CD1   
397 N  N     . THR A 57 ? 1.5626 1.0257 1.7023 -0.5046 0.4345  0.6343  438 THR A N     
398 C  CA    . THR A 57 ? 1.4572 1.1142 1.6534 -0.6422 0.3931  0.6697  438 THR A CA    
399 C  C     . THR A 57 ? 1.5266 1.1893 1.3942 -0.6845 0.3917  0.8847  438 THR A C     
400 O  O     . THR A 57 ? 1.9476 1.3404 1.7667 -0.9753 0.5314  0.9006  438 THR A O     
401 C  CB    . THR A 57 ? 1.4132 0.9478 1.5758 -0.7458 0.1699  0.4701  438 THR A CB    
402 O  OG1   . THR A 57 ? 1.5876 0.8021 1.7750 -0.8184 0.0464  0.7871  438 THR A OG1   
403 C  CG2   . THR A 57 ? 1.4808 0.9178 1.5085 -0.7279 0.1633  0.4251  438 THR A CG2   
404 N  N     . GLY A 58 ? 1.4296 1.7077 1.3890 -0.6617 0.3236  0.7501  439 GLY A N     
405 C  CA    . GLY A 58 ? 1.4052 1.5516 1.6430 -0.8311 0.4696  0.6598  439 GLY A CA    
406 C  C     . GLY A 58 ? 1.5189 1.7480 1.6634 -0.6535 0.2996  0.6454  439 GLY A C     
407 O  O     . GLY A 58 ? 1.9498 1.3938 1.8997 -0.5761 0.1869  0.8936  439 GLY A O     
408 N  N     . THR A 59 ? 1.3845 1.5536 1.8830 -0.8497 0.3297  0.6183  440 THR A N     
409 C  CA    . THR A 59 ? 1.4335 1.3167 2.1018 -0.8947 0.0854  0.6105  440 THR A CA    
410 C  C     . THR A 59 ? 1.5007 1.3472 2.0159 -0.7119 0.1500  0.7765  440 THR A C     
411 O  O     . THR A 59 ? 1.5059 1.0507 1.9644 -0.6827 0.3203  1.0316  440 THR A O     
412 C  CB    . THR A 59 ? 1.4360 1.3431 2.3302 -1.1998 0.1508  0.7460  440 THR A CB    
413 O  OG1   . THR A 59 ? 1.2380 1.8968 2.1535 -0.9205 0.1331  0.6375  440 THR A OG1   
414 C  CG2   . THR A 59 ? 1.5148 1.3562 2.5139 -1.0906 0.0749  0.9523  440 THR A CG2   
415 N  N     . GLN A 60 ? 1.5557 1.5678 1.9618 -0.8694 0.2440  0.9936  441 GLN A N     
416 C  CA    . GLN A 60 ? 1.9429 1.4086 2.3523 -0.9469 0.3424  0.9461  441 GLN A CA    
417 C  C     . GLN A 60 ? 1.8167 1.7186 2.3387 -1.1023 0.2228  0.4945  441 GLN A C     
418 O  O     . GLN A 60 ? 1.8812 1.5336 2.4220 -1.2445 -0.0905 0.2756  441 GLN A O     
419 C  CB    . GLN A 60 ? 2.4185 1.4130 2.5483 -1.0063 0.1893  0.9384  441 GLN A CB    
420 C  CG    . GLN A 60 ? 2.5598 1.4499 3.2870 -0.8840 0.2098  0.6266  441 GLN A CG    
421 C  CD    . GLN A 60 ? 2.0258 1.1607 3.8158 -1.0632 0.1855  0.8071  441 GLN A CD    
422 O  OE1   . GLN A 60 ? 4.4312 1.4785 6.9335 -2.4770 1.3752  -0.0244 441 GLN A OE1   
423 N  NE2   . GLN A 60 ? 2.3544 1.4034 3.6939 -1.7002 0.6373  0.2546  441 GLN A NE2   
424 N  N     . ASP A 61 ? 1.8927 1.8243 2.4743 -1.1267 0.0321  0.5289  442 ASP A N     
425 C  CA    . ASP A 61 ? 1.9944 1.7827 2.2710 -0.9438 0.1354  0.5574  442 ASP A CA    
426 C  C     . ASP A 61 ? 1.6782 1.7133 2.2962 -0.7598 0.2061  0.5496  442 ASP A C     
427 O  O     . ASP A 61 ? 1.7437 1.7884 2.2670 -0.7610 0.2530  0.5053  442 ASP A O     
428 C  CB    . ASP A 61 ? 2.3477 1.6887 2.6846 -0.6607 -0.0138 0.0603  442 ASP A CB    
429 C  CG    . ASP A 61 ? 2.3018 2.1217 2.5704 -0.5608 -0.1691 -0.2986 442 ASP A CG    
430 O  OD1   . ASP A 61 ? 1.9218 2.1651 3.1063 -0.6623 -0.2167 -0.4242 442 ASP A OD1   
431 O  OD2   . ASP A 61 ? 2.4593 1.9044 2.8271 -0.1578 -0.1796 -0.4805 442 ASP A OD2   
432 N  N     . GLN A 62 ? 1.3080 1.8103 1.9198 -0.8342 0.1481  0.4672  443 GLN A N     
433 C  CA    . GLN A 62 ? 1.4701 1.8474 1.7956 -0.7403 0.2744  0.4117  443 GLN A CA    
434 C  C     . GLN A 62 ? 1.5688 1.8903 1.7632 -0.8782 0.3048  0.4170  443 GLN A C     
435 O  O     . GLN A 62 ? 1.7252 2.0507 1.7244 -0.8866 0.2702  0.3452  443 GLN A O     
436 C  CB    . GLN A 62 ? 1.4427 1.8906 1.8417 -0.6998 0.4784  0.4323  443 GLN A CB    
437 C  CG    . GLN A 62 ? 1.5235 1.8119 1.9269 -0.7967 0.6094  0.5535  443 GLN A CG    
438 C  CD    . GLN A 62 ? 1.4808 1.6273 1.9689 -0.9692 0.7015  0.6084  443 GLN A CD    
439 O  OE1   . GLN A 62 ? 1.8938 1.7800 1.7607 -1.0434 0.8980  0.7639  443 GLN A OE1   
440 N  NE2   . GLN A 62 ? 1.5667 1.6944 1.7175 -0.6325 0.4175  0.7373  443 GLN A NE2   
441 N  N     . ILE A 63 ? 1.4786 1.7752 1.8318 -0.7102 0.4185  0.5124  444 ILE A N     
442 C  CA    . ILE A 63 ? 1.7244 1.3380 1.9535 -0.4990 0.4427  0.5846  444 ILE A CA    
443 C  C     . ILE A 63 ? 1.4435 1.7198 1.6228 -0.5859 0.6660  0.8662  444 ILE A C     
444 O  O     . ILE A 63 ? 1.5771 1.8263 1.4667 -0.5198 0.6103  1.0292  444 ILE A O     
445 C  CB    . ILE A 63 ? 1.7054 1.6937 1.9476 -0.5775 0.4541  0.5399  444 ILE A CB    
446 C  CG1   . ILE A 63 ? 1.9531 1.3480 2.0723 -0.5079 0.3469  0.4621  444 ILE A CG1   
447 C  CG2   . ILE A 63 ? 1.8625 2.1152 1.9247 -0.3347 0.1855  0.1954  444 ILE A CG2   
448 C  CD1   . ILE A 63 ? 1.8699 1.8799 1.9685 -0.4526 0.4151  0.4110  444 ILE A CD1   
449 N  N     . GLN A 64 ? 1.4908 2.1212 1.7279 -0.6150 0.5207  0.8091  445 GLN A N     
450 C  CA    . GLN A 64 ? 1.6521 2.3073 1.8538 -0.5003 0.4750  0.7116  445 GLN A CA    
451 C  C     . GLN A 64 ? 1.5469 1.9040 2.0452 -1.0647 0.4085  0.7598  445 GLN A C     
452 O  O     . GLN A 64 ? 1.9048 2.1267 1.7790 -0.9750 0.4978  0.7611  445 GLN A O     
453 C  CB    . GLN A 64 ? 1.6794 2.1306 1.8158 -0.7463 0.4327  0.6625  445 GLN A CB    
454 C  CG    . GLN A 64 ? 1.6260 2.1759 1.8243 -0.7839 0.4419  0.6868  445 GLN A CG    
455 C  CD    . GLN A 64 ? 1.7032 1.7533 1.9999 -1.1845 0.3200  0.5943  445 GLN A CD    
456 O  OE1   . GLN A 64 ? 1.9314 1.1620 2.6819 -1.1484 0.3498  0.6385  445 GLN A OE1   
457 N  NE2   . GLN A 64 ? 1.6206 1.8204 2.3978 -1.3360 0.5955  0.7474  445 GLN A NE2   
458 N  N     . ASN A 65 ? 1.5096 1.4604 2.0842 -0.6452 0.3947  0.7788  446 ASN A N     
459 C  CA    . ASN A 65 ? 1.6300 1.0575 1.8804 -0.4344 0.3211  0.8650  446 ASN A CA    
460 C  C     . ASN A 65 ? 1.2671 0.9863 1.9001 -0.3585 0.2447  0.5785  446 ASN A C     
461 O  O     . ASN A 65 ? 1.5842 0.6915 1.5805 -0.3295 0.0678  0.5218  446 ASN A O     
462 C  CB    . ASN A 65 ? 1.5805 1.1267 2.4934 -0.4059 0.3823  0.6398  446 ASN A CB    
463 C  CG    . ASN A 65 ? 1.3224 1.3107 2.4896 -0.4303 0.5082  0.7250  446 ASN A CG    
464 O  OD1   . ASN A 65 ? 1.0693 1.4563 2.3132 -0.4890 0.7000  0.7948  446 ASN A OD1   
465 N  ND2   . ASN A 65 ? 1.4677 1.5364 2.4673 -0.5988 0.5679  0.5889  446 ASN A ND2   
466 N  N     . ALA A 66 ? 1.2740 0.9576 1.6765 -0.3244 0.1401  0.6323  447 ALA A N     
467 C  CA    . ALA A 66 ? 1.6623 0.8695 1.6931 -0.1645 0.1231  0.8262  447 ALA A CA    
468 C  C     . ALA A 66 ? 1.8458 1.1028 1.9438 -0.2845 0.1441  0.5778  447 ALA A C     
469 O  O     . ALA A 66 ? 1.9034 1.2492 1.9603 -0.3505 0.0923  0.5325  447 ALA A O     
470 C  CB    . ALA A 66 ? 1.6860 0.9650 1.7637 -0.1712 0.2768  0.7256  447 ALA A CB    
471 N  N     . GLN A 67 ? 1.9233 1.6623 1.7397 -0.1287 0.2000  0.8376  448 GLN A N     
472 C  CA    . GLN A 67 ? 1.9892 1.5674 1.9577 -0.3206 0.3239  0.8442  448 GLN A CA    
473 C  C     . GLN A 67 ? 1.7259 1.6824 2.1212 -0.4801 0.2491  0.8199  448 GLN A C     
474 O  O     . GLN A 67 ? 2.2678 0.7060 2.2048 -0.3795 0.4355  0.9970  448 GLN A O     
475 C  CB    . GLN A 67 ? 1.8823 1.7721 1.8892 -0.5187 0.2456  0.8218  448 GLN A CB    
476 C  CG    . GLN A 67 ? 1.4017 2.1353 2.1729 -0.9163 0.3949  0.9138  448 GLN A CG    
477 C  CD    . GLN A 67 ? 1.4889 2.3968 1.8759 -0.7908 0.5882  0.5946  448 GLN A CD    
478 O  OE1   . GLN A 67 ? 1.6497 2.1412 2.3715 -1.1933 0.2959  0.1613  448 GLN A OE1   
479 N  NE2   . GLN A 67 ? 2.2454 2.9258 1.6614 -0.3012 0.4298  0.5332  448 GLN A NE2   
480 N  N     . TYR A 68 ? 1.3564 2.1805 1.9947 -0.6680 0.4730  0.9515  449 TYR A N     
481 C  CA    . TYR A 68 ? 1.5110 2.5502 1.8603 -0.6255 0.5168  1.0265  449 TYR A CA    
482 C  C     . TYR A 68 ? 1.9447 2.2031 1.9173 -0.5015 0.3435  0.9154  449 TYR A C     
483 O  O     . TYR A 68 ? 1.5230 2.1968 1.8497 -0.9474 0.3953  0.7611  449 TYR A O     
484 C  CB    . TYR A 68 ? 1.9628 3.2605 1.2692 -0.3482 0.5570  1.2445  449 TYR A CB    
485 C  CG    . TYR A 68 ? 2.3421 3.2106 2.1277 -0.9920 0.9440  1.6206  449 TYR A CG    
486 C  CD1   . TYR A 68 ? 2.5120 3.7138 1.8659 -0.8927 1.3416  1.3131  449 TYR A CD1   
487 C  CD2   . TYR A 68 ? 2.5334 3.6550 1.8189 -1.1406 0.8721  1.6935  449 TYR A CD2   
488 C  CE1   . TYR A 68 ? 2.2470 3.0678 2.0935 -1.1038 1.1302  1.3963  449 TYR A CE1   
489 C  CE2   . TYR A 68 ? 2.5199 3.2039 2.1171 -1.1371 0.6735  1.7735  449 TYR A CE2   
490 C  CZ    . TYR A 68 ? 1.5104 3.2869 2.4053 -0.9964 0.7280  1.4133  449 TYR A CZ    
491 O  OH    . TYR A 68 ? 2.7764 3.2263 2.2379 -2.1458 0.5756  1.3680  449 TYR A OH    
492 N  N     . LEU A 69 ? 2.1048 1.9763 2.1442 -0.3425 0.4401  1.1917  450 LEU A N     
493 C  CA    . LEU A 69 ? 1.9660 1.7847 1.7621 -0.1804 0.5518  0.9398  450 LEU A CA    
494 C  C     . LEU A 69 ? 2.1439 1.6678 1.8361 -0.2050 0.3130  1.3327  450 LEU A C     
495 O  O     . LEU A 69 ? 2.3346 1.9460 2.1930 -0.2134 0.6439  1.2960  450 LEU A O     
496 C  CB    . LEU A 69 ? 1.7687 1.7353 1.9443 -0.1685 0.6511  0.8473  450 LEU A CB    
497 C  CG    . LEU A 69 ? 1.4841 1.9920 2.2168 0.0085  0.7220  0.5843  450 LEU A CG    
498 C  CD1   . LEU A 69 ? 1.7773 2.1140 2.1059 -0.1400 0.8991  0.8016  450 LEU A CD1   
499 C  CD2   . LEU A 69 ? 1.0606 1.9184 2.4961 -0.3155 1.1060  0.5227  450 LEU A CD2   
500 N  N     . LEU A 70 ? 2.2677 1.4645 1.6212 -0.1572 0.6138  1.2878  451 LEU A N     
501 C  CA    . LEU A 70 ? 2.3667 1.7792 1.9149 0.0088  0.6976  1.0284  451 LEU A CA    
502 C  C     . LEU A 70 ? 2.6629 2.0844 2.3693 0.3428  0.6837  0.8204  451 LEU A C     
503 O  O     . LEU A 70 ? 2.4029 2.6122 2.0656 0.2903  1.0090  0.5721  451 LEU A O     
504 C  CB    . LEU A 70 ? 2.6544 2.0683 1.7358 0.3272  1.0602  1.2548  451 LEU A CB    
505 C  CG    . LEU A 70 ? 3.2654 1.7654 2.3692 0.0016  0.9271  1.0505  451 LEU A CG    
506 C  CD1   . LEU A 70 ? 3.4559 1.5952 2.2754 0.1728  0.8848  1.5069  451 LEU A CD1   
507 C  CD2   . LEU A 70 ? 3.1911 2.1662 2.4501 -0.2291 0.9068  1.1487  451 LEU A CD2   
508 N  N     . GLN A 71 ? 2.4741 1.3606 2.6824 -0.0200 0.5273  0.7906  452 GLN A N     
509 C  CA    . GLN A 71 ? 2.4152 0.8686 2.7367 -0.2942 0.5362  1.0159  452 GLN A CA    
510 C  C     . GLN A 71 ? 2.3700 0.5862 3.0672 -0.5941 0.5672  0.9406  452 GLN A C     
511 O  O     . GLN A 71 ? 1.9551 1.5833 3.1765 -0.3733 0.5581  0.8773  452 GLN A O     
512 C  CB    . GLN A 71 ? 3.1220 0.9756 2.5071 -0.4126 0.5631  0.8747  452 GLN A CB    
513 C  CG    . GLN A 71 ? 2.5827 1.3724 2.3321 -0.6775 0.4612  0.9880  452 GLN A CG    
514 C  CD    . GLN A 71 ? 5.6240 0.4538 1.6999 -1.2963 1.3586  0.1364  452 GLN A CD    
515 O  OE1   . GLN A 71 ? 8.7498 0.1855 4.9598 -1.0255 1.7557  0.3145  452 GLN A OE1   
516 N  NE2   . GLN A 71 ? 5.1501 0.9686 2.8069 -1.2058 1.5682  0.8887  452 GLN A NE2   
517 N  N     . ASN A 72 ? 2.7413 0.8255 2.7568 -0.4010 0.4710  1.3558  453 ASN A N     
518 C  CA    . ASN A 72 ? 2.6297 1.5051 2.3638 -0.5629 0.6088  1.1598  453 ASN A CA    
519 C  C     . ASN A 72 ? 2.7556 1.4622 2.4679 -0.4270 0.4481  1.2290  453 ASN A C     
520 O  O     . ASN A 72 ? 3.6448 0.7856 3.2206 -0.6251 0.0645  1.4582  453 ASN A O     
521 C  CB    . ASN A 72 ? 2.4897 1.5542 2.7431 -0.5762 0.4123  0.9244  453 ASN A CB    
522 C  CG    . ASN A 72 ? 2.1875 1.2537 2.9885 -1.2243 0.4347  1.0296  453 ASN A CG    
523 O  OD1   . ASN A 72 ? 2.8903 0.4873 2.9001 -0.4809 0.3292  1.0150  453 ASN A OD1   
524 N  ND2   . ASN A 72 ? 1.8556 1.4216 2.8882 -1.2837 0.6998  0.6400  453 ASN A ND2   
525 N  N     . SER A 73 ? 2.7008 1.4332 2.7929 -0.3284 0.4568  1.1080  454 SER A N     
526 C  CA    . SER A 73 ? 2.7256 1.4559 2.8730 -0.5571 0.5314  0.8692  454 SER A CA    
527 C  C     . SER A 73 ? 2.6820 1.8573 3.4171 -0.5250 0.6391  0.5023  454 SER A C     
528 O  O     . SER A 73 ? 1.6924 1.7623 3.2825 -1.2355 1.0035  0.5718  454 SER A O     
529 C  CB    . SER A 73 ? 2.6884 1.1864 2.5148 -0.7109 0.5840  0.7506  454 SER A CB    
530 O  OG    . SER A 73 ? 2.1738 0.9624 2.3780 -0.5220 1.0147  0.9480  454 SER A OG    
531 N  N     . VAL A 74 ? 2.5786 1.9786 3.1179 -0.3356 0.6210  0.6345  455 VAL A N     
532 C  CA    . VAL A 74 ? 2.0770 1.8285 2.6958 -0.6532 0.8402  0.8205  455 VAL A CA    
533 C  C     . VAL A 74 ? 2.0831 2.4227 2.6945 -0.2534 0.4834  0.1205  455 VAL A C     
534 O  O     . VAL A 74 ? 2.0611 3.1669 2.4067 -0.1589 0.4040  -0.2610 455 VAL A O     
535 C  CB    . VAL A 74 ? 1.7158 2.1745 2.3152 -0.6509 0.8123  0.8507  455 VAL A CB    
536 C  CG1   . VAL A 74 ? 2.0938 1.8258 2.4230 -1.1693 0.6711  1.2249  455 VAL A CG1   
537 C  CG2   . VAL A 74 ? 1.5378 2.4811 1.9769 -0.8397 0.9681  1.1235  455 VAL A CG2   
538 N  N     . LYS A 75 ? 1.9684 2.5115 2.8555 -0.0873 0.2191  0.3329  456 LYS A N     
539 C  CA    . LYS A 75 ? 2.0765 2.2043 2.2937 -0.4740 0.4309  0.4073  456 LYS A CA    
540 C  C     . LYS A 75 ? 2.1872 2.1437 2.2974 -0.4327 0.7163  0.4896  456 LYS A C     
541 O  O     . LYS A 75 ? 2.1011 1.7428 2.5766 -0.5038 0.4665  0.7523  456 LYS A O     
542 C  CB    . LYS A 75 ? 1.9344 2.0455 2.4371 -0.6829 0.5732  0.4883  456 LYS A CB    
543 C  CG    . LYS A 75 ? 1.6468 1.6888 2.5824 -0.9143 -0.1239 -0.0258 456 LYS A CG    
544 C  CD    . LYS A 75 ? 1.4633 1.7457 2.6405 -1.0029 0.0434  0.0521  456 LYS A CD    
545 C  CE    . LYS A 75 ? 1.4307 1.8354 2.6567 -0.9442 -0.2003 -0.2832 456 LYS A CE    
546 N  NZ    . LYS A 75 ? 1.6737 1.2192 3.0575 -0.8812 -0.1578 -0.4709 456 LYS A NZ    
547 P  P     . DT  B 2  ? 2.0917 3.8292 4.0427 -0.5624 0.5974  -0.6192 31  DT  C P     
548 O  OP1   . DT  B 2  ? 1.4399 3.3753 4.3270 -0.4753 0.8197  -0.4003 31  DT  C OP1   
549 O  OP2   . DT  B 2  ? 1.7497 4.1451 3.3220 -0.7940 0.8483  -1.4344 31  DT  C OP2   
550 O  "O5'" . DT  B 2  ? 1.9502 2.9709 3.5555 -0.2792 0.4674  -0.5993 31  DT  C "O5'" 
551 C  "C5'" . DT  B 2  ? 1.4949 2.0934 2.8286 -1.0163 0.5040  -0.0373 31  DT  C "C5'" 
552 C  "C4'" . DT  B 2  ? 1.1352 1.7327 3.0860 -1.3201 0.2492  0.2136  31  DT  C "C4'" 
553 O  "O4'" . DT  B 2  ? 1.7635 1.9023 3.1730 -0.8126 0.0688  0.1943  31  DT  C "O4'" 
554 C  "C3'" . DT  B 2  ? 1.6087 1.6256 3.1159 -1.3217 0.7441  0.5956  31  DT  C "C3'" 
555 O  "O3'" . DT  B 2  ? 1.8255 2.2136 3.4042 -0.8449 0.8068  -0.2433 31  DT  C "O3'" 
556 C  "C2'" . DT  B 2  ? 1.6179 1.6045 3.0121 -1.1654 0.8609  0.7642  31  DT  C "C2'" 
557 C  "C1'" . DT  B 2  ? 1.7420 1.1342 3.0637 -1.0745 0.2315  0.2725  31  DT  C "C1'" 
558 N  N1    . DT  B 2  ? 2.2532 1.3550 2.6434 -0.7780 0.5050  0.0590  31  DT  C N1    
559 C  C2    . DT  B 2  ? 2.0906 1.2208 2.2140 -0.8334 0.8371  0.2660  31  DT  C C2    
560 O  O2    . DT  B 2  ? 1.5701 1.9778 1.8790 -1.2344 1.0534  0.2452  31  DT  C O2    
561 N  N3    . DT  B 2  ? 1.9277 1.2013 1.7489 -0.8649 0.9583  0.5739  31  DT  C N3    
562 C  C4    . DT  B 2  ? 2.0875 1.1448 2.0296 -0.8795 0.8685  0.4582  31  DT  C C4    
563 O  O4    . DT  B 2  ? 2.3022 1.1710 1.9522 -0.7382 0.7391  0.2062  31  DT  C O4    
564 C  C5    . DT  B 2  ? 1.9333 0.9232 2.3489 -1.1967 0.7007  0.1672  31  DT  C C5    
565 C  C7    . DT  B 2  ? 2.0185 1.2654 2.1891 -1.0619 0.4844  -0.1349 31  DT  C C7    
566 C  C6    . DT  B 2  ? 1.8643 0.9723 2.5064 -1.0015 0.7143  0.5888  31  DT  C C6    
567 P  P     . DC  B 3  ? 1.8984 2.2038 3.3175 -1.0645 0.3049  -0.2229 32  DC  C P     
568 O  OP1   . DC  B 3  ? 1.2310 2.5926 3.5144 -1.0924 1.0859  0.2876  32  DC  C OP1   
569 O  OP2   . DC  B 3  ? 2.1954 2.0359 3.2722 -1.2012 0.5587  -0.2269 32  DC  C OP2   
570 O  "O5'" . DC  B 3  ? 1.6028 2.2085 3.4110 -1.3519 0.4953  0.3490  32  DC  C "O5'" 
571 C  "C5'" . DC  B 3  ? 1.6152 2.7808 3.3663 -0.6944 0.2002  -0.0503 32  DC  C "C5'" 
572 C  "C4'" . DC  B 3  ? 1.5519 1.9402 2.6370 -0.9679 0.6000  0.4012  32  DC  C "C4'" 
573 O  "O4'" . DC  B 3  ? 1.5956 1.9958 2.2532 -0.7954 0.4251  0.1380  32  DC  C "O4'" 
574 C  "C3'" . DC  B 3  ? 1.8955 2.1263 2.3552 -1.0943 0.7516  0.1894  32  DC  C "C3'" 
575 O  "O3'" . DC  B 3  ? 2.3117 1.9412 2.6440 -1.2510 0.3552  -0.0214 32  DC  C "O3'" 
576 C  "C2'" . DC  B 3  ? 1.9805 1.4937 2.1401 -1.0735 0.6894  0.6176  32  DC  C "C2'" 
577 C  "C1'" . DC  B 3  ? 1.6656 1.2087 2.2057 -1.2164 0.5840  0.3591  32  DC  C "C1'" 
578 N  N1    . DC  B 3  ? 1.6890 1.1288 1.8900 -0.5763 0.2676  0.3268  32  DC  C N1    
579 C  C2    . DC  B 3  ? 1.8631 0.7272 1.5718 -1.0383 0.3174  0.1399  32  DC  C C2    
580 O  O2    . DC  B 3  ? 1.7498 1.0611 1.6362 -0.6053 0.4927  0.4428  32  DC  C O2    
581 N  N3    . DC  B 3  ? 2.0097 0.5547 2.1874 -0.8985 0.4213  0.3625  32  DC  C N3    
582 C  C4    . DC  B 3  ? 2.1458 0.6399 2.1407 -0.9186 0.4616  0.4996  32  DC  C C4    
583 N  N4    . DC  B 3  ? 1.9363 0.6745 1.4576 -0.9278 0.4471  0.0873  32  DC  C N4    
584 C  C5    . DC  B 3  ? 1.8735 0.4329 1.9979 -0.5234 0.2461  0.5541  32  DC  C C5    
585 C  C6    . DC  B 3  ? 1.6085 1.3571 1.9864 -0.7052 0.1758  0.0609  32  DC  C C6    
586 P  P     . DA  B 4  ? 2.3450 1.5455 3.0913 -0.7903 0.3510  0.1831  33  DA  C P     
587 O  OP1   . DA  B 4  ? 2.8691 1.1999 3.1184 -0.9388 0.9716  0.5259  33  DA  C OP1   
588 O  OP2   . DA  B 4  ? 2.8285 1.3828 3.0801 -0.6681 0.2808  0.3515  33  DA  C OP2   
589 O  "O5'" . DA  B 4  ? 1.7828 1.9385 3.4937 -1.0886 0.3150  -0.0721 33  DA  C "O5'" 
590 C  "C5'" . DA  B 4  ? 1.6295 1.9311 3.3662 -0.9044 0.0153  -0.0793 33  DA  C "C5'" 
591 C  "C4'" . DA  B 4  ? 1.4389 1.7214 3.1920 -1.0437 0.0592  -0.1496 33  DA  C "C4'" 
592 O  "O4'" . DA  B 4  ? 0.8895 1.9731 2.8967 -0.9754 0.0691  -0.0849 33  DA  C "O4'" 
593 C  "C3'" . DA  B 4  ? 0.7393 1.7841 3.0850 -1.1397 -0.0928 0.0174  33  DA  C "C3'" 
594 O  "O3'" . DA  B 4  ? 1.3677 1.2956 3.2534 -1.2983 0.2650  0.1516  33  DA  C "O3'" 
595 C  "C2'" . DA  B 4  ? 1.0026 1.8237 2.6750 -0.7953 0.0678  0.0437  33  DA  C "C2'" 
596 C  "C1'" . DA  B 4  ? 1.1700 1.3587 2.7114 -1.2118 -0.0140 0.1856  33  DA  C "C1'" 
597 N  N9    . DA  B 4  ? 1.2591 1.0277 2.3056 -1.0071 0.2254  0.1784  33  DA  C N9    
598 C  C8    . DA  B 4  ? 1.3368 1.5535 2.3260 -0.6803 0.3930  0.1098  33  DA  C C8    
599 N  N7    . DA  B 4  ? 1.5762 1.3040 2.1485 -0.4677 0.4316  0.1155  33  DA  C N7    
600 C  C5    . DA  B 4  ? 1.8973 0.9699 2.0855 -0.5597 0.5414  0.5914  33  DA  C C5    
601 C  C6    . DA  B 4  ? 1.7828 1.2024 1.6764 -0.5448 0.4939  0.7947  33  DA  C C6    
602 N  N6    . DA  B 4  ? 1.9067 1.3392 1.6268 -0.7249 0.5344  1.0424  33  DA  C N6    
603 N  N1    . DA  B 4  ? 1.8096 1.1738 2.2337 -0.4928 0.5896  0.7686  33  DA  C N1    
604 C  C2    . DA  B 4  ? 1.3776 1.5021 2.0490 -0.6465 0.8708  0.5593  33  DA  C C2    
605 N  N3    . DA  B 4  ? 1.4042 1.4570 2.0258 -0.3564 0.6454  0.5100  33  DA  C N3    
606 C  C4    . DA  B 4  ? 1.7339 0.7573 2.1125 -0.7361 0.4537  0.3137  33  DA  C C4    
607 P  P     . DG  B 5  ? 1.8815 2.0719 2.7715 -0.7311 0.5117  0.5102  34  DG  C P     
608 O  OP1   . DG  B 5  ? 1.7208 2.7961 2.5361 -0.6526 0.2549  0.1477  34  DG  C OP1   
609 O  OP2   . DG  B 5  ? 1.9803 2.6846 2.8059 -0.7586 0.1240  -0.0624 34  DG  C OP2   
610 O  "O5'" . DG  B 5  ? 1.9569 2.1353 2.3120 -0.6967 0.5233  0.1746  34  DG  C "O5'" 
611 C  "C5'" . DG  B 5  ? 2.0531 1.9168 2.1625 -0.4835 0.4601  0.3046  34  DG  C "C5'" 
612 C  "C4'" . DG  B 5  ? 2.1433 2.0138 1.9041 -0.3600 0.4463  0.4112  34  DG  C "C4'" 
613 O  "O4'" . DG  B 5  ? 2.0799 1.9270 1.8772 -0.3888 0.3533  0.3793  34  DG  C "O4'" 
614 C  "C3'" . DG  B 5  ? 1.9407 2.1746 2.0644 -0.4061 0.5359  0.3354  34  DG  C "C3'" 
615 O  "O3'" . DG  B 5  ? 2.1877 2.1461 2.2205 -0.4283 0.2018  0.5544  34  DG  C "O3'" 
616 C  "C2'" . DG  B 5  ? 1.8335 1.8994 1.8358 -0.4574 0.6158  0.4946  34  DG  C "C2'" 
617 C  "C1'" . DG  B 5  ? 1.6916 1.4597 1.7882 -0.7206 0.2645  0.5319  34  DG  C "C1'" 
618 N  N9    . DG  B 5  ? 1.5899 1.1728 1.7389 -0.8961 0.3140  0.5160  34  DG  C N9    
619 C  C8    . DG  B 5  ? 1.5187 1.5635 1.6536 -0.5702 0.3549  0.5920  34  DG  C C8    
620 N  N7    . DG  B 5  ? 1.5100 1.3862 1.5552 -0.7451 0.4184  0.5440  34  DG  C N7    
621 C  C5    . DG  B 5  ? 1.5701 1.1243 1.6933 -0.8106 0.4623  0.6746  34  DG  C C5    
622 C  C6    . DG  B 5  ? 1.5251 1.4242 1.5597 -0.6093 0.4593  0.6898  34  DG  C C6    
623 O  O6    . DG  B 5  ? 1.2640 1.5817 1.2963 -0.7258 0.6517  0.6055  34  DG  C O6    
624 N  N1    . DG  B 5  ? 1.8942 1.4505 1.5186 -0.3693 0.5279  0.7862  34  DG  C N1    
625 C  C2    . DG  B 5  ? 1.9671 1.3266 1.5700 -0.4889 0.4865  0.7029  34  DG  C C2    
626 N  N2    . DG  B 5  ? 2.0409 1.3150 1.7213 -0.9836 0.3610  0.3833  34  DG  C N2    
627 N  N3    . DG  B 5  ? 1.9643 1.2973 1.5526 -0.5477 0.5641  0.7241  34  DG  C N3    
628 C  C4    . DG  B 5  ? 1.6397 1.0538 1.6144 -0.9379 0.3820  0.6514  34  DG  C C4    
629 P  P     . DC  B 6  ? 2.7298 2.2046 2.2760 -0.1268 0.1604  0.2411  35  DC  C P     
630 O  OP1   . DC  B 6  ? 3.0725 2.2819 2.0035 0.0229  -0.2930 0.5038  35  DC  C OP1   
631 O  OP2   . DC  B 6  ? 2.8596 2.4361 2.1464 -0.5081 0.4080  0.5128  35  DC  C OP2   
632 O  "O5'" . DC  B 6  ? 2.7309 1.6447 1.7398 -0.3371 0.3355  1.1089  35  DC  C "O5'" 
633 C  "C5'" . DC  B 6  ? 2.6132 1.7812 2.0358 -0.3008 0.3900  0.6382  35  DC  C "C5'" 
634 C  "C4'" . DC  B 6  ? 2.2977 1.8784 2.1578 -0.5030 0.6511  1.0955  35  DC  C "C4'" 
635 O  "O4'" . DC  B 6  ? 2.3800 1.4575 2.0067 -0.5136 0.6872  1.2684  35  DC  C "O4'" 
636 C  "C3'" . DC  B 6  ? 2.4129 2.2177 2.3329 -0.1392 0.5301  0.9803  35  DC  C "C3'" 
637 O  "O3'" . DC  B 6  ? 2.5786 2.3629 2.2879 0.2991  0.3435  1.4063  35  DC  C "O3'" 
638 C  "C2'" . DC  B 6  ? 2.4797 2.0279 2.1871 -0.1920 0.5875  1.1168  35  DC  C "C2'" 
639 C  "C1'" . DC  B 6  ? 2.2317 1.5875 2.2983 -0.0365 0.4505  1.2641  35  DC  C "C1'" 
640 N  N1    . DC  B 6  ? 2.1358 1.4281 2.1291 -0.4147 0.5872  1.4756  35  DC  C N1    
641 C  C2    . DC  B 6  ? 2.1404 1.4671 2.0992 -0.3557 0.6573  1.5114  35  DC  C C2    
642 O  O2    . DC  B 6  ? 2.3511 1.2118 2.0714 -0.3445 0.6957  1.3082  35  DC  C O2    
643 N  N3    . DC  B 6  ? 2.1281 1.7063 1.6143 -0.1574 0.2423  1.5826  35  DC  C N3    
644 C  C4    . DC  B 6  ? 2.1337 1.5834 1.9778 -0.0926 0.2687  1.1864  35  DC  C C4    
645 N  N4    . DC  B 6  ? 1.6740 1.6228 2.1914 -0.1144 0.2963  0.9500  35  DC  C N4    
646 C  C5    . DC  B 6  ? 2.2046 1.6295 1.9231 -0.1981 0.2890  1.2161  35  DC  C C5    
647 C  C6    . DC  B 6  ? 2.1964 1.5792 1.9455 -0.2349 0.2661  1.0522  35  DC  C C6    
648 P  P     . DC  B 7  ? 2.8033 2.5300 2.1041 0.3231  0.3437  1.3858  36  DC  C P     
649 O  OP1   . DC  B 7  ? 2.7848 2.2982 2.1159 -0.3507 0.7278  1.7807  36  DC  C OP1   
650 O  OP2   . DC  B 7  ? 2.5947 2.9225 1.8244 -0.2121 1.0181  1.3857  36  DC  C OP2   
651 O  "O5'" . DC  B 7  ? 3.1617 1.8675 2.1021 0.3741  0.4293  1.2701  36  DC  C "O5'" 
652 C  "C5'" . DC  B 7  ? 2.7598 1.6681 1.8723 -0.2555 0.7864  1.4975  36  DC  C "C5'" 
653 C  "C4'" . DC  B 7  ? 2.4060 1.6096 2.1128 -0.2764 0.6269  1.0758  36  DC  C "C4'" 
654 O  "O4'" . DC  B 7  ? 2.1811 1.6522 2.3441 -0.5637 0.5837  0.7527  36  DC  C "O4'" 
655 C  "C3'" . DC  B 7  ? 2.3862 1.2180 2.3243 -0.3656 0.4786  0.8908  36  DC  C "C3'" 
656 O  "O3'" . DC  B 7  ? 2.3760 1.6404 2.4378 -0.2130 0.5263  0.9760  36  DC  C "O3'" 
657 C  "C2'" . DC  B 7  ? 2.2862 1.4458 2.2314 -0.6761 0.6705  0.9601  36  DC  C "C2'" 
658 C  "C1'" . DC  B 7  ? 2.2486 1.3867 2.3420 -0.6270 0.6589  0.7966  36  DC  C "C1'" 
659 N  N1    . DC  B 7  ? 2.8306 1.4378 2.4905 -0.1805 0.6043  0.8226  36  DC  C N1    
660 C  C2    . DC  B 7  ? 3.1115 1.5044 2.4567 -0.2793 0.5669  0.8161  36  DC  C C2    
661 O  O2    . DC  B 7  ? 3.1464 1.3864 2.5626 -0.6014 0.7989  1.0522  36  DC  C O2    
662 N  N3    . DC  B 7  ? 2.6282 1.4619 2.4732 -0.4079 0.7410  0.7584  36  DC  C N3    
663 C  C4    . DC  B 7  ? 2.8058 1.2169 2.3563 -0.1232 0.5746  0.4567  36  DC  C C4    
664 N  N4    . DC  B 7  ? 2.3920 0.9860 2.2158 -0.9608 0.8922  0.5145  36  DC  C N4    
665 C  C5    . DC  B 7  ? 2.7337 1.2055 2.2068 -0.0724 0.5391  0.7300  36  DC  C C5    
666 C  C6    . DC  B 7  ? 2.5243 0.7664 2.4332 -0.6366 0.5955  1.0197  36  DC  C C6    
667 P  P     . DT  B 8  ? 2.5926 1.8197 2.6042 0.1425  0.7440  1.0746  37  DT  C P     
668 O  OP1   . DT  B 8  ? 2.5717 2.2425 2.8094 -0.2663 1.0294  1.3195  37  DT  C OP1   
669 O  OP2   . DT  B 8  ? 2.2080 1.3175 3.7112 0.6318  0.3734  0.9906  37  DT  C OP2   
670 O  "O5'" . DT  B 8  ? 2.4698 1.2763 2.4426 -0.2604 0.9469  1.4241  37  DT  C "O5'" 
671 C  "C5'" . DT  B 8  ? 2.8372 1.3602 2.5996 -0.6875 0.5186  1.1279  37  DT  C "C5'" 
672 C  "C4'" . DT  B 8  ? 2.8971 1.2174 2.5963 -1.1432 0.3993  0.8733  37  DT  C "C4'" 
673 O  "O4'" . DT  B 8  ? 3.1364 1.4479 2.7927 -0.4443 0.4349  0.8624  37  DT  C "O4'" 
674 C  "C3'" . DT  B 8  ? 2.9119 1.0633 2.6393 -1.2661 0.4341  0.8469  37  DT  C "C3'" 
675 O  "O3'" . DT  B 8  ? 3.2647 1.1957 2.4738 -1.0033 0.3633  0.6696  37  DT  C "O3'" 
676 C  "C2'" . DT  B 8  ? 3.2008 1.2879 2.4782 -0.8130 0.2798  0.5406  37  DT  C "C2'" 
677 C  "C1'" . DT  B 8  ? 2.7680 1.4093 2.7080 -0.7643 0.4040  0.6573  37  DT  C "C1'" 
678 N  N1    . DT  B 8  ? 2.2969 1.4341 1.8702 -0.5504 0.6389  1.3077  37  DT  C N1    
679 C  C2    . DT  B 8  ? 2.1602 1.4458 1.8289 -0.7632 0.6678  1.1377  37  DT  C C2    
680 O  O2    . DT  B 8  ? 2.1014 1.4898 1.9931 -0.8768 0.7071  1.1012  37  DT  C O2    
681 N  N3    . DT  B 8  ? 2.4843 0.8308 2.2462 -0.7293 0.1750  1.0159  37  DT  C N3    
682 C  C4    . DT  B 8  ? 2.5307 0.9007 2.6248 -1.0579 0.1606  1.0173  37  DT  C C4    
683 O  O4    . DT  B 8  ? 1.8101 1.6903 3.0129 -0.9983 0.8077  1.2829  37  DT  C O4    
684 C  C5    . DT  B 8  ? 2.3288 1.0714 2.1985 -0.7775 0.1009  1.1964  37  DT  C C5    
685 C  C7    . DT  B 8  ? 2.5065 2.0580 2.8045 -0.0370 -0.1148 0.5190  37  DT  C C7    
686 C  C6    . DT  B 8  ? 1.8086 1.7044 2.5442 -1.0913 0.7920  1.0175  37  DT  C C6    
687 P  P     . DC  B 9  ? 2.4465 1.3107 2.2323 -1.1237 0.1451  0.8808  38  DC  C P     
688 O  OP1   . DC  B 9  ? 2.7755 1.3954 2.3885 -1.6462 0.0166  0.6541  38  DC  C OP1   
689 O  OP2   . DC  B 9  ? 4.8427 1.1020 3.3933 -1.9934 1.6464  0.2016  38  DC  C OP2   
690 O  "O5'" . DC  B 9  ? 2.3657 1.8542 2.1953 -1.2524 0.8623  0.9737  38  DC  C "O5'" 
691 C  "C5'" . DC  B 9  ? 1.8335 2.5648 2.3262 -1.2393 1.0389  1.0189  38  DC  C "C5'" 
692 C  "C4'" . DC  B 9  ? 2.5730 1.4140 2.5243 -1.4233 0.2922  1.0777  38  DC  C "C4'" 
693 O  "O4'" . DC  B 9  ? 2.6110 1.6172 2.4713 -1.2044 0.4435  1.2529  38  DC  C "O4'" 
694 C  "C3'" . DC  B 9  ? 2.4426 1.2978 2.5779 -0.8269 0.3991  1.3006  38  DC  C "C3'" 
695 O  "O3'" . DC  B 9  ? 2.1827 1.0283 2.9416 -0.3861 0.0650  1.6608  38  DC  C "O3'" 
696 C  "C2'" . DC  B 9  ? 2.3687 1.9367 2.4277 -0.9832 0.3012  1.6837  38  DC  C "C2'" 
697 C  "C1'" . DC  B 9  ? 2.7632 1.4508 2.4017 -0.9671 0.1771  1.4896  38  DC  C "C1'" 
698 N  N1    . DC  B 9  ? 2.4650 1.5912 3.0077 -1.0846 0.1755  1.0512  38  DC  C N1    
699 C  C2    . DC  B 9  ? 2.8019 2.0469 2.7199 -0.7027 -0.1065 1.3178  38  DC  C C2    
700 O  O2    . DC  B 9  ? 3.0976 2.2549 2.2266 -0.8827 0.2322  1.3833  38  DC  C O2    
701 N  N3    . DC  B 9  ? 2.5680 2.6939 3.0383 -0.5892 -0.0518 0.7277  38  DC  C N3    
702 C  C4    . DC  B 9  ? 2.3899 2.0790 2.9025 -0.6162 -0.0267 0.6266  38  DC  C C4    
703 N  N4    . DC  B 9  ? 2.0624 1.9453 2.7561 -0.7155 0.2067  0.5978  38  DC  C N4    
704 C  C5    . DC  B 9  ? 1.9803 2.3189 2.4310 -0.7758 -0.0419 0.7657  38  DC  C C5    
705 C  C6    . DC  B 9  ? 2.2488 1.5746 2.7896 -1.1469 0.3510  1.3238  38  DC  C C6    
706 NA NA    . NA  C .  ? 1.5681 1.1081 1.4230 -0.3958 0.1858  0.1132  500 NA  A NA    
707 O  O     . HOH D .  ? 1.3880 0.8455 1.7062 -0.8729 0.2210  0.4631  601 HOH A O     
708 O  O     . HOH D .  ? 2.5230 9.8545 5.0011 -4.7041 0.0408  2.1852  602 HOH A O     
709 O  O     . HOH D .  ? 1.5478 1.0240 1.4832 -0.3254 0.2095  0.3456  603 HOH A O     
710 O  O     . HOH D .  ? 0.9617 0.9096 1.0216 -0.1012 0.0228  0.0765  604 HOH A O     
711 O  O     . HOH D .  ? 1.9471 0.8033 1.8245 -0.9897 0.0570  0.6107  605 HOH A O     
712 O  O     . HOH D .  ? 4.7659 0.6401 4.5513 -1.6298 -0.3284 -0.4724 606 HOH A O     
713 O  O     . HOH D .  ? 1.6409 1.5384 1.8488 -0.1643 -0.0501 0.2403  607 HOH A O     
714 O  O     . HOH E .  ? 1.7063 0.9512 1.9199 -0.3275 0.0454  0.3963  101 HOH C O     
715 O  O     . HOH E .  ? 2.2615 1.1441 1.2316 -0.7490 0.5989  0.7746  102 HOH C O     
716 O  O     . HOH E .  ? 0.9850 2.2801 1.8714 -1.3222 0.4962  0.2165  103 HOH C O     
717 O  O     . HOH E .  ? 3.8649 3.7396 3.6831 -1.5693 2.1549  1.8903  104 HOH C O     
# 
loop_
_pdbx_poly_seq_scheme.asym_id 
_pdbx_poly_seq_scheme.entity_id 
_pdbx_poly_seq_scheme.seq_id 
_pdbx_poly_seq_scheme.mon_id 
_pdbx_poly_seq_scheme.ndb_seq_num 
_pdbx_poly_seq_scheme.pdb_seq_num 
_pdbx_poly_seq_scheme.auth_seq_num 
_pdbx_poly_seq_scheme.pdb_mon_id 
_pdbx_poly_seq_scheme.auth_mon_id 
_pdbx_poly_seq_scheme.pdb_strand_id 
_pdbx_poly_seq_scheme.pdb_ins_code 
_pdbx_poly_seq_scheme.hetero 
A 1 1  ASP 1  382 ?   ?   ?   A . n 
A 1 2  LEU 2  383 ?   ?   ?   A . n 
A 1 3  GLY 3  384 ?   ?   ?   A . n 
A 1 4  GLY 4  385 385 GLY GLY A . n 
A 1 5  PRO 5  386 386 PRO PRO A . n 
A 1 6  ILE 6  387 387 ILE ILE A . n 
A 1 7  ILE 7  388 388 ILE ILE A . n 
A 1 8  THR 8  389 389 THR THR A . n 
A 1 9  THR 9  390 390 THR THR A . n 
A 1 10 GLN 10 391 391 GLN GLN A . n 
A 1 11 VAL 11 392 392 VAL VAL A . n 
A 1 12 THR 12 393 393 THR THR A . n 
A 1 13 ILE 13 394 394 ILE ILE A . n 
A 1 14 PRO 14 395 395 PRO PRO A . n 
A 1 15 LYS 15 396 396 LYS LYS A . n 
A 1 16 ASP 16 397 397 ASP ASP A . n 
A 1 17 LEU 17 398 398 LEU LEU A . n 
A 1 18 ALA 18 399 399 ALA ALA A . n 
A 1 19 GLY 19 400 400 GLY GLY A . n 
A 1 20 SER 20 401 401 SER SER A . n 
A 1 21 ILE 21 402 402 ILE ILE A . n 
A 1 22 ILE 22 403 403 ILE ILE A . n 
A 1 23 GLY 23 404 404 GLY GLY A . n 
A 1 24 LYS 24 405 405 LYS LYS A . n 
A 1 25 GLY 25 406 406 GLY GLY A . n 
A 1 26 GLY 26 407 407 GLY GLY A . n 
A 1 27 GLN 27 408 408 GLN GLN A . n 
A 1 28 ARG 28 409 409 ARG ARG A . n 
A 1 29 ILE 29 410 410 ILE ILE A . n 
A 1 30 LYS 30 411 411 LYS LYS A . n 
A 1 31 GLN 31 412 412 GLN GLN A . n 
A 1 32 ILE 32 413 413 ILE ILE A . n 
A 1 33 ARG 33 414 414 ARG ARG A . n 
A 1 34 HIS 34 415 415 HIS HIS A . n 
A 1 35 GLU 35 416 416 GLU GLU A . n 
A 1 36 SER 36 417 417 SER SER A . n 
A 1 37 GLY 37 418 418 GLY GLY A . n 
A 1 38 ALA 38 419 419 ALA ALA A . n 
A 1 39 SER 39 420 420 SER SER A . n 
A 1 40 ILE 40 421 421 ILE ILE A . n 
A 1 41 LYS 41 422 422 LYS LYS A . n 
A 1 42 ILE 42 423 423 ILE ILE A . n 
A 1 43 ASP 43 424 424 ASP ASP A . n 
A 1 44 GLU 44 425 425 GLU GLU A . n 
A 1 45 PRO 45 426 426 PRO PRO A . n 
A 1 46 LEU 46 427 427 LEU LEU A . n 
A 1 47 GLU 47 428 428 GLU GLU A . n 
A 1 48 GLY 48 429 429 GLY GLY A . n 
A 1 49 SER 49 430 430 SER SER A . n 
A 1 50 GLU 50 431 431 GLU GLU A . n 
A 1 51 ASP 51 432 432 ASP ASP A . n 
A 1 52 ARG 52 433 433 ARG ARG A . n 
A 1 53 ILE 53 434 434 ILE ILE A . n 
A 1 54 ILE 54 435 435 ILE ILE A . n 
A 1 55 THR 55 436 436 THR THR A . n 
A 1 56 ILE 56 437 437 ILE ILE A . n 
A 1 57 THR 57 438 438 THR THR A . n 
A 1 58 GLY 58 439 439 GLY GLY A . n 
A 1 59 THR 59 440 440 THR THR A . n 
A 1 60 GLN 60 441 441 GLN GLN A . n 
A 1 61 ASP 61 442 442 ASP ASP A . n 
A 1 62 GLN 62 443 443 GLN GLN A . n 
A 1 63 ILE 63 444 444 ILE ILE A . n 
A 1 64 GLN 64 445 445 GLN GLN A . n 
A 1 65 ASN 65 446 446 ASN ASN A . n 
A 1 66 ALA 66 447 447 ALA ALA A . n 
A 1 67 GLN 67 448 448 GLN GLN A . n 
A 1 68 TYR 68 449 449 TYR TYR A . n 
A 1 69 LEU 69 450 450 LEU LEU A . n 
A 1 70 LEU 70 451 451 LEU LEU A . n 
A 1 71 GLN 71 452 452 GLN GLN A . n 
A 1 72 ASN 72 453 453 ASN ASN A . n 
A 1 73 SER 73 454 454 SER SER A . n 
A 1 74 VAL 74 455 455 VAL VAL A . n 
A 1 75 LYS 75 456 456 LYS LYS A . n 
A 1 76 GLN 76 457 ?   ?   ?   A . n 
B 2 1  DC  1  30  ?   ?   ?   C . n 
B 2 2  DT  2  31  31  DT  DT  C . n 
B 2 3  DC  3  32  32  DC  DC  C . n 
B 2 4  DA  4  33  33  DA  DA  C . n 
B 2 5  DG  5  34  34  DG  DG  C . n 
B 2 6  DC  6  35  35  DC  DC  C . n 
B 2 7  DC  7  36  36  DC  DC  C . n 
B 2 8  DT  8  37  37  DT  DT  C . n 
B 2 9  DC  9  38  38  DC  DC  C . n 
B 2 10 DC  10 39  ?   ?   ?   C . n 
B 2 11 DC  11 40  ?   ?   ?   C . n 
B 2 12 DG  12 41  ?   ?   ?   C . n 
B 2 13 DA  13 42  ?   ?   ?   C . n 
B 2 14 DC  14 43  ?   ?   ?   C . n 
B 2 15 DT  15 44  ?   ?   ?   C . n 
B 2 16 DC  16 45  ?   ?   ?   C . n 
# 
loop_
_pdbx_nonpoly_scheme.asym_id 
_pdbx_nonpoly_scheme.entity_id 
_pdbx_nonpoly_scheme.mon_id 
_pdbx_nonpoly_scheme.ndb_seq_num 
_pdbx_nonpoly_scheme.pdb_seq_num 
_pdbx_nonpoly_scheme.auth_seq_num 
_pdbx_nonpoly_scheme.pdb_mon_id 
_pdbx_nonpoly_scheme.auth_mon_id 
_pdbx_nonpoly_scheme.pdb_strand_id 
_pdbx_nonpoly_scheme.pdb_ins_code 
C 3 NA  1 500 500 NA  NA  A . 
D 4 HOH 1 601 8   HOH HOH A . 
D 4 HOH 2 602 2   HOH HOH A . 
D 4 HOH 3 603 10  HOH HOH A . 
D 4 HOH 4 604 11  HOH HOH A . 
D 4 HOH 5 605 3   HOH HOH A . 
D 4 HOH 6 606 4   HOH HOH A . 
D 4 HOH 7 607 9   HOH HOH A . 
E 4 HOH 1 101 7   HOH HOH C . 
E 4 HOH 2 102 1   HOH HOH C . 
E 4 HOH 3 103 5   HOH HOH C . 
E 4 HOH 4 104 6   HOH HOH C . 
# 
_pdbx_struct_assembly.id                   1 
_pdbx_struct_assembly.details              author_defined_assembly 
_pdbx_struct_assembly.method_details       ? 
_pdbx_struct_assembly.oligomeric_details   tetrameric 
_pdbx_struct_assembly.oligomeric_count     4 
# 
_pdbx_struct_assembly_gen.assembly_id       1 
_pdbx_struct_assembly_gen.oper_expression   1,2 
_pdbx_struct_assembly_gen.asym_id_list      A,B,C,D,E 
# 
loop_
_pdbx_struct_oper_list.id 
_pdbx_struct_oper_list.type 
_pdbx_struct_oper_list.name 
_pdbx_struct_oper_list.symmetry_operation 
_pdbx_struct_oper_list.matrix[1][1] 
_pdbx_struct_oper_list.matrix[1][2] 
_pdbx_struct_oper_list.matrix[1][3] 
_pdbx_struct_oper_list.vector[1] 
_pdbx_struct_oper_list.matrix[2][1] 
_pdbx_struct_oper_list.matrix[2][2] 
_pdbx_struct_oper_list.matrix[2][3] 
_pdbx_struct_oper_list.vector[2] 
_pdbx_struct_oper_list.matrix[3][1] 
_pdbx_struct_oper_list.matrix[3][2] 
_pdbx_struct_oper_list.matrix[3][3] 
_pdbx_struct_oper_list.vector[3] 
1 'identity operation'         1_555  x,y,z       1.0000000000 0.0000000000  0.0000000000 0.0000000000   0.0000000000  1.0000000000  0.0000000000  0.0000000000  0.0000000000 0.0000000000  1.0000000000  0.0000000000  
2 'crystal symmetry operation' 11_455 -x+y-1,y,-z 0.2010792605 -0.3962402422 0.8958575788 -25.9972518632 -0.3962402422 -0.8692789604 -0.2955465436 -6.2629904599 0.8958575788 -0.2955465436 -0.3318003000 32.0844650592 
# 
_pdbx_struct_special_symmetry.id              1 
_pdbx_struct_special_symmetry.PDB_model_num   1 
_pdbx_struct_special_symmetry.auth_asym_id    A 
_pdbx_struct_special_symmetry.auth_comp_id    NA 
_pdbx_struct_special_symmetry.auth_seq_id     500 
_pdbx_struct_special_symmetry.PDB_ins_code    ? 
_pdbx_struct_special_symmetry.label_asym_id   C 
_pdbx_struct_special_symmetry.label_comp_id   NA 
_pdbx_struct_special_symmetry.label_seq_id    . 
# 
loop_
_pdbx_audit_revision_history.ordinal 
_pdbx_audit_revision_history.data_content_type 
_pdbx_audit_revision_history.major_revision 
_pdbx_audit_revision_history.minor_revision 
_pdbx_audit_revision_history.revision_date 
1 'Structure model' 1 0 2021-12-15 
2 'Structure model' 1 1 2023-11-29 
# 
_pdbx_audit_revision_details.ordinal             1 
_pdbx_audit_revision_details.revision_ordinal    1 
_pdbx_audit_revision_details.data_content_type   'Structure model' 
_pdbx_audit_revision_details.provider            repository 
_pdbx_audit_revision_details.type                'Initial release' 
_pdbx_audit_revision_details.description         ? 
_pdbx_audit_revision_details.details             ? 
# 
loop_
_pdbx_audit_revision_group.ordinal 
_pdbx_audit_revision_group.revision_ordinal 
_pdbx_audit_revision_group.data_content_type 
_pdbx_audit_revision_group.group 
1 2 'Structure model' 'Data collection'        
2 2 'Structure model' 'Refinement description' 
# 
loop_
_pdbx_audit_revision_category.ordinal 
_pdbx_audit_revision_category.revision_ordinal 
_pdbx_audit_revision_category.data_content_type 
_pdbx_audit_revision_category.category 
1 2 'Structure model' chem_comp_atom                
2 2 'Structure model' chem_comp_bond                
3 2 'Structure model' pdbx_initial_refinement_model 
# 
loop_
_software.citation_id 
_software.classification 
_software.compiler_name 
_software.compiler_version 
_software.contact_author 
_software.contact_author_email 
_software.date 
_software.description 
_software.dependencies 
_software.hardware 
_software.language 
_software.location 
_software.mods 
_software.name 
_software.os 
_software.os_version 
_software.type 
_software.version 
_software.pdbx_ordinal 
? refinement        ? ? ? ? ? ? ? ? ? ? ? REFMAC      ? ? ? 5.8.0258 1 
? 'data scaling'    ? ? ? ? ? ? ? ? ? ? ? HKL-2000    ? ? ? .        2 
? 'data extraction' ? ? ? ? ? ? ? ? ? ? ? PDB_EXTRACT ? ? ? 3.25     3 
? 'data reduction'  ? ? ? ? ? ? ? ? ? ? ? HKL-2000    ? ? ? .        4 
? phasing           ? ? ? ? ? ? ? ? ? ? ? MOLREP      ? ? ? .        5 
# 
_pdbx_entry_details.entry_id                 7CRE 
_pdbx_entry_details.nonpolymer_details       ? 
_pdbx_entry_details.sequence_details         ? 
_pdbx_entry_details.compound_details         ? 
_pdbx_entry_details.source_details           ? 
_pdbx_entry_details.has_ligand_of_interest   N 
# 
loop_
_pdbx_validate_torsion.id 
_pdbx_validate_torsion.PDB_model_num 
_pdbx_validate_torsion.auth_comp_id 
_pdbx_validate_torsion.auth_asym_id 
_pdbx_validate_torsion.auth_seq_id 
_pdbx_validate_torsion.PDB_ins_code 
_pdbx_validate_torsion.label_alt_id 
_pdbx_validate_torsion.phi 
_pdbx_validate_torsion.psi 
1 1 ILE A 388 ? ? -126.71 -154.23 
2 1 THR A 436 ? ? -117.39 66.68   
3 1 LEU A 451 ? ? -88.56  30.30   
# 
loop_
_pdbx_distant_solvent_atoms.id 
_pdbx_distant_solvent_atoms.PDB_model_num 
_pdbx_distant_solvent_atoms.auth_atom_id 
_pdbx_distant_solvent_atoms.label_alt_id 
_pdbx_distant_solvent_atoms.auth_asym_id 
_pdbx_distant_solvent_atoms.auth_comp_id 
_pdbx_distant_solvent_atoms.auth_seq_id 
_pdbx_distant_solvent_atoms.PDB_ins_code 
_pdbx_distant_solvent_atoms.neighbor_macromolecule_distance 
_pdbx_distant_solvent_atoms.neighbor_ligand_distance 
1 1 O ? A HOH 605 ? 7.72  . 
2 1 O ? A HOH 606 ? 9.22  . 
3 1 O ? A HOH 607 ? 9.47  . 
4 1 O ? C HOH 103 ? 7.80  . 
5 1 O ? C HOH 104 ? 18.93 . 
# 
loop_
_pdbx_unobs_or_zero_occ_residues.id 
_pdbx_unobs_or_zero_occ_residues.PDB_model_num 
_pdbx_unobs_or_zero_occ_residues.polymer_flag 
_pdbx_unobs_or_zero_occ_residues.occupancy_flag 
_pdbx_unobs_or_zero_occ_residues.auth_asym_id 
_pdbx_unobs_or_zero_occ_residues.auth_comp_id 
_pdbx_unobs_or_zero_occ_residues.auth_seq_id 
_pdbx_unobs_or_zero_occ_residues.PDB_ins_code 
_pdbx_unobs_or_zero_occ_residues.label_asym_id 
_pdbx_unobs_or_zero_occ_residues.label_comp_id 
_pdbx_unobs_or_zero_occ_residues.label_seq_id 
1  1 Y 1 A ASP 382 ? A ASP 1  
2  1 Y 1 A LEU 383 ? A LEU 2  
3  1 Y 1 A GLY 384 ? A GLY 3  
4  1 Y 1 A GLN 457 ? A GLN 76 
5  1 Y 1 C DC  30  ? B DC  1  
6  1 Y 1 C DC  39  ? B DC  10 
7  1 Y 1 C DC  40  ? B DC  11 
8  1 Y 1 C DG  41  ? B DG  12 
9  1 Y 1 C DA  42  ? B DA  13 
10 1 Y 1 C DC  43  ? B DC  14 
11 1 Y 1 C DT  44  ? B DT  15 
12 1 Y 1 C DC  45  ? B DC  16 
# 
loop_
_chem_comp_atom.comp_id 
_chem_comp_atom.atom_id 
_chem_comp_atom.type_symbol 
_chem_comp_atom.pdbx_aromatic_flag 
_chem_comp_atom.pdbx_stereo_config 
_chem_comp_atom.pdbx_ordinal 
ALA N      N  N N 1   
ALA CA     C  N S 2   
ALA C      C  N N 3   
ALA O      O  N N 4   
ALA CB     C  N N 5   
ALA OXT    O  N N 6   
ALA H      H  N N 7   
ALA H2     H  N N 8   
ALA HA     H  N N 9   
ALA HB1    H  N N 10  
ALA HB2    H  N N 11  
ALA HB3    H  N N 12  
ALA HXT    H  N N 13  
ARG N      N  N N 14  
ARG CA     C  N S 15  
ARG C      C  N N 16  
ARG O      O  N N 17  
ARG CB     C  N N 18  
ARG CG     C  N N 19  
ARG CD     C  N N 20  
ARG NE     N  N N 21  
ARG CZ     C  N N 22  
ARG NH1    N  N N 23  
ARG NH2    N  N N 24  
ARG OXT    O  N N 25  
ARG H      H  N N 26  
ARG H2     H  N N 27  
ARG HA     H  N N 28  
ARG HB2    H  N N 29  
ARG HB3    H  N N 30  
ARG HG2    H  N N 31  
ARG HG3    H  N N 32  
ARG HD2    H  N N 33  
ARG HD3    H  N N 34  
ARG HE     H  N N 35  
ARG HH11   H  N N 36  
ARG HH12   H  N N 37  
ARG HH21   H  N N 38  
ARG HH22   H  N N 39  
ARG HXT    H  N N 40  
ASN N      N  N N 41  
ASN CA     C  N S 42  
ASN C      C  N N 43  
ASN O      O  N N 44  
ASN CB     C  N N 45  
ASN CG     C  N N 46  
ASN OD1    O  N N 47  
ASN ND2    N  N N 48  
ASN OXT    O  N N 49  
ASN H      H  N N 50  
ASN H2     H  N N 51  
ASN HA     H  N N 52  
ASN HB2    H  N N 53  
ASN HB3    H  N N 54  
ASN HD21   H  N N 55  
ASN HD22   H  N N 56  
ASN HXT    H  N N 57  
ASP N      N  N N 58  
ASP CA     C  N S 59  
ASP C      C  N N 60  
ASP O      O  N N 61  
ASP CB     C  N N 62  
ASP CG     C  N N 63  
ASP OD1    O  N N 64  
ASP OD2    O  N N 65  
ASP OXT    O  N N 66  
ASP H      H  N N 67  
ASP H2     H  N N 68  
ASP HA     H  N N 69  
ASP HB2    H  N N 70  
ASP HB3    H  N N 71  
ASP HD2    H  N N 72  
ASP HXT    H  N N 73  
DA  OP3    O  N N 74  
DA  P      P  N N 75  
DA  OP1    O  N N 76  
DA  OP2    O  N N 77  
DA  "O5'"  O  N N 78  
DA  "C5'"  C  N N 79  
DA  "C4'"  C  N R 80  
DA  "O4'"  O  N N 81  
DA  "C3'"  C  N S 82  
DA  "O3'"  O  N N 83  
DA  "C2'"  C  N N 84  
DA  "C1'"  C  N R 85  
DA  N9     N  Y N 86  
DA  C8     C  Y N 87  
DA  N7     N  Y N 88  
DA  C5     C  Y N 89  
DA  C6     C  Y N 90  
DA  N6     N  N N 91  
DA  N1     N  Y N 92  
DA  C2     C  Y N 93  
DA  N3     N  Y N 94  
DA  C4     C  Y N 95  
DA  HOP3   H  N N 96  
DA  HOP2   H  N N 97  
DA  "H5'"  H  N N 98  
DA  "H5''" H  N N 99  
DA  "H4'"  H  N N 100 
DA  "H3'"  H  N N 101 
DA  "HO3'" H  N N 102 
DA  "H2'"  H  N N 103 
DA  "H2''" H  N N 104 
DA  "H1'"  H  N N 105 
DA  H8     H  N N 106 
DA  H61    H  N N 107 
DA  H62    H  N N 108 
DA  H2     H  N N 109 
DC  OP3    O  N N 110 
DC  P      P  N N 111 
DC  OP1    O  N N 112 
DC  OP2    O  N N 113 
DC  "O5'"  O  N N 114 
DC  "C5'"  C  N N 115 
DC  "C4'"  C  N R 116 
DC  "O4'"  O  N N 117 
DC  "C3'"  C  N S 118 
DC  "O3'"  O  N N 119 
DC  "C2'"  C  N N 120 
DC  "C1'"  C  N R 121 
DC  N1     N  N N 122 
DC  C2     C  N N 123 
DC  O2     O  N N 124 
DC  N3     N  N N 125 
DC  C4     C  N N 126 
DC  N4     N  N N 127 
DC  C5     C  N N 128 
DC  C6     C  N N 129 
DC  HOP3   H  N N 130 
DC  HOP2   H  N N 131 
DC  "H5'"  H  N N 132 
DC  "H5''" H  N N 133 
DC  "H4'"  H  N N 134 
DC  "H3'"  H  N N 135 
DC  "HO3'" H  N N 136 
DC  "H2'"  H  N N 137 
DC  "H2''" H  N N 138 
DC  "H1'"  H  N N 139 
DC  H41    H  N N 140 
DC  H42    H  N N 141 
DC  H5     H  N N 142 
DC  H6     H  N N 143 
DG  OP3    O  N N 144 
DG  P      P  N N 145 
DG  OP1    O  N N 146 
DG  OP2    O  N N 147 
DG  "O5'"  O  N N 148 
DG  "C5'"  C  N N 149 
DG  "C4'"  C  N R 150 
DG  "O4'"  O  N N 151 
DG  "C3'"  C  N S 152 
DG  "O3'"  O  N N 153 
DG  "C2'"  C  N N 154 
DG  "C1'"  C  N R 155 
DG  N9     N  Y N 156 
DG  C8     C  Y N 157 
DG  N7     N  Y N 158 
DG  C5     C  Y N 159 
DG  C6     C  N N 160 
DG  O6     O  N N 161 
DG  N1     N  N N 162 
DG  C2     C  N N 163 
DG  N2     N  N N 164 
DG  N3     N  N N 165 
DG  C4     C  Y N 166 
DG  HOP3   H  N N 167 
DG  HOP2   H  N N 168 
DG  "H5'"  H  N N 169 
DG  "H5''" H  N N 170 
DG  "H4'"  H  N N 171 
DG  "H3'"  H  N N 172 
DG  "HO3'" H  N N 173 
DG  "H2'"  H  N N 174 
DG  "H2''" H  N N 175 
DG  "H1'"  H  N N 176 
DG  H8     H  N N 177 
DG  H1     H  N N 178 
DG  H21    H  N N 179 
DG  H22    H  N N 180 
DT  OP3    O  N N 181 
DT  P      P  N N 182 
DT  OP1    O  N N 183 
DT  OP2    O  N N 184 
DT  "O5'"  O  N N 185 
DT  "C5'"  C  N N 186 
DT  "C4'"  C  N R 187 
DT  "O4'"  O  N N 188 
DT  "C3'"  C  N S 189 
DT  "O3'"  O  N N 190 
DT  "C2'"  C  N N 191 
DT  "C1'"  C  N R 192 
DT  N1     N  N N 193 
DT  C2     C  N N 194 
DT  O2     O  N N 195 
DT  N3     N  N N 196 
DT  C4     C  N N 197 
DT  O4     O  N N 198 
DT  C5     C  N N 199 
DT  C7     C  N N 200 
DT  C6     C  N N 201 
DT  HOP3   H  N N 202 
DT  HOP2   H  N N 203 
DT  "H5'"  H  N N 204 
DT  "H5''" H  N N 205 
DT  "H4'"  H  N N 206 
DT  "H3'"  H  N N 207 
DT  "HO3'" H  N N 208 
DT  "H2'"  H  N N 209 
DT  "H2''" H  N N 210 
DT  "H1'"  H  N N 211 
DT  H3     H  N N 212 
DT  H71    H  N N 213 
DT  H72    H  N N 214 
DT  H73    H  N N 215 
DT  H6     H  N N 216 
GLN N      N  N N 217 
GLN CA     C  N S 218 
GLN C      C  N N 219 
GLN O      O  N N 220 
GLN CB     C  N N 221 
GLN CG     C  N N 222 
GLN CD     C  N N 223 
GLN OE1    O  N N 224 
GLN NE2    N  N N 225 
GLN OXT    O  N N 226 
GLN H      H  N N 227 
GLN H2     H  N N 228 
GLN HA     H  N N 229 
GLN HB2    H  N N 230 
GLN HB3    H  N N 231 
GLN HG2    H  N N 232 
GLN HG3    H  N N 233 
GLN HE21   H  N N 234 
GLN HE22   H  N N 235 
GLN HXT    H  N N 236 
GLU N      N  N N 237 
GLU CA     C  N S 238 
GLU C      C  N N 239 
GLU O      O  N N 240 
GLU CB     C  N N 241 
GLU CG     C  N N 242 
GLU CD     C  N N 243 
GLU OE1    O  N N 244 
GLU OE2    O  N N 245 
GLU OXT    O  N N 246 
GLU H      H  N N 247 
GLU H2     H  N N 248 
GLU HA     H  N N 249 
GLU HB2    H  N N 250 
GLU HB3    H  N N 251 
GLU HG2    H  N N 252 
GLU HG3    H  N N 253 
GLU HE2    H  N N 254 
GLU HXT    H  N N 255 
GLY N      N  N N 256 
GLY CA     C  N N 257 
GLY C      C  N N 258 
GLY O      O  N N 259 
GLY OXT    O  N N 260 
GLY H      H  N N 261 
GLY H2     H  N N 262 
GLY HA2    H  N N 263 
GLY HA3    H  N N 264 
GLY HXT    H  N N 265 
HIS N      N  N N 266 
HIS CA     C  N S 267 
HIS C      C  N N 268 
HIS O      O  N N 269 
HIS CB     C  N N 270 
HIS CG     C  Y N 271 
HIS ND1    N  Y N 272 
HIS CD2    C  Y N 273 
HIS CE1    C  Y N 274 
HIS NE2    N  Y N 275 
HIS OXT    O  N N 276 
HIS H      H  N N 277 
HIS H2     H  N N 278 
HIS HA     H  N N 279 
HIS HB2    H  N N 280 
HIS HB3    H  N N 281 
HIS HD1    H  N N 282 
HIS HD2    H  N N 283 
HIS HE1    H  N N 284 
HIS HE2    H  N N 285 
HIS HXT    H  N N 286 
HOH O      O  N N 287 
HOH H1     H  N N 288 
HOH H2     H  N N 289 
ILE N      N  N N 290 
ILE CA     C  N S 291 
ILE C      C  N N 292 
ILE O      O  N N 293 
ILE CB     C  N S 294 
ILE CG1    C  N N 295 
ILE CG2    C  N N 296 
ILE CD1    C  N N 297 
ILE OXT    O  N N 298 
ILE H      H  N N 299 
ILE H2     H  N N 300 
ILE HA     H  N N 301 
ILE HB     H  N N 302 
ILE HG12   H  N N 303 
ILE HG13   H  N N 304 
ILE HG21   H  N N 305 
ILE HG22   H  N N 306 
ILE HG23   H  N N 307 
ILE HD11   H  N N 308 
ILE HD12   H  N N 309 
ILE HD13   H  N N 310 
ILE HXT    H  N N 311 
LEU N      N  N N 312 
LEU CA     C  N S 313 
LEU C      C  N N 314 
LEU O      O  N N 315 
LEU CB     C  N N 316 
LEU CG     C  N N 317 
LEU CD1    C  N N 318 
LEU CD2    C  N N 319 
LEU OXT    O  N N 320 
LEU H      H  N N 321 
LEU H2     H  N N 322 
LEU HA     H  N N 323 
LEU HB2    H  N N 324 
LEU HB3    H  N N 325 
LEU HG     H  N N 326 
LEU HD11   H  N N 327 
LEU HD12   H  N N 328 
LEU HD13   H  N N 329 
LEU HD21   H  N N 330 
LEU HD22   H  N N 331 
LEU HD23   H  N N 332 
LEU HXT    H  N N 333 
LYS N      N  N N 334 
LYS CA     C  N S 335 
LYS C      C  N N 336 
LYS O      O  N N 337 
LYS CB     C  N N 338 
LYS CG     C  N N 339 
LYS CD     C  N N 340 
LYS CE     C  N N 341 
LYS NZ     N  N N 342 
LYS OXT    O  N N 343 
LYS H      H  N N 344 
LYS H2     H  N N 345 
LYS HA     H  N N 346 
LYS HB2    H  N N 347 
LYS HB3    H  N N 348 
LYS HG2    H  N N 349 
LYS HG3    H  N N 350 
LYS HD2    H  N N 351 
LYS HD3    H  N N 352 
LYS HE2    H  N N 353 
LYS HE3    H  N N 354 
LYS HZ1    H  N N 355 
LYS HZ2    H  N N 356 
LYS HZ3    H  N N 357 
LYS HXT    H  N N 358 
NA  NA     NA N N 359 
PRO N      N  N N 360 
PRO CA     C  N S 361 
PRO C      C  N N 362 
PRO O      O  N N 363 
PRO CB     C  N N 364 
PRO CG     C  N N 365 
PRO CD     C  N N 366 
PRO OXT    O  N N 367 
PRO H      H  N N 368 
PRO HA     H  N N 369 
PRO HB2    H  N N 370 
PRO HB3    H  N N 371 
PRO HG2    H  N N 372 
PRO HG3    H  N N 373 
PRO HD2    H  N N 374 
PRO HD3    H  N N 375 
PRO HXT    H  N N 376 
SER N      N  N N 377 
SER CA     C  N S 378 
SER C      C  N N 379 
SER O      O  N N 380 
SER CB     C  N N 381 
SER OG     O  N N 382 
SER OXT    O  N N 383 
SER H      H  N N 384 
SER H2     H  N N 385 
SER HA     H  N N 386 
SER HB2    H  N N 387 
SER HB3    H  N N 388 
SER HG     H  N N 389 
SER HXT    H  N N 390 
THR N      N  N N 391 
THR CA     C  N S 392 
THR C      C  N N 393 
THR O      O  N N 394 
THR CB     C  N R 395 
THR OG1    O  N N 396 
THR CG2    C  N N 397 
THR OXT    O  N N 398 
THR H      H  N N 399 
THR H2     H  N N 400 
THR HA     H  N N 401 
THR HB     H  N N 402 
THR HG1    H  N N 403 
THR HG21   H  N N 404 
THR HG22   H  N N 405 
THR HG23   H  N N 406 
THR HXT    H  N N 407 
TYR N      N  N N 408 
TYR CA     C  N S 409 
TYR C      C  N N 410 
TYR O      O  N N 411 
TYR CB     C  N N 412 
TYR CG     C  Y N 413 
TYR CD1    C  Y N 414 
TYR CD2    C  Y N 415 
TYR CE1    C  Y N 416 
TYR CE2    C  Y N 417 
TYR CZ     C  Y N 418 
TYR OH     O  N N 419 
TYR OXT    O  N N 420 
TYR H      H  N N 421 
TYR H2     H  N N 422 
TYR HA     H  N N 423 
TYR HB2    H  N N 424 
TYR HB3    H  N N 425 
TYR HD1    H  N N 426 
TYR HD2    H  N N 427 
TYR HE1    H  N N 428 
TYR HE2    H  N N 429 
TYR HH     H  N N 430 
TYR HXT    H  N N 431 
VAL N      N  N N 432 
VAL CA     C  N S 433 
VAL C      C  N N 434 
VAL O      O  N N 435 
VAL CB     C  N N 436 
VAL CG1    C  N N 437 
VAL CG2    C  N N 438 
VAL OXT    O  N N 439 
VAL H      H  N N 440 
VAL H2     H  N N 441 
VAL HA     H  N N 442 
VAL HB     H  N N 443 
VAL HG11   H  N N 444 
VAL HG12   H  N N 445 
VAL HG13   H  N N 446 
VAL HG21   H  N N 447 
VAL HG22   H  N N 448 
VAL HG23   H  N N 449 
VAL HXT    H  N N 450 
# 
loop_
_chem_comp_bond.comp_id 
_chem_comp_bond.atom_id_1 
_chem_comp_bond.atom_id_2 
_chem_comp_bond.value_order 
_chem_comp_bond.pdbx_aromatic_flag 
_chem_comp_bond.pdbx_stereo_config 
_chem_comp_bond.pdbx_ordinal 
ALA N     CA     sing N N 1   
ALA N     H      sing N N 2   
ALA N     H2     sing N N 3   
ALA CA    C      sing N N 4   
ALA CA    CB     sing N N 5   
ALA CA    HA     sing N N 6   
ALA C     O      doub N N 7   
ALA C     OXT    sing N N 8   
ALA CB    HB1    sing N N 9   
ALA CB    HB2    sing N N 10  
ALA CB    HB3    sing N N 11  
ALA OXT   HXT    sing N N 12  
ARG N     CA     sing N N 13  
ARG N     H      sing N N 14  
ARG N     H2     sing N N 15  
ARG CA    C      sing N N 16  
ARG CA    CB     sing N N 17  
ARG CA    HA     sing N N 18  
ARG C     O      doub N N 19  
ARG C     OXT    sing N N 20  
ARG CB    CG     sing N N 21  
ARG CB    HB2    sing N N 22  
ARG CB    HB3    sing N N 23  
ARG CG    CD     sing N N 24  
ARG CG    HG2    sing N N 25  
ARG CG    HG3    sing N N 26  
ARG CD    NE     sing N N 27  
ARG CD    HD2    sing N N 28  
ARG CD    HD3    sing N N 29  
ARG NE    CZ     sing N N 30  
ARG NE    HE     sing N N 31  
ARG CZ    NH1    sing N N 32  
ARG CZ    NH2    doub N N 33  
ARG NH1   HH11   sing N N 34  
ARG NH1   HH12   sing N N 35  
ARG NH2   HH21   sing N N 36  
ARG NH2   HH22   sing N N 37  
ARG OXT   HXT    sing N N 38  
ASN N     CA     sing N N 39  
ASN N     H      sing N N 40  
ASN N     H2     sing N N 41  
ASN CA    C      sing N N 42  
ASN CA    CB     sing N N 43  
ASN CA    HA     sing N N 44  
ASN C     O      doub N N 45  
ASN C     OXT    sing N N 46  
ASN CB    CG     sing N N 47  
ASN CB    HB2    sing N N 48  
ASN CB    HB3    sing N N 49  
ASN CG    OD1    doub N N 50  
ASN CG    ND2    sing N N 51  
ASN ND2   HD21   sing N N 52  
ASN ND2   HD22   sing N N 53  
ASN OXT   HXT    sing N N 54  
ASP N     CA     sing N N 55  
ASP N     H      sing N N 56  
ASP N     H2     sing N N 57  
ASP CA    C      sing N N 58  
ASP CA    CB     sing N N 59  
ASP CA    HA     sing N N 60  
ASP C     O      doub N N 61  
ASP C     OXT    sing N N 62  
ASP CB    CG     sing N N 63  
ASP CB    HB2    sing N N 64  
ASP CB    HB3    sing N N 65  
ASP CG    OD1    doub N N 66  
ASP CG    OD2    sing N N 67  
ASP OD2   HD2    sing N N 68  
ASP OXT   HXT    sing N N 69  
DA  OP3   P      sing N N 70  
DA  OP3   HOP3   sing N N 71  
DA  P     OP1    doub N N 72  
DA  P     OP2    sing N N 73  
DA  P     "O5'"  sing N N 74  
DA  OP2   HOP2   sing N N 75  
DA  "O5'" "C5'"  sing N N 76  
DA  "C5'" "C4'"  sing N N 77  
DA  "C5'" "H5'"  sing N N 78  
DA  "C5'" "H5''" sing N N 79  
DA  "C4'" "O4'"  sing N N 80  
DA  "C4'" "C3'"  sing N N 81  
DA  "C4'" "H4'"  sing N N 82  
DA  "O4'" "C1'"  sing N N 83  
DA  "C3'" "O3'"  sing N N 84  
DA  "C3'" "C2'"  sing N N 85  
DA  "C3'" "H3'"  sing N N 86  
DA  "O3'" "HO3'" sing N N 87  
DA  "C2'" "C1'"  sing N N 88  
DA  "C2'" "H2'"  sing N N 89  
DA  "C2'" "H2''" sing N N 90  
DA  "C1'" N9     sing N N 91  
DA  "C1'" "H1'"  sing N N 92  
DA  N9    C8     sing Y N 93  
DA  N9    C4     sing Y N 94  
DA  C8    N7     doub Y N 95  
DA  C8    H8     sing N N 96  
DA  N7    C5     sing Y N 97  
DA  C5    C6     sing Y N 98  
DA  C5    C4     doub Y N 99  
DA  C6    N6     sing N N 100 
DA  C6    N1     doub Y N 101 
DA  N6    H61    sing N N 102 
DA  N6    H62    sing N N 103 
DA  N1    C2     sing Y N 104 
DA  C2    N3     doub Y N 105 
DA  C2    H2     sing N N 106 
DA  N3    C4     sing Y N 107 
DC  OP3   P      sing N N 108 
DC  OP3   HOP3   sing N N 109 
DC  P     OP1    doub N N 110 
DC  P     OP2    sing N N 111 
DC  P     "O5'"  sing N N 112 
DC  OP2   HOP2   sing N N 113 
DC  "O5'" "C5'"  sing N N 114 
DC  "C5'" "C4'"  sing N N 115 
DC  "C5'" "H5'"  sing N N 116 
DC  "C5'" "H5''" sing N N 117 
DC  "C4'" "O4'"  sing N N 118 
DC  "C4'" "C3'"  sing N N 119 
DC  "C4'" "H4'"  sing N N 120 
DC  "O4'" "C1'"  sing N N 121 
DC  "C3'" "O3'"  sing N N 122 
DC  "C3'" "C2'"  sing N N 123 
DC  "C3'" "H3'"  sing N N 124 
DC  "O3'" "HO3'" sing N N 125 
DC  "C2'" "C1'"  sing N N 126 
DC  "C2'" "H2'"  sing N N 127 
DC  "C2'" "H2''" sing N N 128 
DC  "C1'" N1     sing N N 129 
DC  "C1'" "H1'"  sing N N 130 
DC  N1    C2     sing N N 131 
DC  N1    C6     sing N N 132 
DC  C2    O2     doub N N 133 
DC  C2    N3     sing N N 134 
DC  N3    C4     doub N N 135 
DC  C4    N4     sing N N 136 
DC  C4    C5     sing N N 137 
DC  N4    H41    sing N N 138 
DC  N4    H42    sing N N 139 
DC  C5    C6     doub N N 140 
DC  C5    H5     sing N N 141 
DC  C6    H6     sing N N 142 
DG  OP3   P      sing N N 143 
DG  OP3   HOP3   sing N N 144 
DG  P     OP1    doub N N 145 
DG  P     OP2    sing N N 146 
DG  P     "O5'"  sing N N 147 
DG  OP2   HOP2   sing N N 148 
DG  "O5'" "C5'"  sing N N 149 
DG  "C5'" "C4'"  sing N N 150 
DG  "C5'" "H5'"  sing N N 151 
DG  "C5'" "H5''" sing N N 152 
DG  "C4'" "O4'"  sing N N 153 
DG  "C4'" "C3'"  sing N N 154 
DG  "C4'" "H4'"  sing N N 155 
DG  "O4'" "C1'"  sing N N 156 
DG  "C3'" "O3'"  sing N N 157 
DG  "C3'" "C2'"  sing N N 158 
DG  "C3'" "H3'"  sing N N 159 
DG  "O3'" "HO3'" sing N N 160 
DG  "C2'" "C1'"  sing N N 161 
DG  "C2'" "H2'"  sing N N 162 
DG  "C2'" "H2''" sing N N 163 
DG  "C1'" N9     sing N N 164 
DG  "C1'" "H1'"  sing N N 165 
DG  N9    C8     sing Y N 166 
DG  N9    C4     sing Y N 167 
DG  C8    N7     doub Y N 168 
DG  C8    H8     sing N N 169 
DG  N7    C5     sing Y N 170 
DG  C5    C6     sing N N 171 
DG  C5    C4     doub Y N 172 
DG  C6    O6     doub N N 173 
DG  C6    N1     sing N N 174 
DG  N1    C2     sing N N 175 
DG  N1    H1     sing N N 176 
DG  C2    N2     sing N N 177 
DG  C2    N3     doub N N 178 
DG  N2    H21    sing N N 179 
DG  N2    H22    sing N N 180 
DG  N3    C4     sing N N 181 
DT  OP3   P      sing N N 182 
DT  OP3   HOP3   sing N N 183 
DT  P     OP1    doub N N 184 
DT  P     OP2    sing N N 185 
DT  P     "O5'"  sing N N 186 
DT  OP2   HOP2   sing N N 187 
DT  "O5'" "C5'"  sing N N 188 
DT  "C5'" "C4'"  sing N N 189 
DT  "C5'" "H5'"  sing N N 190 
DT  "C5'" "H5''" sing N N 191 
DT  "C4'" "O4'"  sing N N 192 
DT  "C4'" "C3'"  sing N N 193 
DT  "C4'" "H4'"  sing N N 194 
DT  "O4'" "C1'"  sing N N 195 
DT  "C3'" "O3'"  sing N N 196 
DT  "C3'" "C2'"  sing N N 197 
DT  "C3'" "H3'"  sing N N 198 
DT  "O3'" "HO3'" sing N N 199 
DT  "C2'" "C1'"  sing N N 200 
DT  "C2'" "H2'"  sing N N 201 
DT  "C2'" "H2''" sing N N 202 
DT  "C1'" N1     sing N N 203 
DT  "C1'" "H1'"  sing N N 204 
DT  N1    C2     sing N N 205 
DT  N1    C6     sing N N 206 
DT  C2    O2     doub N N 207 
DT  C2    N3     sing N N 208 
DT  N3    C4     sing N N 209 
DT  N3    H3     sing N N 210 
DT  C4    O4     doub N N 211 
DT  C4    C5     sing N N 212 
DT  C5    C7     sing N N 213 
DT  C5    C6     doub N N 214 
DT  C7    H71    sing N N 215 
DT  C7    H72    sing N N 216 
DT  C7    H73    sing N N 217 
DT  C6    H6     sing N N 218 
GLN N     CA     sing N N 219 
GLN N     H      sing N N 220 
GLN N     H2     sing N N 221 
GLN CA    C      sing N N 222 
GLN CA    CB     sing N N 223 
GLN CA    HA     sing N N 224 
GLN C     O      doub N N 225 
GLN C     OXT    sing N N 226 
GLN CB    CG     sing N N 227 
GLN CB    HB2    sing N N 228 
GLN CB    HB3    sing N N 229 
GLN CG    CD     sing N N 230 
GLN CG    HG2    sing N N 231 
GLN CG    HG3    sing N N 232 
GLN CD    OE1    doub N N 233 
GLN CD    NE2    sing N N 234 
GLN NE2   HE21   sing N N 235 
GLN NE2   HE22   sing N N 236 
GLN OXT   HXT    sing N N 237 
GLU N     CA     sing N N 238 
GLU N     H      sing N N 239 
GLU N     H2     sing N N 240 
GLU CA    C      sing N N 241 
GLU CA    CB     sing N N 242 
GLU CA    HA     sing N N 243 
GLU C     O      doub N N 244 
GLU C     OXT    sing N N 245 
GLU CB    CG     sing N N 246 
GLU CB    HB2    sing N N 247 
GLU CB    HB3    sing N N 248 
GLU CG    CD     sing N N 249 
GLU CG    HG2    sing N N 250 
GLU CG    HG3    sing N N 251 
GLU CD    OE1    doub N N 252 
GLU CD    OE2    sing N N 253 
GLU OE2   HE2    sing N N 254 
GLU OXT   HXT    sing N N 255 
GLY N     CA     sing N N 256 
GLY N     H      sing N N 257 
GLY N     H2     sing N N 258 
GLY CA    C      sing N N 259 
GLY CA    HA2    sing N N 260 
GLY CA    HA3    sing N N 261 
GLY C     O      doub N N 262 
GLY C     OXT    sing N N 263 
GLY OXT   HXT    sing N N 264 
HIS N     CA     sing N N 265 
HIS N     H      sing N N 266 
HIS N     H2     sing N N 267 
HIS CA    C      sing N N 268 
HIS CA    CB     sing N N 269 
HIS CA    HA     sing N N 270 
HIS C     O      doub N N 271 
HIS C     OXT    sing N N 272 
HIS CB    CG     sing N N 273 
HIS CB    HB2    sing N N 274 
HIS CB    HB3    sing N N 275 
HIS CG    ND1    sing Y N 276 
HIS CG    CD2    doub Y N 277 
HIS ND1   CE1    doub Y N 278 
HIS ND1   HD1    sing N N 279 
HIS CD2   NE2    sing Y N 280 
HIS CD2   HD2    sing N N 281 
HIS CE1   NE2    sing Y N 282 
HIS CE1   HE1    sing N N 283 
HIS NE2   HE2    sing N N 284 
HIS OXT   HXT    sing N N 285 
HOH O     H1     sing N N 286 
HOH O     H2     sing N N 287 
ILE N     CA     sing N N 288 
ILE N     H      sing N N 289 
ILE N     H2     sing N N 290 
ILE CA    C      sing N N 291 
ILE CA    CB     sing N N 292 
ILE CA    HA     sing N N 293 
ILE C     O      doub N N 294 
ILE C     OXT    sing N N 295 
ILE CB    CG1    sing N N 296 
ILE CB    CG2    sing N N 297 
ILE CB    HB     sing N N 298 
ILE CG1   CD1    sing N N 299 
ILE CG1   HG12   sing N N 300 
ILE CG1   HG13   sing N N 301 
ILE CG2   HG21   sing N N 302 
ILE CG2   HG22   sing N N 303 
ILE CG2   HG23   sing N N 304 
ILE CD1   HD11   sing N N 305 
ILE CD1   HD12   sing N N 306 
ILE CD1   HD13   sing N N 307 
ILE OXT   HXT    sing N N 308 
LEU N     CA     sing N N 309 
LEU N     H      sing N N 310 
LEU N     H2     sing N N 311 
LEU CA    C      sing N N 312 
LEU CA    CB     sing N N 313 
LEU CA    HA     sing N N 314 
LEU C     O      doub N N 315 
LEU C     OXT    sing N N 316 
LEU CB    CG     sing N N 317 
LEU CB    HB2    sing N N 318 
LEU CB    HB3    sing N N 319 
LEU CG    CD1    sing N N 320 
LEU CG    CD2    sing N N 321 
LEU CG    HG     sing N N 322 
LEU CD1   HD11   sing N N 323 
LEU CD1   HD12   sing N N 324 
LEU CD1   HD13   sing N N 325 
LEU CD2   HD21   sing N N 326 
LEU CD2   HD22   sing N N 327 
LEU CD2   HD23   sing N N 328 
LEU OXT   HXT    sing N N 329 
LYS N     CA     sing N N 330 
LYS N     H      sing N N 331 
LYS N     H2     sing N N 332 
LYS CA    C      sing N N 333 
LYS CA    CB     sing N N 334 
LYS CA    HA     sing N N 335 
LYS C     O      doub N N 336 
LYS C     OXT    sing N N 337 
LYS CB    CG     sing N N 338 
LYS CB    HB2    sing N N 339 
LYS CB    HB3    sing N N 340 
LYS CG    CD     sing N N 341 
LYS CG    HG2    sing N N 342 
LYS CG    HG3    sing N N 343 
LYS CD    CE     sing N N 344 
LYS CD    HD2    sing N N 345 
LYS CD    HD3    sing N N 346 
LYS CE    NZ     sing N N 347 
LYS CE    HE2    sing N N 348 
LYS CE    HE3    sing N N 349 
LYS NZ    HZ1    sing N N 350 
LYS NZ    HZ2    sing N N 351 
LYS NZ    HZ3    sing N N 352 
LYS OXT   HXT    sing N N 353 
PRO N     CA     sing N N 354 
PRO N     CD     sing N N 355 
PRO N     H      sing N N 356 
PRO CA    C      sing N N 357 
PRO CA    CB     sing N N 358 
PRO CA    HA     sing N N 359 
PRO C     O      doub N N 360 
PRO C     OXT    sing N N 361 
PRO CB    CG     sing N N 362 
PRO CB    HB2    sing N N 363 
PRO CB    HB3    sing N N 364 
PRO CG    CD     sing N N 365 
PRO CG    HG2    sing N N 366 
PRO CG    HG3    sing N N 367 
PRO CD    HD2    sing N N 368 
PRO CD    HD3    sing N N 369 
PRO OXT   HXT    sing N N 370 
SER N     CA     sing N N 371 
SER N     H      sing N N 372 
SER N     H2     sing N N 373 
SER CA    C      sing N N 374 
SER CA    CB     sing N N 375 
SER CA    HA     sing N N 376 
SER C     O      doub N N 377 
SER C     OXT    sing N N 378 
SER CB    OG     sing N N 379 
SER CB    HB2    sing N N 380 
SER CB    HB3    sing N N 381 
SER OG    HG     sing N N 382 
SER OXT   HXT    sing N N 383 
THR N     CA     sing N N 384 
THR N     H      sing N N 385 
THR N     H2     sing N N 386 
THR CA    C      sing N N 387 
THR CA    CB     sing N N 388 
THR CA    HA     sing N N 389 
THR C     O      doub N N 390 
THR C     OXT    sing N N 391 
THR CB    OG1    sing N N 392 
THR CB    CG2    sing N N 393 
THR CB    HB     sing N N 394 
THR OG1   HG1    sing N N 395 
THR CG2   HG21   sing N N 396 
THR CG2   HG22   sing N N 397 
THR CG2   HG23   sing N N 398 
THR OXT   HXT    sing N N 399 
TYR N     CA     sing N N 400 
TYR N     H      sing N N 401 
TYR N     H2     sing N N 402 
TYR CA    C      sing N N 403 
TYR CA    CB     sing N N 404 
TYR CA    HA     sing N N 405 
TYR C     O      doub N N 406 
TYR C     OXT    sing N N 407 
TYR CB    CG     sing N N 408 
TYR CB    HB2    sing N N 409 
TYR CB    HB3    sing N N 410 
TYR CG    CD1    doub Y N 411 
TYR CG    CD2    sing Y N 412 
TYR CD1   CE1    sing Y N 413 
TYR CD1   HD1    sing N N 414 
TYR CD2   CE2    doub Y N 415 
TYR CD2   HD2    sing N N 416 
TYR CE1   CZ     doub Y N 417 
TYR CE1   HE1    sing N N 418 
TYR CE2   CZ     sing Y N 419 
TYR CE2   HE2    sing N N 420 
TYR CZ    OH     sing N N 421 
TYR OH    HH     sing N N 422 
TYR OXT   HXT    sing N N 423 
VAL N     CA     sing N N 424 
VAL N     H      sing N N 425 
VAL N     H2     sing N N 426 
VAL CA    C      sing N N 427 
VAL CA    CB     sing N N 428 
VAL CA    HA     sing N N 429 
VAL C     O      doub N N 430 
VAL C     OXT    sing N N 431 
VAL CB    CG1    sing N N 432 
VAL CB    CG2    sing N N 433 
VAL CB    HB     sing N N 434 
VAL CG1   HG11   sing N N 435 
VAL CG1   HG12   sing N N 436 
VAL CG1   HG13   sing N N 437 
VAL CG2   HG21   sing N N 438 
VAL CG2   HG22   sing N N 439 
VAL CG2   HG23   sing N N 440 
VAL OXT   HXT    sing N N 441 
# 
_ndb_struct_conf_na.entry_id   7CRE 
_ndb_struct_conf_na.feature    'b-form double helix' 
# 
loop_
_ndb_struct_na_base_pair.model_number 
_ndb_struct_na_base_pair.i_label_asym_id 
_ndb_struct_na_base_pair.i_label_comp_id 
_ndb_struct_na_base_pair.i_label_seq_id 
_ndb_struct_na_base_pair.i_symmetry 
_ndb_struct_na_base_pair.j_label_asym_id 
_ndb_struct_na_base_pair.j_label_comp_id 
_ndb_struct_na_base_pair.j_label_seq_id 
_ndb_struct_na_base_pair.j_symmetry 
_ndb_struct_na_base_pair.shear 
_ndb_struct_na_base_pair.stretch 
_ndb_struct_na_base_pair.stagger 
_ndb_struct_na_base_pair.buckle 
_ndb_struct_na_base_pair.propeller 
_ndb_struct_na_base_pair.opening 
_ndb_struct_na_base_pair.pair_number 
_ndb_struct_na_base_pair.pair_name 
_ndb_struct_na_base_pair.i_auth_asym_id 
_ndb_struct_na_base_pair.i_auth_seq_id 
_ndb_struct_na_base_pair.i_PDB_ins_code 
_ndb_struct_na_base_pair.j_auth_asym_id 
_ndb_struct_na_base_pair.j_auth_seq_id 
_ndb_struct_na_base_pair.j_PDB_ins_code 
_ndb_struct_na_base_pair.hbond_type_28 
_ndb_struct_na_base_pair.hbond_type_12 
1 B DT 2 1_555 B DC 6 11_455 -1.129 -2.084 0.365  -16.490 -18.998 -4.086 1 C_DT31:DC35_C C 31 ? C 35 ? 18 1 
1 B DC 3 1_555 B DG 5 11_455 0.862  -0.314 -0.252 6.326   -10.730 6.659  2 C_DC32:DG34_C C 32 ? C 34 ? 19 1 
1 B DA 4 1_555 B DA 4 11_455 0.000  0.968  1.509  0.000   -14.297 20.552 3 C_DA33:DA33_C C 33 ? C 33 ? 1  1 
1 B DG 5 1_555 B DC 3 11_455 -0.862 -0.314 -0.252 -6.326  -10.730 6.659  4 C_DG34:DC32_C C 34 ? C 32 ? 19 1 
1 B DC 6 1_555 B DT 2 11_455 1.129  -2.084 0.365  16.490  -18.998 -4.086 5 C_DC35:DT31_C C 35 ? C 31 ? 18 1 
# 
loop_
_ndb_struct_na_base_pair_step.model_number 
_ndb_struct_na_base_pair_step.i_label_asym_id_1 
_ndb_struct_na_base_pair_step.i_label_comp_id_1 
_ndb_struct_na_base_pair_step.i_label_seq_id_1 
_ndb_struct_na_base_pair_step.i_symmetry_1 
_ndb_struct_na_base_pair_step.j_label_asym_id_1 
_ndb_struct_na_base_pair_step.j_label_comp_id_1 
_ndb_struct_na_base_pair_step.j_label_seq_id_1 
_ndb_struct_na_base_pair_step.j_symmetry_1 
_ndb_struct_na_base_pair_step.i_label_asym_id_2 
_ndb_struct_na_base_pair_step.i_label_comp_id_2 
_ndb_struct_na_base_pair_step.i_label_seq_id_2 
_ndb_struct_na_base_pair_step.i_symmetry_2 
_ndb_struct_na_base_pair_step.j_label_asym_id_2 
_ndb_struct_na_base_pair_step.j_label_comp_id_2 
_ndb_struct_na_base_pair_step.j_label_seq_id_2 
_ndb_struct_na_base_pair_step.j_symmetry_2 
_ndb_struct_na_base_pair_step.shift 
_ndb_struct_na_base_pair_step.slide 
_ndb_struct_na_base_pair_step.rise 
_ndb_struct_na_base_pair_step.tilt 
_ndb_struct_na_base_pair_step.roll 
_ndb_struct_na_base_pair_step.twist 
_ndb_struct_na_base_pair_step.x_displacement 
_ndb_struct_na_base_pair_step.y_displacement 
_ndb_struct_na_base_pair_step.helical_rise 
_ndb_struct_na_base_pair_step.inclination 
_ndb_struct_na_base_pair_step.tip 
_ndb_struct_na_base_pair_step.helical_twist 
_ndb_struct_na_base_pair_step.step_number 
_ndb_struct_na_base_pair_step.step_name 
_ndb_struct_na_base_pair_step.i_auth_asym_id_1 
_ndb_struct_na_base_pair_step.i_auth_seq_id_1 
_ndb_struct_na_base_pair_step.i_PDB_ins_code_1 
_ndb_struct_na_base_pair_step.j_auth_asym_id_1 
_ndb_struct_na_base_pair_step.j_auth_seq_id_1 
_ndb_struct_na_base_pair_step.j_PDB_ins_code_1 
_ndb_struct_na_base_pair_step.i_auth_asym_id_2 
_ndb_struct_na_base_pair_step.i_auth_seq_id_2 
_ndb_struct_na_base_pair_step.i_PDB_ins_code_2 
_ndb_struct_na_base_pair_step.j_auth_asym_id_2 
_ndb_struct_na_base_pair_step.j_auth_seq_id_2 
_ndb_struct_na_base_pair_step.j_PDB_ins_code_2 
1 B DT 2 1_555 B DC 6 11_455 B DC 3 1_555 B DG 5 11_455 0.447  0.887 2.677 7.158   -1.951 51.195 1.125 -0.114 2.679 -2.244 -8.234  
51.694 1 CC_DT31DC32:DG34DC35_CC C 31 ? C 35 ? C 32 ? C 34 ? 
1 B DC 3 1_555 B DG 5 11_455 B DA 4 1_555 B DA 4 11_455 0.031  0.662 3.593 -15.075 0.560  35.321 0.932 -2.132 3.320 0.875  23.562  
38.313 2 CC_DC32DA33:DA33DG34_CC C 32 ? C 34 ? C 33 ? C 33 ? 
1 B DA 4 1_555 B DA 4 11_455 B DG 5 1_555 B DC 3 11_455 -0.031 0.662 3.593 15.075  0.560  35.321 0.932 2.132  3.320 0.875  -23.562 
38.313 3 CC_DA33DG34:DC32DA33_CC C 33 ? C 33 ? C 34 ? C 32 ? 
1 B DG 5 1_555 B DC 3 11_455 B DC 6 1_555 B DT 2 11_455 -0.447 0.887 2.677 -7.158  -1.951 51.195 1.125 0.114  2.679 -2.244 8.234   
51.694 4 CC_DG34DC35:DT31DC32_CC C 34 ? C 32 ? C 35 ? C 31 ? 
# 
loop_
_pdbx_entity_nonpoly.entity_id 
_pdbx_entity_nonpoly.name 
_pdbx_entity_nonpoly.comp_id 
3 'SODIUM ION' NA  
4 water        HOH 
# 
_pdbx_initial_refinement_model.id               1 
_pdbx_initial_refinement_model.entity_id_list   ? 
_pdbx_initial_refinement_model.type             'experimental model' 
_pdbx_initial_refinement_model.source_name      PDB 
_pdbx_initial_refinement_model.accession_code   1ZZI 
_pdbx_initial_refinement_model.details          ? 
# 
loop_
_pdbx_struct_assembly_auth_evidence.id 
_pdbx_struct_assembly_auth_evidence.assembly_id 
_pdbx_struct_assembly_auth_evidence.experimental_support 
_pdbx_struct_assembly_auth_evidence.details 
1 1 'isothermal titration calorimetry' ? 
2 1 'gel filtration'                   ? 
3 1 'native gel electrophoresis'       ? 
# 
